data_9CK8
#
_entry.id   9CK8
#
_cell.length_a   1.00
_cell.length_b   1.00
_cell.length_c   1.00
_cell.angle_alpha   90.00
_cell.angle_beta   90.00
_cell.angle_gamma   90.00
#
_symmetry.space_group_name_H-M   'P 1'
#
loop_
_entity.id
_entity.type
_entity.pdbx_description
1 polymer 'Rabbit polyclonal Fv heavy chain'
2 polymer 'Rabbit polyclonal Fv light chain'
3 polymer 'Glycoprotein GP1'
4 polymer 'Glycoprotein G2'
5 branched 2-acetamido-2-deoxy-beta-D-glucopyranose-(1-4)-2-acetamido-2-deoxy-beta-D-glucopyranose
6 branched 2-acetamido-2-deoxy-beta-D-glucopyranose-(1-4)-[alpha-L-fucopyranose-(1-6)]2-acetamido-2-deoxy-beta-D-glucopyranose
7 branched alpha-D-mannopyranose-(1-2)-alpha-D-mannopyranose-(1-3)-[alpha-D-mannopyranose-(1-6)]beta-D-mannopyranose-(1-4)-2-acetamido-2-deoxy-beta-D-glucopyranose-(1-4)-2-acetamido-2-deoxy-beta-D-glucopyranose
8 branched alpha-D-mannopyranose-(1-3)-[alpha-D-mannopyranose-(1-6)]beta-D-mannopyranose-(1-4)-2-acetamido-2-deoxy-beta-D-glucopyranose-(1-4)-2-acetamido-2-deoxy-beta-D-glucopyranose
9 non-polymer 2-acetamido-2-deoxy-beta-D-glucopyranose
#
loop_
_entity_poly.entity_id
_entity_poly.type
_entity_poly.pdbx_seq_one_letter_code
_entity_poly.pdbx_strand_id
1 'polypeptide(L)'
;(UNK)(UNK)(UNK)(UNK)(UNK)(UNK)(UNK)(UNK)(UNK)(UNK)(UNK)(UNK)(UNK)(UNK)(UNK)(UNK)
(UNK)(UNK)(UNK)(UNK)(UNK)(UNK)(UNK)(UNK)(UNK)(UNK)(UNK)(UNK)(UNK)(UNK)(UNK)(UNK)
(UNK)(UNK)(UNK)(UNK)(UNK)(UNK)(UNK)(UNK)(UNK)(UNK)(UNK)(UNK)(UNK)(UNK)(UNK)(UNK)
(UNK)(UNK)(UNK)(UNK)(UNK)(UNK)(UNK)(UNK)(UNK)(UNK)(UNK)(UNK)(UNK)(UNK)(UNK)(UNK)
(UNK)(UNK)(UNK)(UNK)(UNK)(UNK)(UNK)(UNK)(UNK)(UNK)(UNK)(UNK)(UNK)(UNK)(UNK)(UNK)
(UNK)(UNK)(UNK)(UNK)(UNK)(UNK)(UNK)(UNK)(UNK)(UNK)(UNK)(UNK)(UNK)(UNK)(UNK)(UNK)
(UNK)(UNK)(UNK)(UNK)(UNK)(UNK)(UNK)(UNK)(UNK)(UNK)(UNK)(UNK)(UNK)(UNK)(UNK)(UNK)
(UNK)(UNK)(UNK)(UNK)(UNK)(UNK)
;
H
2 'polypeptide(L)'
;(UNK)(UNK)(UNK)(UNK)(UNK)(UNK)(UNK)(UNK)(UNK)(UNK)(UNK)(UNK)(UNK)(UNK)(UNK)(UNK)
(UNK)(UNK)(UNK)(UNK)(UNK)(UNK)(UNK)(UNK)(UNK)(UNK)(UNK)(UNK)(UNK)(UNK)(UNK)(UNK)
(UNK)(UNK)(UNK)(UNK)(UNK)(UNK)(UNK)(UNK)(UNK)(UNK)(UNK)(UNK)(UNK)(UNK)(UNK)(UNK)
(UNK)(UNK)(UNK)(UNK)(UNK)(UNK)(UNK)(UNK)(UNK)(UNK)(UNK)(UNK)(UNK)(UNK)(UNK)(UNK)
(UNK)(UNK)(UNK)(UNK)(UNK)(UNK)(UNK)(UNK)(UNK)(UNK)(UNK)(UNK)(UNK)(UNK)(UNK)(UNK)
(UNK)(UNK)(UNK)(UNK)(UNK)(UNK)(UNK)(UNK)(UNK)(UNK)(UNK)(UNK)(UNK)(UNK)(UNK)(UNK)
(UNK)(UNK)(UNK)(UNK)(UNK)(UNK)(UNK)(UNK)(UNK)(UNK)
;
L
3 'polypeptide(L)'
;MGQIVTFFQEVPHVIEEVMNIVLIALSVLAVLKGLYNFATCGLVGLVTFLLLCGRSCTTSLYKGVYELQTLELNMETLNM
TMPLSCTKNNSHHYIMVGNETGLELTLTNTSIINHKFCNLSDAHKKNLYDHALMSIISTFHLSIPNFNQYEAMSCDFNGG
KISVQYNLSHSYAGDAANHCGTVANGVLQTFMRMAWGGSYIALDSGCGNWDCIMTSYQYLIIQNTTWEDHCQFSRPSPIG
YLGLLSQRTRDIYISRRLL
;
C,A,B
4 'polypeptide(L)'
;GTFTWTLSDSEGKDTPGGYCLTRWMLIEAELKCFGNTAVAKCNEKHDEEFCDMLRLFDFNKQAIQRLKAPAQMSIQLINK
AVNALINDQLIMKNHLRDIMCIPYCNYSKYWYLNHTTTGRTSLPKCWLVSNGSYLNETHFSDDIEQQADNMITEMLQKEY
MERQGGSGGSGGSGGSGGSEKAAKAEEAARKMEELFKKHKIVAVLRANSVEEAIEKAVAVFAGGVHLIEITFTVPDADTV
IKALSVLKEKGAIIGAGTVTSVEQCRKAVESGAEFIVSPHLDEEISQFCKEKGVFYMPGVMTPTELVKAMKLGHDILKLF
PGEVVGPEFVKAMKGPFPNVKFVPTGGVDLDNVCEWFDAGVLAVGVGDALVEGDPDEVREKAKEFVEKIRGCTEGSLEHH
HHHHGGLNDIFEAQKIEWHE
;
a,b,c
#
loop_
_chem_comp.id
_chem_comp.type
_chem_comp.name
_chem_comp.formula
BMA D-saccharide, beta linking beta-D-mannopyranose 'C6 H12 O6'
FUC L-saccharide, alpha linking alpha-L-fucopyranose 'C6 H12 O5'
MAN D-saccharide, alpha linking alpha-D-mannopyranose 'C6 H12 O6'
NAG D-saccharide, beta linking 2-acetamido-2-deoxy-beta-D-glucopyranose 'C8 H15 N O6'
#
# COMPACT_ATOMS: atom_id res chain seq x y z
N UNK A 1 5.27 -40.35 13.70
CA UNK A 1 4.90 -40.23 15.11
C UNK A 1 4.01 -41.39 15.53
N UNK A 2 3.57 -41.39 16.78
CA UNK A 2 2.71 -42.46 17.28
C UNK A 2 1.89 -41.91 18.45
N UNK A 3 0.81 -42.63 18.76
CA UNK A 3 -0.07 -42.27 19.87
C UNK A 3 -0.67 -43.55 20.44
N UNK A 4 -1.11 -43.47 21.69
CA UNK A 4 -1.72 -44.61 22.36
C UNK A 4 -2.34 -44.15 23.67
N UNK A 5 -3.43 -44.81 24.07
CA UNK A 5 -4.07 -44.57 25.34
C UNK A 5 -3.59 -45.59 26.38
N UNK A 6 -3.91 -45.30 27.65
CA UNK A 6 -3.48 -46.13 28.78
C UNK A 6 -4.59 -46.29 29.81
N UNK A 7 -5.85 -46.31 29.38
CA UNK A 7 -6.97 -46.43 30.31
C UNK A 7 -8.14 -47.06 29.57
N UNK A 8 -8.53 -48.26 29.97
CA UNK A 8 -9.65 -48.96 29.35
C UNK A 8 -10.12 -50.05 30.31
N UNK A 9 -11.39 -50.02 30.68
CA UNK A 9 -11.94 -51.00 31.60
C UNK A 9 -13.46 -50.87 31.62
N UNK A 10 -14.11 -51.85 32.25
CA UNK A 10 -15.56 -51.82 32.40
C UNK A 10 -15.96 -50.76 33.42
N UNK A 11 -17.19 -50.28 33.28
CA UNK A 11 -17.73 -49.26 34.17
C UNK A 11 -19.24 -49.43 34.25
N UNK A 12 -19.82 -48.88 35.32
CA UNK A 12 -21.25 -48.98 35.55
C UNK A 12 -22.01 -47.96 34.72
N UNK A 13 -23.34 -48.08 34.72
CA UNK A 13 -24.17 -47.14 33.98
C UNK A 13 -24.06 -45.74 34.54
N UNK A 14 -24.03 -45.61 35.87
CA UNK A 14 -23.87 -44.32 36.53
C UNK A 14 -22.42 -43.89 36.65
N UNK A 15 -21.46 -44.72 36.27
CA UNK A 15 -20.05 -44.42 36.49
C UNK A 15 -19.54 -43.46 35.42
N UNK A 16 -18.33 -42.93 35.67
CA UNK A 16 -17.64 -42.04 34.76
C UNK A 16 -16.19 -42.48 34.67
N UNK A 17 -15.50 -42.02 33.63
CA UNK A 17 -14.13 -42.42 33.37
C UNK A 17 -13.41 -41.31 32.60
N UNK A 18 -12.11 -41.49 32.42
CA UNK A 18 -11.29 -40.51 31.71
C UNK A 18 -10.12 -41.23 31.06
N UNK A 19 -10.08 -41.21 29.73
CA UNK A 19 -8.98 -41.76 28.97
C UNK A 19 -7.96 -40.68 28.68
N UNK A 20 -6.73 -41.12 28.37
CA UNK A 20 -5.61 -40.21 28.14
C UNK A 20 -4.75 -40.76 27.03
N UNK A 21 -4.86 -40.17 25.85
CA UNK A 21 -4.04 -40.54 24.70
C UNK A 21 -2.74 -39.76 24.75
N UNK A 22 -1.62 -40.46 24.94
CA UNK A 22 -0.31 -39.84 25.11
C UNK A 22 0.42 -39.84 23.77
N UNK A 23 0.49 -38.67 23.14
CA UNK A 23 1.27 -38.53 21.91
C UNK A 23 2.75 -38.66 22.20
N UNK A 24 3.50 -39.10 21.18
CA UNK A 24 4.94 -39.29 21.32
C UNK A 24 5.61 -39.04 19.98
N UNK A 25 6.90 -38.72 20.04
CA UNK A 25 7.73 -38.49 18.87
C UNK A 25 7.21 -37.35 18.01
N UNK A 26 6.59 -36.35 18.63
CA UNK A 26 6.07 -35.20 17.90
C UNK A 26 5.63 -34.14 18.89
N UNK A 27 5.75 -32.88 18.49
CA UNK A 27 5.24 -31.75 19.23
C UNK A 27 3.87 -31.36 18.69
N UNK A 28 2.93 -31.01 19.58
CA UNK A 28 1.54 -30.73 19.12
C UNK A 28 1.48 -29.41 18.32
N UNK A 29 2.10 -28.35 18.81
CA UNK A 29 2.13 -27.05 18.10
C UNK A 29 0.69 -26.53 17.90
N UNK A 30 0.40 -25.98 16.71
CA UNK A 30 -0.96 -25.50 16.38
C UNK A 30 -1.40 -26.15 15.08
N UNK A 31 -0.47 -26.83 14.39
CA UNK A 31 -0.77 -27.44 13.08
C UNK A 31 -1.84 -28.53 13.20
N UNK A 32 -1.83 -29.30 14.29
CA UNK A 32 -2.73 -30.47 14.38
C UNK A 32 -3.75 -30.36 15.50
N UNK A 33 -4.85 -31.13 15.41
CA UNK A 33 -5.85 -31.19 16.46
C UNK A 33 -6.02 -32.64 16.89
N UNK A 34 -5.98 -32.87 18.19
CA UNK A 34 -6.11 -34.21 18.75
C UNK A 34 -7.59 -34.48 19.04
N UNK A 35 -8.17 -35.43 18.31
CA UNK A 35 -9.58 -35.77 18.39
C UNK A 35 -9.74 -37.22 18.84
N UNK A 36 -10.98 -37.55 19.22
CA UNK A 36 -11.36 -38.90 19.66
C UNK A 36 -12.58 -39.35 18.88
N UNK A 37 -12.57 -40.62 18.50
CA UNK A 37 -13.65 -41.22 17.72
C UNK A 37 -14.05 -42.55 18.33
N UNK A 38 -15.32 -42.69 18.66
CA UNK A 38 -15.85 -43.92 19.24
C UNK A 38 -16.38 -44.81 18.11
N UNK A 39 -16.02 -46.09 18.17
CA UNK A 39 -16.53 -47.11 17.26
C UNK A 39 -17.16 -48.21 18.11
N UNK A 40 -18.48 -48.29 18.08
CA UNK A 40 -19.17 -49.33 18.84
C UNK A 40 -18.91 -50.70 18.20
N UNK A 41 -19.22 -51.75 18.96
CA UNK A 41 -18.99 -53.11 18.51
C UNK A 41 -19.81 -53.41 17.26
N UNK A 42 -19.12 -53.59 16.13
CA UNK A 42 -19.75 -53.83 14.84
C UNK A 42 -20.64 -52.65 14.44
N UNK A 43 -20.01 -51.49 14.29
CA UNK A 43 -20.72 -50.28 13.88
C UNK A 43 -19.69 -49.30 13.34
N UNK A 44 -20.19 -48.17 12.84
CA UNK A 44 -19.34 -47.16 12.21
C UNK A 44 -18.69 -46.26 13.25
N UNK A 45 -17.66 -45.55 12.81
CA UNK A 45 -16.97 -44.58 13.67
C UNK A 45 -17.77 -43.30 13.77
N UNK A 46 -17.65 -42.63 14.92
CA UNK A 46 -18.33 -41.37 15.15
C UNK A 46 -17.47 -40.50 16.06
N UNK A 47 -17.25 -39.24 15.66
CA UNK A 47 -16.42 -38.34 16.45
C UNK A 47 -17.09 -38.01 17.77
N UNK A 48 -16.27 -37.72 18.78
CA UNK A 48 -16.70 -37.31 20.10
C UNK A 48 -16.29 -35.88 20.44
N UNK A 49 -15.01 -35.57 20.34
CA UNK A 49 -14.52 -34.23 20.66
C UNK A 49 -13.15 -34.02 20.03
N UNK A 50 -12.76 -32.75 19.94
CA UNK A 50 -11.46 -32.37 19.41
C UNK A 50 -11.01 -31.08 20.08
N UNK A 51 -9.70 -30.83 20.03
CA UNK A 51 -9.14 -29.64 20.65
C UNK A 51 -7.88 -29.23 19.91
N UNK A 52 -7.71 -27.93 19.71
CA UNK A 52 -6.53 -27.42 19.04
C UNK A 52 -5.29 -27.68 19.88
N UNK A 53 -4.15 -27.87 19.19
CA UNK A 53 -2.91 -28.16 19.87
C UNK A 53 -2.44 -26.97 20.72
N UNK A 54 -2.48 -25.77 20.13
CA UNK A 54 -2.16 -24.53 20.82
C UNK A 54 -3.38 -23.62 20.80
N UNK A 55 -3.55 -22.84 21.87
CA UNK A 55 -4.76 -22.05 22.08
C UNK A 55 -5.99 -22.96 22.05
N UNK A 56 -6.03 -23.87 23.02
CA UNK A 56 -6.96 -24.99 23.00
C UNK A 56 -8.41 -24.54 23.01
N UNK A 57 -9.11 -24.74 21.88
CA UNK A 57 -10.53 -24.48 21.74
C UNK A 57 -11.23 -25.82 21.56
N UNK A 58 -11.93 -26.26 22.59
CA UNK A 58 -12.55 -27.58 22.60
C UNK A 58 -13.86 -27.54 21.81
N UNK A 59 -13.96 -28.38 20.79
CA UNK A 59 -15.18 -28.59 20.02
C UNK A 59 -15.71 -29.98 20.31
N UNK A 60 -17.04 -30.10 20.41
CA UNK A 60 -17.69 -31.35 20.77
C UNK A 60 -18.91 -31.56 19.88
N UNK A 61 -19.25 -32.82 19.68
CA UNK A 61 -20.40 -33.17 18.87
C UNK A 61 -21.70 -32.86 19.63
N UNK A 62 -22.80 -32.85 18.87
CA UNK A 62 -24.10 -32.59 19.48
C UNK A 62 -24.47 -33.69 20.48
N UNK A 63 -24.18 -34.95 20.13
CA UNK A 63 -24.51 -36.05 21.03
C UNK A 63 -23.70 -36.00 22.31
N UNK A 64 -22.46 -35.52 22.26
CA UNK A 64 -21.56 -35.52 23.41
C UNK A 64 -21.86 -34.31 24.29
N UNK A 65 -22.97 -34.41 25.03
CA UNK A 65 -23.36 -33.37 25.98
C UNK A 65 -22.69 -33.52 27.35
N UNK A 66 -22.05 -34.65 27.63
CA UNK A 66 -21.42 -34.94 28.92
C UNK A 66 -20.01 -35.48 28.71
N UNK A 67 -19.25 -34.79 27.86
CA UNK A 67 -17.85 -35.12 27.59
C UNK A 67 -17.01 -33.85 27.62
N UNK A 68 -15.76 -34.00 28.01
CA UNK A 68 -14.82 -32.89 28.10
C UNK A 68 -13.46 -33.33 27.59
N UNK A 69 -12.67 -32.36 27.14
CA UNK A 69 -11.33 -32.59 26.62
C UNK A 69 -10.36 -31.59 27.23
N UNK A 70 -9.10 -32.01 27.37
CA UNK A 70 -8.07 -31.16 27.93
C UNK A 70 -6.71 -31.59 27.40
N UNK A 71 -5.79 -30.62 27.31
CA UNK A 71 -4.42 -30.88 26.89
C UNK A 71 -3.51 -30.98 28.12
N UNK A 72 -3.74 -32.04 28.89
CA UNK A 72 -3.01 -32.23 30.14
C UNK A 72 -1.54 -32.50 29.86
N UNK A 73 -0.67 -31.79 30.57
CA UNK A 73 0.79 -31.97 30.58
C UNK A 73 1.46 -31.62 29.25
N UNK A 74 0.74 -31.03 28.30
CA UNK A 74 1.28 -30.56 27.02
C UNK A 74 1.82 -31.67 26.14
N UNK A 75 1.57 -32.95 26.47
CA UNK A 75 1.99 -34.07 25.65
C UNK A 75 0.96 -35.21 25.62
N UNK A 76 -0.24 -35.00 26.16
CA UNK A 76 -1.25 -36.05 26.20
C UNK A 76 -2.62 -35.40 26.28
N UNK A 77 -3.53 -35.85 25.41
CA UNK A 77 -4.90 -35.33 25.38
C UNK A 77 -5.77 -36.24 26.25
N UNK A 78 -6.42 -35.64 27.24
CA UNK A 78 -7.28 -36.35 28.17
C UNK A 78 -8.73 -36.07 27.82
N UNK A 79 -9.51 -37.14 27.60
CA UNK A 79 -10.93 -37.07 27.32
C UNK A 79 -11.68 -37.69 28.48
N UNK A 80 -12.52 -36.88 29.15
CA UNK A 80 -13.30 -37.30 30.29
C UNK A 80 -14.74 -37.52 29.84
N UNK A 81 -15.26 -38.73 30.10
CA UNK A 81 -16.63 -39.11 29.78
C UNK A 81 -17.39 -39.35 31.07
N UNK A 82 -18.55 -38.70 31.20
CA UNK A 82 -19.39 -38.76 32.38
C UNK A 82 -20.78 -39.26 32.00
N UNK A 83 -21.43 -39.94 32.95
CA UNK A 83 -22.75 -40.54 32.75
C UNK A 83 -22.73 -41.52 31.58
N UNK A 84 -21.64 -42.28 31.47
CA UNK A 84 -21.49 -43.24 30.38
C UNK A 84 -22.30 -44.50 30.67
N UNK A 85 -23.09 -44.92 29.69
CA UNK A 85 -23.91 -46.12 29.85
C UNK A 85 -24.30 -46.65 28.49
N UNK A 86 -24.20 -47.97 28.32
CA UNK A 86 -24.67 -48.67 27.13
C UNK A 86 -23.96 -48.20 25.87
N UNK A 87 -22.63 -48.07 25.95
CA UNK A 87 -21.80 -47.74 24.79
C UNK A 87 -20.87 -48.90 24.43
N UNK A 88 -20.00 -49.32 25.35
CA UNK A 88 -19.09 -50.45 25.15
C UNK A 88 -18.23 -50.29 23.89
N UNK A 89 -17.90 -49.04 23.55
CA UNK A 89 -17.30 -48.70 22.27
C UNK A 89 -15.82 -48.46 22.41
N UNK A 90 -15.06 -48.82 21.38
CA UNK A 90 -13.62 -48.57 21.35
C UNK A 90 -13.38 -47.11 20.99
N UNK A 91 -12.74 -46.37 21.89
CA UNK A 91 -12.49 -44.94 21.72
C UNK A 91 -11.07 -44.76 21.18
N UNK A 92 -10.95 -44.65 19.85
CA UNK A 92 -9.67 -44.46 19.20
C UNK A 92 -9.28 -42.99 19.25
N UNK A 93 -7.98 -42.73 19.41
CA UNK A 93 -7.46 -41.36 19.48
C UNK A 93 -6.68 -41.06 18.22
N UNK A 94 -6.99 -39.90 17.60
CA UNK A 94 -6.43 -39.53 16.31
C UNK A 94 -5.87 -38.12 16.37
N UNK A 95 -4.88 -37.86 15.52
CA UNK A 95 -4.34 -36.53 15.27
C UNK A 95 -4.70 -36.14 13.85
N UNK A 96 -5.45 -35.05 13.70
CA UNK A 96 -5.99 -34.61 12.44
C UNK A 96 -5.31 -33.31 12.00
N UNK A 97 -4.86 -33.29 10.76
CA UNK A 97 -4.21 -32.13 10.18
C UNK A 97 -5.23 -31.19 9.56
N UNK A 98 -4.82 -29.94 9.36
CA UNK A 98 -5.62 -28.93 8.67
C UNK A 98 -4.74 -28.26 7.63
N UNK A 99 -5.35 -27.89 6.51
CA UNK A 99 -4.58 -27.28 5.42
C UNK A 99 -5.52 -26.52 4.51
N UNK A 100 -5.10 -25.31 4.12
CA UNK A 100 -5.75 -24.52 3.09
C UNK A 100 -5.01 -24.62 1.76
N UNK A 101 -4.38 -25.76 1.50
CA UNK A 101 -3.64 -25.93 0.25
C UNK A 101 -4.55 -25.89 -0.96
N UNK A 102 -5.82 -26.26 -0.80
CA UNK A 102 -6.77 -26.13 -1.89
C UNK A 102 -6.98 -24.67 -2.28
N UNK A 103 -6.79 -23.74 -1.33
CA UNK A 103 -6.87 -22.29 -1.47
C UNK A 103 -8.31 -21.77 -1.52
N UNK A 104 -9.32 -22.63 -1.57
CA UNK A 104 -10.72 -22.25 -1.49
C UNK A 104 -11.42 -22.77 -0.24
N UNK A 105 -10.89 -23.80 0.41
CA UNK A 105 -11.49 -24.35 1.62
C UNK A 105 -10.40 -25.04 2.43
N UNK A 106 -10.73 -25.31 3.68
CA UNK A 106 -9.83 -26.00 4.61
C UNK A 106 -10.15 -27.49 4.60
N UNK A 107 -9.16 -28.30 4.27
CA UNK A 107 -9.30 -29.75 4.24
C UNK A 107 -8.78 -30.34 5.55
N UNK A 108 -9.62 -31.15 6.20
CA UNK A 108 -9.32 -31.77 7.48
C UNK A 108 -9.39 -33.28 7.34
N UNK A 109 -8.31 -33.97 7.69
CA UNK A 109 -8.22 -35.41 7.61
C UNK A 109 -7.46 -35.94 8.82
N UNK A 110 -7.82 -37.15 9.25
CA UNK A 110 -7.17 -37.78 10.40
C UNK A 110 -5.84 -38.34 9.94
N UNK A 111 -4.78 -37.55 10.13
CA UNK A 111 -3.46 -37.93 9.64
C UNK A 111 -2.93 -39.16 10.33
N UNK A 112 -3.10 -39.26 11.65
CA UNK A 112 -2.64 -40.39 12.44
C UNK A 112 -3.75 -40.88 13.33
N UNK A 113 -3.74 -42.18 13.63
CA UNK A 113 -4.76 -42.81 14.44
C UNK A 113 -4.10 -43.79 15.40
N UNK A 114 -4.84 -44.18 16.43
CA UNK A 114 -4.35 -45.14 17.41
C UNK A 114 -5.55 -45.81 18.08
N UNK A 115 -5.65 -47.13 17.92
CA UNK A 115 -6.60 -47.93 18.67
C UNK A 115 -6.21 -47.88 20.14
N UNK A 116 -7.11 -47.37 20.98
CA UNK A 116 -6.77 -46.90 22.31
C UNK A 116 -7.44 -47.70 23.42
N UNK A 117 -8.76 -47.89 23.36
CA UNK A 117 -9.52 -48.45 24.46
C UNK A 117 -10.63 -49.33 23.92
N UNK A 118 -11.32 -50.01 24.83
CA UNK A 118 -12.45 -50.87 24.50
C UNK A 118 -13.46 -50.87 25.63
N UNK B 1 -26.03 -29.90 11.08
CA UNK B 1 -24.72 -30.30 10.52
C UNK B 1 -24.90 -31.07 9.22
N UNK B 2 -23.79 -31.33 8.53
CA UNK B 2 -23.82 -32.05 7.26
C UNK B 2 -23.88 -33.54 7.51
N UNK B 3 -24.87 -34.21 6.91
CA UNK B 3 -25.03 -35.65 7.01
C UNK B 3 -24.45 -36.31 5.77
N UNK B 4 -23.59 -37.30 5.99
CA UNK B 4 -22.96 -38.06 4.92
C UNK B 4 -23.55 -39.46 4.88
N UNK B 5 -23.70 -40.00 3.67
CA UNK B 5 -24.27 -41.33 3.46
C UNK B 5 -23.48 -42.03 2.35
N UNK B 6 -23.55 -43.35 2.36
CA UNK B 6 -22.86 -44.18 1.38
C UNK B 6 -23.69 -45.43 1.12
N UNK B 7 -23.17 -46.29 0.26
CA UNK B 7 -23.85 -47.54 -0.06
C UNK B 7 -23.88 -48.45 1.16
N UNK B 8 -24.79 -49.43 1.13
CA UNK B 8 -24.90 -50.37 2.24
C UNK B 8 -23.74 -51.34 2.25
N UNK B 9 -23.38 -51.89 1.10
CA UNK B 9 -22.31 -52.87 0.98
C UNK B 9 -22.00 -53.06 -0.50
N UNK B 10 -21.00 -53.90 -0.78
CA UNK B 10 -20.61 -54.17 -2.16
C UNK B 10 -19.82 -55.47 -2.20
N UNK B 11 -20.03 -56.25 -3.25
CA UNK B 11 -19.32 -57.51 -3.50
C UNK B 11 -18.41 -57.33 -4.71
N UNK B 12 -17.13 -57.64 -4.52
CA UNK B 12 -16.11 -57.49 -5.55
C UNK B 12 -15.52 -58.86 -5.89
N UNK B 13 -15.21 -59.06 -7.17
CA UNK B 13 -14.59 -60.30 -7.59
C UNK B 13 -13.20 -60.43 -6.98
N UNK B 14 -12.74 -61.66 -6.82
CA UNK B 14 -11.49 -61.95 -6.12
C UNK B 14 -10.32 -61.46 -6.97
N UNK B 15 -9.82 -60.26 -6.64
CA UNK B 15 -8.65 -59.67 -7.28
C UNK B 15 -8.83 -59.45 -8.78
N UNK B 16 -10.07 -59.34 -9.25
CA UNK B 16 -10.39 -59.15 -10.66
C UNK B 16 -11.13 -57.84 -10.93
N UNK B 17 -12.22 -57.60 -10.21
CA UNK B 17 -13.08 -56.45 -10.47
C UNK B 17 -12.62 -55.23 -9.68
N UNK B 18 -13.19 -54.09 -10.03
CA UNK B 18 -12.90 -52.80 -9.40
C UNK B 18 -14.14 -52.34 -8.63
N UNK B 19 -13.94 -51.88 -7.41
CA UNK B 19 -15.02 -51.49 -6.51
C UNK B 19 -15.16 -49.99 -6.47
N UNK B 20 -16.38 -49.50 -6.73
CA UNK B 20 -16.70 -48.08 -6.74
C UNK B 20 -17.66 -47.80 -5.58
N UNK B 21 -17.15 -47.14 -4.54
CA UNK B 21 -17.94 -46.77 -3.37
C UNK B 21 -18.26 -45.29 -3.44
N UNK B 22 -19.54 -44.96 -3.47
CA UNK B 22 -20.01 -43.59 -3.52
C UNK B 22 -20.15 -43.03 -2.11
N UNK B 23 -20.26 -41.70 -2.03
CA UNK B 23 -20.43 -41.03 -0.74
C UNK B 23 -21.12 -39.70 -1.01
N UNK B 24 -22.43 -39.65 -0.74
CA UNK B 24 -23.21 -38.43 -0.89
C UNK B 24 -23.18 -37.62 0.40
N UNK B 25 -23.32 -36.30 0.24
CA UNK B 25 -23.33 -35.35 1.34
C UNK B 25 -24.51 -34.41 1.21
N UNK B 26 -24.99 -33.91 2.34
CA UNK B 26 -26.14 -33.03 2.40
C UNK B 26 -25.79 -31.56 2.28
N UNK B 27 -24.51 -31.22 2.07
CA UNK B 27 -24.09 -29.83 1.94
C UNK B 27 -22.92 -29.77 0.96
N UNK B 28 -22.66 -28.56 0.46
CA UNK B 28 -21.61 -28.34 -0.54
C UNK B 28 -20.26 -28.38 0.15
N UNK B 29 -19.74 -29.59 0.33
CA UNK B 29 -18.39 -29.78 0.83
C UNK B 29 -17.40 -29.62 -0.33
N UNK B 30 -16.57 -28.58 -0.26
CA UNK B 30 -15.72 -28.18 -1.39
C UNK B 30 -14.50 -29.11 -1.47
N UNK B 31 -14.77 -30.35 -1.87
CA UNK B 31 -13.74 -31.36 -2.13
C UNK B 31 -12.88 -31.61 -0.89
N UNK B 32 -13.55 -32.03 0.18
CA UNK B 32 -12.89 -32.33 1.45
C UNK B 32 -13.46 -33.60 2.05
N UNK B 33 -13.64 -34.62 1.21
CA UNK B 33 -14.17 -35.94 1.63
C UNK B 33 -13.00 -36.92 1.65
N UNK B 34 -12.33 -36.99 2.79
CA UNK B 34 -11.24 -37.95 2.97
C UNK B 34 -11.80 -39.36 3.05
N UNK B 35 -11.00 -40.32 2.60
CA UNK B 35 -11.37 -41.73 2.58
C UNK B 35 -10.36 -42.54 3.40
N UNK B 36 -10.88 -43.31 4.36
CA UNK B 36 -10.07 -44.12 5.27
C UNK B 36 -10.55 -45.56 5.21
N UNK B 37 -9.68 -46.47 5.62
CA UNK B 37 -9.96 -47.90 5.63
C UNK B 37 -9.62 -48.47 7.00
N UNK B 38 -10.50 -49.36 7.49
CA UNK B 38 -10.30 -50.03 8.76
C UNK B 38 -10.63 -51.50 8.59
N UNK B 39 -9.73 -52.38 9.05
CA UNK B 39 -9.93 -53.81 8.92
C UNK B 39 -10.97 -54.27 9.95
N UNK B 40 -11.09 -55.59 10.13
CA UNK B 40 -12.09 -56.11 11.06
C UNK B 40 -11.81 -55.66 12.49
N UNK B 41 -10.55 -55.76 12.94
CA UNK B 41 -10.17 -55.45 14.31
C UNK B 41 -8.87 -54.66 14.32
N UNK B 42 -8.79 -53.62 13.49
CA UNK B 42 -7.60 -52.78 13.36
C UNK B 42 -8.00 -51.32 13.37
N UNK B 43 -7.02 -50.46 13.62
CA UNK B 43 -7.25 -49.02 13.64
C UNK B 43 -7.52 -48.51 12.23
N UNK B 44 -8.23 -47.39 12.16
CA UNK B 44 -8.52 -46.78 10.87
C UNK B 44 -7.25 -46.18 10.28
N UNK B 45 -7.12 -46.27 8.96
CA UNK B 45 -5.97 -45.76 8.22
C UNK B 45 -6.45 -44.85 7.10
N UNK B 46 -5.93 -43.62 7.06
CA UNK B 46 -6.32 -42.67 6.04
C UNK B 46 -5.72 -43.08 4.70
N UNK B 47 -6.58 -43.44 3.75
CA UNK B 47 -6.13 -43.86 2.43
C UNK B 47 -5.94 -42.69 1.48
N UNK B 48 -6.85 -41.71 1.51
CA UNK B 48 -6.80 -40.60 0.57
C UNK B 48 -7.32 -39.34 1.27
N UNK B 49 -6.42 -38.40 1.54
CA UNK B 49 -6.81 -37.12 2.10
C UNK B 49 -7.47 -36.26 1.02
N UNK B 50 -8.19 -35.24 1.47
CA UNK B 50 -8.93 -34.33 0.58
C UNK B 50 -9.96 -35.18 -0.19
N UNK B 51 -10.36 -34.72 -1.38
CA UNK B 51 -11.27 -35.49 -2.22
C UNK B 51 -10.53 -36.51 -3.09
N UNK B 52 -9.32 -36.17 -3.54
CA UNK B 52 -8.58 -36.99 -4.49
C UNK B 52 -7.09 -37.10 -4.21
N UNK B 53 -6.58 -36.53 -3.11
CA UNK B 53 -5.15 -36.53 -2.82
C UNK B 53 -4.79 -37.80 -2.07
N UNK B 54 -4.12 -38.73 -2.74
CA UNK B 54 -3.70 -39.97 -2.10
C UNK B 54 -2.63 -39.68 -1.05
N UNK B 55 -2.77 -40.33 0.10
CA UNK B 55 -1.85 -40.12 1.20
C UNK B 55 -0.52 -40.82 0.94
N UNK B 56 0.46 -40.53 1.81
CA UNK B 56 1.77 -41.14 1.69
C UNK B 56 1.69 -42.64 1.92
N UNK B 57 2.51 -43.39 1.18
CA UNK B 57 2.55 -44.85 1.26
C UNK B 57 1.21 -45.47 0.91
N UNK B 58 0.47 -44.84 0.00
CA UNK B 58 -0.82 -45.33 -0.46
C UNK B 58 -0.66 -46.10 -1.76
N UNK B 59 -1.41 -47.18 -1.90
CA UNK B 59 -1.34 -47.99 -3.10
C UNK B 59 -1.86 -47.21 -4.30
N UNK B 60 -1.22 -47.41 -5.45
CA UNK B 60 -1.66 -46.77 -6.68
C UNK B 60 -3.03 -47.24 -7.14
N UNK B 61 -3.45 -48.44 -6.73
CA UNK B 61 -4.77 -48.94 -7.10
C UNK B 61 -5.87 -48.06 -6.52
N UNK B 62 -5.72 -47.63 -5.28
CA UNK B 62 -6.73 -46.82 -4.61
C UNK B 62 -6.66 -45.39 -5.14
N UNK B 63 -7.78 -44.90 -5.67
CA UNK B 63 -7.86 -43.54 -6.18
C UNK B 63 -9.31 -43.09 -6.12
N UNK B 64 -9.51 -41.80 -5.88
CA UNK B 64 -10.84 -41.20 -5.80
C UNK B 64 -10.83 -39.87 -6.51
N UNK B 65 -11.97 -39.53 -7.10
CA UNK B 65 -12.14 -38.23 -7.75
C UNK B 65 -13.62 -38.02 -8.09
N UNK B 66 -14.17 -36.89 -7.68
CA UNK B 66 -15.57 -36.58 -7.93
C UNK B 66 -15.86 -35.17 -7.44
N UNK B 67 -17.05 -34.67 -7.77
CA UNK B 67 -17.40 -33.27 -7.55
C UNK B 67 -17.56 -32.98 -6.05
N UNK B 68 -17.94 -31.74 -5.76
CA UNK B 68 -18.05 -31.30 -4.38
C UNK B 68 -19.28 -31.90 -3.69
N UNK B 69 -20.38 -32.04 -4.42
CA UNK B 69 -21.63 -32.48 -3.80
C UNK B 69 -21.55 -33.93 -3.34
N UNK B 70 -21.07 -34.82 -4.21
CA UNK B 70 -20.98 -36.25 -3.93
C UNK B 70 -19.63 -36.77 -4.40
N UNK B 71 -18.91 -37.43 -3.49
CA UNK B 71 -17.60 -38.01 -3.78
C UNK B 71 -17.74 -39.49 -4.13
N UNK B 72 -16.65 -40.05 -4.64
CA UNK B 72 -16.64 -41.47 -5.00
C UNK B 72 -15.20 -41.96 -5.05
N UNK B 73 -14.98 -43.17 -4.54
CA UNK B 73 -13.66 -43.81 -4.51
C UNK B 73 -13.71 -45.09 -5.33
N UNK B 74 -12.77 -45.20 -6.27
CA UNK B 74 -12.65 -46.37 -7.14
C UNK B 74 -11.35 -47.10 -6.82
N UNK B 75 -11.47 -48.37 -6.44
CA UNK B 75 -10.34 -49.24 -6.16
C UNK B 75 -10.20 -50.24 -7.29
N UNK B 76 -8.98 -50.44 -7.76
CA UNK B 76 -8.71 -51.32 -8.90
C UNK B 76 -8.73 -52.77 -8.42
N UNK B 77 -8.22 -53.68 -9.25
CA UNK B 77 -8.19 -55.10 -8.90
C UNK B 77 -7.42 -55.32 -7.60
N UNK B 78 -8.03 -56.04 -6.67
CA UNK B 78 -7.51 -56.15 -5.32
C UNK B 78 -6.25 -57.00 -5.28
N UNK B 79 -5.40 -56.71 -4.28
CA UNK B 79 -4.23 -57.52 -3.97
C UNK B 79 -4.51 -58.56 -2.89
N UNK B 80 -5.77 -59.00 -2.77
CA UNK B 80 -6.19 -59.94 -1.73
C UNK B 80 -5.96 -59.38 -0.34
N UNK B 81 -6.02 -58.05 -0.19
CA UNK B 81 -5.91 -57.39 1.11
C UNK B 81 -6.83 -56.18 1.19
N UNK B 82 -7.98 -56.24 0.50
CA UNK B 82 -8.94 -55.15 0.41
C UNK B 82 -10.31 -55.55 0.94
N UNK B 83 -10.34 -56.42 1.95
CA UNK B 83 -11.59 -56.78 2.62
C UNK B 83 -11.99 -55.79 3.70
N UNK B 84 -11.19 -54.75 3.96
CA UNK B 84 -11.47 -53.81 5.03
C UNK B 84 -12.72 -52.99 4.73
N UNK B 85 -13.36 -52.52 5.79
CA UNK B 85 -14.47 -51.59 5.67
C UNK B 85 -13.93 -50.18 5.43
N UNK B 86 -14.43 -49.54 4.36
CA UNK B 86 -13.96 -48.23 3.94
C UNK B 86 -14.98 -47.17 4.33
N UNK B 87 -14.52 -46.16 5.09
CA UNK B 87 -15.35 -45.07 5.58
C UNK B 87 -14.89 -43.76 4.98
N UNK B 88 -15.77 -42.76 5.03
CA UNK B 88 -15.55 -41.44 4.46
C UNK B 88 -15.77 -40.39 5.54
N UNK B 89 -14.80 -39.50 5.71
CA UNK B 89 -14.89 -38.35 6.60
C UNK B 89 -15.16 -37.11 5.75
N UNK B 90 -16.27 -36.43 6.04
CA UNK B 90 -16.78 -35.36 5.20
C UNK B 90 -16.44 -33.97 5.71
N UNK B 91 -16.83 -33.65 6.94
CA UNK B 91 -16.76 -32.30 7.46
C UNK B 91 -15.44 -32.06 8.19
N UNK B 92 -15.24 -30.83 8.64
CA UNK B 92 -14.02 -30.40 9.31
C UNK B 92 -14.17 -30.48 10.83
N UNK B 93 -13.02 -30.51 11.51
CA UNK B 93 -12.98 -30.69 12.95
C UNK B 93 -13.25 -29.41 13.73
N UNK B 94 -13.24 -28.24 13.08
CA UNK B 94 -13.47 -27.00 13.81
C UNK B 94 -14.89 -26.93 14.36
N UNK B 95 -15.88 -27.29 13.54
CA UNK B 95 -17.28 -27.24 13.93
C UNK B 95 -17.81 -28.63 14.32
N UNK B 96 -17.72 -29.60 13.40
CA UNK B 96 -18.20 -30.95 13.64
C UNK B 96 -17.78 -31.87 12.50
N UNK B 97 -17.17 -33.00 12.82
CA UNK B 97 -16.72 -33.97 11.84
C UNK B 97 -17.77 -35.08 11.69
N UNK B 98 -18.10 -35.41 10.46
CA UNK B 98 -19.09 -36.44 10.13
C UNK B 98 -18.39 -37.59 9.41
N UNK B 99 -18.55 -38.79 9.95
CA UNK B 99 -17.99 -40.01 9.37
C UNK B 99 -19.14 -40.92 8.95
N UNK B 100 -19.26 -41.15 7.65
CA UNK B 100 -20.35 -41.95 7.13
C UNK B 100 -20.15 -43.43 7.48
N UNK B 101 -21.24 -44.19 7.39
CA UNK B 101 -21.17 -45.63 7.58
C UNK B 101 -20.34 -46.25 6.47
N UNK B 102 -19.59 -47.29 6.81
CA UNK B 102 -18.63 -47.89 5.90
C UNK B 102 -19.30 -48.94 5.02
N UNK B 103 -18.55 -49.38 4.00
CA UNK B 103 -18.97 -50.45 3.09
C UNK B 103 -18.03 -51.62 3.27
N UNK B 104 -18.60 -52.80 3.55
CA UNK B 104 -17.81 -54.02 3.71
C UNK B 104 -17.52 -54.59 2.34
N UNK B 105 -16.30 -54.34 1.85
CA UNK B 105 -15.89 -54.77 0.51
C UNK B 105 -15.35 -56.19 0.55
N UNK B 106 -16.26 -57.13 0.84
CA UNK B 106 -15.92 -58.53 0.94
C UNK B 106 -15.44 -59.07 -0.40
N SER C 60 -10.54 32.49 -34.60
CA SER C 60 -9.23 32.30 -35.21
C SER C 60 -9.17 30.98 -35.97
N LEU C 61 -8.87 31.07 -37.27
CA LEU C 61 -8.79 29.91 -38.15
C LEU C 61 -7.33 29.47 -38.28
N TYR C 62 -7.09 28.18 -38.06
CA TYR C 62 -5.80 27.55 -38.24
C TYR C 62 -5.90 26.51 -39.35
N LYS C 63 -4.89 26.46 -40.21
CA LYS C 63 -4.89 25.68 -41.45
C LYS C 63 -6.10 26.16 -42.24
N GLY C 64 -7.12 25.34 -42.49
CA GLY C 64 -8.33 25.76 -43.19
C GLY C 64 -9.64 25.29 -42.58
N VAL C 65 -9.57 24.36 -41.63
CA VAL C 65 -10.77 23.74 -41.04
C VAL C 65 -10.76 23.73 -39.53
N TYR C 66 -9.61 23.88 -38.86
CA TYR C 66 -9.54 23.75 -37.41
C TYR C 66 -9.94 25.08 -36.76
N GLU C 67 -11.06 25.08 -36.06
CA GLU C 67 -11.50 26.22 -35.27
C GLU C 67 -10.92 26.10 -33.87
N LEU C 68 -10.45 27.24 -33.34
CA LEU C 68 -9.98 27.32 -31.95
C LEU C 68 -11.14 27.77 -31.08
N GLN C 69 -11.51 26.93 -30.10
CA GLN C 69 -12.53 27.25 -29.11
C GLN C 69 -11.99 26.89 -27.73
N THR C 70 -12.64 27.44 -26.71
CA THR C 70 -12.17 27.36 -25.33
C THR C 70 -13.30 26.96 -24.40
N LEU C 71 -12.92 26.26 -23.32
CA LEU C 71 -13.80 25.95 -22.21
C LEU C 71 -13.49 26.85 -21.03
N GLU C 72 -14.32 26.75 -20.00
CA GLU C 72 -14.00 27.33 -18.71
C GLU C 72 -14.83 26.58 -17.67
N LEU C 73 -14.19 25.73 -16.89
CA LEU C 73 -14.90 24.86 -15.97
C LEU C 73 -15.49 25.66 -14.81
N ASN C 74 -16.67 25.23 -14.37
CA ASN C 74 -17.38 25.85 -13.25
C ASN C 74 -17.08 25.03 -12.00
N MET C 75 -16.21 25.56 -11.13
CA MET C 75 -15.79 24.85 -9.93
C MET C 75 -16.88 24.83 -8.86
N GLU C 76 -17.84 25.76 -8.90
CA GLU C 76 -18.83 25.88 -7.84
C GLU C 76 -19.69 24.64 -7.70
N THR C 77 -19.87 23.88 -8.79
CA THR C 77 -20.65 22.65 -8.71
C THR C 77 -19.96 21.56 -7.89
N LEU C 78 -18.65 21.70 -7.63
CA LEU C 78 -17.92 20.75 -6.81
C LEU C 78 -18.02 21.06 -5.31
N ASN C 79 -18.91 21.98 -4.91
CA ASN C 79 -18.98 22.41 -3.52
C ASN C 79 -19.41 21.29 -2.58
N MET C 80 -20.37 20.47 -3.01
CA MET C 80 -20.96 19.46 -2.13
C MET C 80 -20.00 18.34 -1.73
N THR C 81 -18.88 18.18 -2.44
CA THR C 81 -17.96 17.07 -2.23
C THR C 81 -16.54 17.47 -1.89
N MET C 82 -16.16 18.74 -2.06
CA MET C 82 -14.80 19.18 -1.80
C MET C 82 -14.81 20.60 -1.23
N PRO C 83 -13.76 21.00 -0.50
CA PRO C 83 -13.59 22.43 -0.24
C PRO C 83 -13.16 23.15 -1.51
N LEU C 84 -13.46 24.45 -1.57
CA LEU C 84 -13.12 25.30 -2.71
C LEU C 84 -12.42 26.55 -2.19
N SER C 85 -11.11 26.61 -2.39
CA SER C 85 -10.36 27.81 -2.03
C SER C 85 -10.83 28.98 -2.89
N CYS C 86 -10.86 30.17 -2.28
CA CYS C 86 -11.43 31.36 -2.92
C CYS C 86 -10.60 32.56 -2.47
N THR C 87 -11.00 33.75 -2.95
CA THR C 87 -10.31 34.97 -2.60
C THR C 87 -11.23 36.17 -2.82
N LYS C 88 -11.37 37.00 -1.79
CA LYS C 88 -12.14 38.24 -1.89
C LYS C 88 -11.25 39.41 -2.28
N ASN C 89 -10.16 39.63 -1.55
CA ASN C 89 -9.14 40.59 -1.93
C ASN C 89 -7.81 40.08 -1.40
N ASN C 90 -6.81 40.96 -1.33
CA ASN C 90 -5.49 40.54 -0.87
C ASN C 90 -5.50 40.15 0.60
N SER C 91 -6.32 40.82 1.41
CA SER C 91 -6.35 40.63 2.85
C SER C 91 -7.52 39.79 3.34
N HIS C 92 -8.26 39.13 2.45
CA HIS C 92 -9.38 38.28 2.84
C HIS C 92 -9.49 37.13 1.86
N HIS C 93 -9.41 35.90 2.37
CA HIS C 93 -9.53 34.68 1.58
C HIS C 93 -10.50 33.75 2.29
N TYR C 94 -11.14 32.87 1.52
CA TYR C 94 -12.24 32.06 2.02
C TYR C 94 -12.12 30.63 1.54
N ILE C 95 -12.70 29.72 2.31
CA ILE C 95 -12.73 28.30 1.99
C ILE C 95 -14.11 27.76 2.33
N MET C 96 -14.98 27.63 1.34
CA MET C 96 -16.31 27.11 1.58
C MET C 96 -16.29 25.59 1.66
N VAL C 97 -16.98 25.03 2.66
CA VAL C 97 -17.14 23.60 2.83
C VAL C 97 -18.64 23.34 2.72
N GLY C 98 -19.10 23.03 1.52
CA GLY C 98 -20.52 23.05 1.25
C GLY C 98 -20.97 24.50 1.11
N ASN C 99 -22.30 24.67 1.11
CA ASN C 99 -22.91 25.98 0.94
C ASN C 99 -23.26 26.67 2.26
N GLU C 100 -23.05 26.02 3.41
CA GLU C 100 -23.45 26.56 4.70
C GLU C 100 -22.32 27.25 5.46
N THR C 101 -21.11 26.71 5.43
CA THR C 101 -20.04 27.16 6.33
C THR C 101 -18.71 27.13 5.59
N GLY C 102 -17.70 27.70 6.25
CA GLY C 102 -16.36 27.69 5.69
C GLY C 102 -15.40 28.35 6.65
N LEU C 103 -14.16 28.49 6.18
CA LEU C 103 -13.10 29.18 6.89
C LEU C 103 -12.82 30.53 6.24
N GLU C 104 -12.32 31.46 7.05
CA GLU C 104 -11.94 32.79 6.63
C GLU C 104 -10.50 33.01 7.06
N LEU C 105 -9.62 33.21 6.08
CA LEU C 105 -8.20 33.39 6.27
C LEU C 105 -7.87 34.85 5.93
N THR C 106 -7.55 35.63 6.96
CA THR C 106 -7.30 37.06 6.82
C THR C 106 -5.90 37.39 7.32
N LEU C 107 -5.15 38.12 6.51
CA LEU C 107 -3.92 38.76 6.95
C LEU C 107 -4.26 40.16 7.44
N THR C 108 -3.79 40.52 8.62
CA THR C 108 -4.12 41.82 9.20
C THR C 108 -3.08 42.20 10.24
N ASN C 109 -3.32 43.34 10.90
CA ASN C 109 -2.45 43.88 11.93
C ASN C 109 -3.03 43.82 13.34
N THR C 110 -4.33 43.58 13.48
CA THR C 110 -5.00 43.62 14.77
C THR C 110 -5.06 42.23 15.39
N SER C 111 -4.87 42.16 16.70
CA SER C 111 -4.98 40.91 17.44
C SER C 111 -6.44 40.50 17.58
N ILE C 112 -6.66 39.18 17.69
CA ILE C 112 -7.93 38.63 18.14
C ILE C 112 -7.72 37.74 19.37
N ILE C 113 -6.52 37.17 19.51
CA ILE C 113 -6.15 36.30 20.61
C ILE C 113 -4.92 36.90 21.28
N ASN C 114 -4.99 37.09 22.59
CA ASN C 114 -3.95 37.73 23.38
C ASN C 114 -3.44 36.80 24.48
N HIS C 115 -3.24 35.53 24.15
CA HIS C 115 -2.70 34.56 25.08
C HIS C 115 -1.95 33.50 24.31
N LYS C 116 -0.87 33.00 24.92
CA LYS C 116 -0.01 31.99 24.29
C LYS C 116 -0.45 30.57 24.68
N PHE C 117 -1.75 30.30 24.47
CA PHE C 117 -2.34 29.00 24.74
C PHE C 117 -3.02 28.49 23.49
N CYS C 118 -3.15 27.17 23.39
CA CYS C 118 -3.96 26.57 22.32
C CYS C 118 -4.46 25.22 22.82
N ASN C 119 -5.71 25.20 23.30
CA ASN C 119 -6.33 24.02 23.89
C ASN C 119 -6.74 23.04 22.79
N LEU C 120 -5.74 22.40 22.17
CA LEU C 120 -6.05 21.40 21.16
C LEU C 120 -6.63 20.14 21.80
N SER C 121 -6.00 19.65 22.87
CA SER C 121 -6.44 18.42 23.51
C SER C 121 -7.84 18.56 24.10
N ASP C 122 -8.09 19.66 24.80
CA ASP C 122 -9.42 19.86 25.39
C ASP C 122 -10.47 20.08 24.31
N ALA C 123 -10.09 20.75 23.22
CA ALA C 123 -11.01 20.91 22.09
C ALA C 123 -11.40 19.55 21.52
N HIS C 124 -10.41 18.66 21.37
CA HIS C 124 -10.71 17.30 20.90
C HIS C 124 -11.60 16.56 21.89
N LYS C 125 -11.33 16.73 23.19
CA LYS C 125 -12.11 16.02 24.21
C LYS C 125 -13.57 16.46 24.19
N LYS C 126 -13.82 17.77 24.06
CA LYS C 126 -15.18 18.28 24.13
C LYS C 126 -15.94 18.19 22.81
N ASN C 127 -15.26 17.93 21.69
CA ASN C 127 -15.87 17.92 20.35
C ASN C 127 -16.47 19.32 20.12
N LEU C 128 -17.76 19.44 19.79
CA LEU C 128 -18.51 20.67 19.57
C LEU C 128 -18.11 21.45 18.32
N TYR C 129 -17.09 21.02 17.57
CA TYR C 129 -16.61 21.72 16.39
C TYR C 129 -17.03 20.98 15.13
N ASP C 130 -17.00 21.69 14.01
CA ASP C 130 -17.20 21.06 12.72
C ASP C 130 -15.96 20.24 12.36
N HIS C 131 -16.17 18.97 12.04
CA HIS C 131 -15.02 18.09 11.81
C HIS C 131 -14.29 18.43 10.52
N ALA C 132 -15.02 18.85 9.49
CA ALA C 132 -14.38 19.21 8.23
C ALA C 132 -13.47 20.42 8.39
N LEU C 133 -13.94 21.45 9.11
CA LEU C 133 -13.12 22.63 9.34
C LEU C 133 -11.89 22.29 10.19
N MET C 134 -12.07 21.42 11.19
CA MET C 134 -10.93 20.98 11.98
C MET C 134 -9.91 20.24 11.12
N SER C 135 -10.37 19.37 10.23
CA SER C 135 -9.45 18.66 9.36
C SER C 135 -8.74 19.62 8.40
N ILE C 136 -9.44 20.65 7.93
CA ILE C 136 -8.81 21.60 7.02
C ILE C 136 -7.72 22.39 7.74
N ILE C 137 -7.99 22.87 8.96
CA ILE C 137 -6.94 23.62 9.66
C ILE C 137 -5.81 22.68 10.08
N SER C 138 -6.11 21.40 10.33
CA SER C 138 -5.05 20.45 10.59
C SER C 138 -4.16 20.27 9.36
N THR C 139 -4.77 20.20 8.18
CA THR C 139 -4.00 20.12 6.94
C THR C 139 -3.17 21.38 6.73
N PHE C 140 -3.72 22.53 7.09
CA PHE C 140 -2.95 23.77 7.00
C PHE C 140 -1.74 23.72 7.91
N HIS C 141 -1.95 23.40 9.20
CA HIS C 141 -0.85 23.43 10.15
C HIS C 141 0.21 22.39 9.83
N LEU C 142 -0.21 21.17 9.48
CA LEU C 142 0.77 20.12 9.17
C LEU C 142 1.51 20.41 7.87
N SER C 143 0.97 21.26 7.00
CA SER C 143 1.61 21.62 5.75
C SER C 143 2.59 22.78 5.88
N ILE C 144 2.69 23.41 7.04
CA ILE C 144 3.62 24.53 7.24
C ILE C 144 5.02 23.95 7.17
N PRO C 145 5.90 24.39 6.26
CA PRO C 145 7.25 23.82 6.24
C PRO C 145 8.11 24.37 7.37
N ASN C 146 8.78 23.46 8.08
CA ASN C 146 9.84 23.78 9.02
C ASN C 146 9.30 24.64 10.17
N PHE C 147 8.29 24.10 10.86
CA PHE C 147 7.64 24.80 11.97
C PHE C 147 8.31 24.39 13.27
N ASN C 148 8.81 25.38 14.03
CA ASN C 148 9.51 25.12 15.28
C ASN C 148 9.22 26.14 16.39
N GLN C 149 8.31 27.08 16.19
CA GLN C 149 7.97 28.12 17.16
C GLN C 149 6.51 27.95 17.55
N TYR C 150 6.26 27.23 18.65
CA TYR C 150 4.88 26.99 19.07
C TYR C 150 4.21 28.26 19.56
N GLU C 151 4.97 29.20 20.13
CA GLU C 151 4.37 30.41 20.66
C GLU C 151 3.76 31.30 19.59
N ALA C 152 4.15 31.13 18.33
CA ALA C 152 3.53 31.89 17.26
C ALA C 152 2.05 31.55 17.10
N MET C 153 1.72 30.27 17.23
CA MET C 153 0.34 29.80 17.07
C MET C 153 -0.44 30.01 18.37
N SER C 154 -1.68 30.46 18.23
CA SER C 154 -2.60 30.58 19.36
C SER C 154 -3.99 30.22 18.89
N CYS C 155 -4.82 29.75 19.81
CA CYS C 155 -6.18 29.32 19.48
C CYS C 155 -6.98 29.19 20.77
N ASP C 156 -8.30 29.21 20.65
CA ASP C 156 -9.21 29.03 21.79
C ASP C 156 -10.13 27.83 21.63
N PHE C 157 -10.86 27.73 20.53
CA PHE C 157 -11.82 26.63 20.28
C PHE C 157 -12.90 26.53 21.35
N ASN C 158 -13.17 27.59 22.12
CA ASN C 158 -14.21 27.51 23.13
C ASN C 158 -15.59 27.62 22.50
N GLY C 159 -16.55 26.94 23.09
CA GLY C 159 -17.91 26.93 22.57
C GLY C 159 -18.08 26.20 21.26
N GLY C 160 -17.07 25.46 20.79
CA GLY C 160 -17.15 24.75 19.54
C GLY C 160 -16.72 25.52 18.31
N LYS C 161 -16.37 26.80 18.45
CA LYS C 161 -15.95 27.59 17.30
C LYS C 161 -14.56 27.15 16.86
N ILE C 162 -14.04 27.83 15.83
CA ILE C 162 -12.67 27.67 15.37
C ILE C 162 -12.07 29.05 15.22
N SER C 163 -10.90 29.26 15.82
CA SER C 163 -10.22 30.56 15.74
C SER C 163 -8.74 30.30 16.00
N VAL C 164 -7.92 30.44 14.97
CA VAL C 164 -6.48 30.22 15.03
C VAL C 164 -5.79 31.51 14.61
N GLN C 165 -4.70 31.85 15.28
CA GLN C 165 -3.92 33.03 14.98
C GLN C 165 -2.45 32.63 14.86
N TYR C 166 -1.83 33.00 13.75
CA TYR C 166 -0.40 32.83 13.53
C TYR C 166 0.25 34.20 13.62
N ASN C 167 1.25 34.31 14.49
CA ASN C 167 1.93 35.57 14.80
C ASN C 167 3.11 35.71 13.85
N LEU C 168 2.90 36.44 12.76
CA LEU C 168 3.92 36.57 11.72
C LEU C 168 4.97 37.64 12.05
N SER C 169 4.85 38.33 13.17
CA SER C 169 5.83 39.34 13.55
C SER C 169 7.13 38.67 14.00
N HIS C 179 12.28 38.49 9.43
CA HIS C 179 13.59 38.23 8.88
C HIS C 179 13.54 37.06 7.90
N CYS C 180 14.48 37.02 6.96
CA CYS C 180 14.53 35.94 5.99
C CYS C 180 14.87 34.62 6.67
N GLY C 181 14.17 33.56 6.27
CA GLY C 181 14.41 32.25 6.84
C GLY C 181 13.88 32.11 8.25
N THR C 182 12.57 32.15 8.40
CA THR C 182 11.90 32.19 9.71
C THR C 182 10.68 31.28 9.65
N VAL C 183 9.80 31.44 10.64
CA VAL C 183 8.54 30.68 10.66
C VAL C 183 7.43 31.40 9.93
N ALA C 184 7.47 32.73 9.88
CA ALA C 184 6.43 33.49 9.20
C ALA C 184 6.40 33.19 7.70
N ASN C 185 7.57 33.05 7.07
CA ASN C 185 7.60 32.84 5.62
C ASN C 185 7.02 31.49 5.26
N GLY C 186 7.22 30.47 6.09
CA GLY C 186 6.58 29.19 5.85
C GLY C 186 5.06 29.28 5.96
N VAL C 187 4.57 30.07 6.92
CA VAL C 187 3.13 30.28 7.05
C VAL C 187 2.59 30.98 5.80
N LEU C 188 3.29 31.99 5.31
CA LEU C 188 2.84 32.64 4.08
C LEU C 188 2.91 31.70 2.89
N GLN C 189 3.91 30.82 2.85
CA GLN C 189 4.01 29.85 1.76
C GLN C 189 2.79 28.94 1.75
N THR C 190 2.45 28.38 2.90
CA THR C 190 1.27 27.50 2.96
C THR C 190 -0.01 28.29 2.73
N PHE C 191 -0.06 29.55 3.17
CA PHE C 191 -1.23 30.39 2.96
C PHE C 191 -1.45 30.64 1.47
N MET C 192 -0.38 30.91 0.72
CA MET C 192 -0.53 31.07 -0.72
C MET C 192 -0.91 29.76 -1.38
N ARG C 193 -0.31 28.64 -0.94
CA ARG C 193 -0.65 27.35 -1.55
C ARG C 193 -2.08 26.94 -1.27
N MET C 194 -2.68 27.42 -0.18
CA MET C 194 -4.09 27.15 0.07
C MET C 194 -4.95 28.00 -0.88
N ALA C 195 -4.88 29.33 -0.75
CA ALA C 195 -5.63 30.25 -1.61
C ALA C 195 -4.81 30.56 -2.87
N TRP C 196 -4.59 29.51 -3.66
CA TRP C 196 -3.72 29.62 -4.82
C TRP C 196 -4.30 30.56 -5.88
N GLY C 197 -5.62 30.74 -5.91
CA GLY C 197 -6.23 31.52 -6.97
C GLY C 197 -5.85 33.00 -6.94
N GLY C 198 -5.87 33.61 -5.75
CA GLY C 198 -5.74 35.05 -5.63
C GLY C 198 -4.85 35.53 -4.48
N SER C 199 -3.95 34.68 -4.01
CA SER C 199 -2.98 35.07 -3.01
C SER C 199 -1.74 35.73 -3.59
N TYR C 200 -1.56 35.72 -4.92
CA TYR C 200 -0.38 36.33 -5.52
C TYR C 200 -0.37 37.85 -5.34
N ILE C 201 -1.55 38.48 -5.28
CA ILE C 201 -1.59 39.92 -5.06
C ILE C 201 -1.10 40.27 -3.66
N ALA C 202 -1.32 39.39 -2.68
CA ALA C 202 -0.84 39.61 -1.33
C ALA C 202 0.67 39.42 -1.25
N GLY C 206 7.85 38.49 -4.95
CA GLY C 206 8.40 38.23 -6.26
C GLY C 206 8.79 36.78 -6.46
N CYS C 207 8.87 36.36 -7.73
CA CYS C 207 9.24 34.98 -8.02
C CYS C 207 10.67 34.68 -7.58
N GLY C 208 11.58 35.61 -7.79
CA GLY C 208 12.97 35.39 -7.39
C GLY C 208 13.12 35.21 -5.89
N ASN C 209 12.35 35.98 -5.12
CA ASN C 209 12.38 35.88 -3.66
C ASN C 209 11.37 34.85 -3.20
N TRP C 210 11.72 33.58 -3.42
CA TRP C 210 10.98 32.44 -2.91
C TRP C 210 11.71 31.88 -1.69
N ASP C 211 10.93 31.49 -0.67
CA ASP C 211 11.41 31.04 0.64
C ASP C 211 12.05 32.17 1.44
N CYS C 212 11.93 33.42 0.99
CA CYS C 212 12.41 34.60 1.70
C CYS C 212 11.32 35.66 1.69
N ILE C 213 10.06 35.22 1.76
CA ILE C 213 8.92 36.11 1.57
C ILE C 213 8.56 36.76 2.89
N MET C 214 7.99 37.96 2.79
CA MET C 214 7.54 38.71 3.96
C MET C 214 6.41 39.61 3.54
N THR C 215 5.52 39.89 4.48
CA THR C 215 4.36 40.75 4.27
C THR C 215 4.29 41.79 5.36
N SER C 216 3.71 42.95 5.04
CA SER C 216 3.51 43.99 6.05
C SER C 216 2.57 43.53 7.15
N TYR C 217 1.63 42.65 6.83
CA TYR C 217 0.67 42.17 7.81
C TYR C 217 1.35 41.35 8.90
N GLN C 218 0.92 41.57 10.14
CA GLN C 218 1.55 40.96 11.31
C GLN C 218 0.94 39.63 11.72
N TYR C 219 -0.33 39.40 11.41
CA TYR C 219 -1.10 38.29 11.94
C TYR C 219 -1.88 37.62 10.81
N LEU C 220 -2.02 36.30 10.91
CA LEU C 220 -2.89 35.52 10.04
C LEU C 220 -3.96 34.86 10.90
N ILE C 221 -5.22 35.20 10.65
CA ILE C 221 -6.37 34.70 11.42
C ILE C 221 -7.13 33.74 10.54
N ILE C 222 -7.28 32.50 11.01
CA ILE C 222 -8.07 31.46 10.37
C ILE C 222 -9.26 31.19 11.28
N GLN C 223 -10.44 31.63 10.89
CA GLN C 223 -11.62 31.54 11.75
C GLN C 223 -12.84 31.11 10.95
N ASN C 224 -13.68 30.29 11.55
CA ASN C 224 -14.87 29.80 10.88
C ASN C 224 -15.84 30.93 10.57
N THR C 225 -16.72 30.68 9.62
CA THR C 225 -17.70 31.67 9.21
C THR C 225 -18.83 30.96 8.47
N THR C 226 -19.99 31.62 8.44
CA THR C 226 -21.09 31.20 7.59
C THR C 226 -20.86 31.72 6.17
N TRP C 227 -21.47 31.05 5.20
CA TRP C 227 -21.13 31.23 3.80
C TRP C 227 -22.03 32.28 3.14
N GLU C 228 -21.39 33.31 2.58
CA GLU C 228 -22.00 34.24 1.62
C GLU C 228 -21.17 34.22 0.35
N ASP C 229 -21.58 35.02 -0.63
CA ASP C 229 -20.83 35.16 -1.89
C ASP C 229 -19.63 36.04 -1.63
N HIS C 230 -18.50 35.41 -1.31
CA HIS C 230 -17.26 36.10 -1.00
C HIS C 230 -16.31 36.21 -2.19
N CYS C 231 -16.50 35.42 -3.24
CA CYS C 231 -15.55 35.36 -4.35
C CYS C 231 -15.82 36.53 -5.29
N GLN C 232 -15.11 37.63 -5.06
CA GLN C 232 -15.15 38.82 -5.90
C GLN C 232 -13.89 39.01 -6.73
N PHE C 233 -12.74 38.52 -6.26
CA PHE C 233 -11.48 38.67 -6.98
C PHE C 233 -11.21 37.51 -7.92
N SER C 234 -11.21 36.28 -7.39
CA SER C 234 -10.91 35.07 -8.15
C SER C 234 -12.01 34.04 -7.91
N ARG C 235 -12.17 33.14 -8.89
CA ARG C 235 -13.21 32.13 -8.81
C ARG C 235 -12.85 31.09 -7.75
N PRO C 236 -13.84 30.37 -7.21
CA PRO C 236 -13.51 29.25 -6.32
C PRO C 236 -12.83 28.13 -7.08
N SER C 237 -12.03 27.35 -6.34
CA SER C 237 -11.32 26.24 -6.95
C SER C 237 -10.85 25.28 -5.87
N PRO C 238 -10.85 23.97 -6.09
CA PRO C 238 -10.34 23.04 -5.07
C PRO C 238 -8.85 22.78 -5.14
N ILE C 239 -8.13 23.36 -6.11
CA ILE C 239 -6.79 22.88 -6.46
C ILE C 239 -5.82 23.13 -5.31
N GLY C 240 -5.98 24.24 -4.59
CA GLY C 240 -5.06 24.51 -3.50
C GLY C 240 -5.11 23.47 -2.41
N TYR C 241 -6.32 23.14 -1.95
CA TYR C 241 -6.47 22.14 -0.89
C TYR C 241 -6.04 20.75 -1.35
N LEU C 242 -6.43 20.36 -2.56
CA LEU C 242 -6.06 19.04 -3.07
C LEU C 242 -4.56 18.93 -3.26
N GLY C 243 -3.94 19.98 -3.78
CA GLY C 243 -2.49 19.97 -3.94
C GLY C 243 -1.75 19.96 -2.62
N LEU C 244 -2.29 20.64 -1.60
CA LEU C 244 -1.63 20.68 -0.31
C LEU C 244 -1.89 19.44 0.55
N LEU C 245 -2.88 18.62 0.20
CA LEU C 245 -3.12 17.39 0.96
C LEU C 245 -1.90 16.47 0.96
N SER C 246 -1.07 16.51 -0.09
CA SER C 246 0.16 15.73 -0.12
C SER C 246 1.30 16.35 0.67
N GLN C 247 1.19 17.62 1.08
CA GLN C 247 2.24 18.28 1.85
C GLN C 247 2.24 17.91 3.33
N ARG C 248 1.18 17.27 3.83
CA ARG C 248 1.04 17.04 5.25
C ARG C 248 2.15 16.14 5.79
N THR C 249 2.75 16.55 6.91
CA THR C 249 3.79 15.79 7.62
C THR C 249 4.97 15.48 6.70
N ARG C 250 5.31 16.43 5.81
CA ARG C 250 6.40 16.28 4.86
C ARG C 250 7.67 16.98 5.31
N ASP C 251 7.56 18.19 5.86
CA ASP C 251 8.70 18.99 6.31
C ASP C 251 8.72 19.16 7.82
N ILE C 252 7.91 18.41 8.57
CA ILE C 252 7.83 18.59 10.01
C ILE C 252 9.12 18.13 10.68
N TYR C 253 9.59 18.93 11.64
CA TYR C 253 10.68 18.55 12.51
C TYR C 253 10.23 17.52 13.54
N ILE C 254 11.20 16.83 14.11
CA ILE C 254 10.97 15.95 15.25
C ILE C 254 11.08 16.78 16.53
N SER C 255 10.07 16.67 17.39
CA SER C 255 10.06 17.30 18.70
C SER C 255 10.27 16.30 19.83
N ARG C 256 10.37 15.01 19.54
CA ARG C 256 10.49 13.99 20.56
C ARG C 256 11.07 12.74 19.92
N ARG C 257 11.63 11.87 20.76
CA ARG C 257 12.31 10.68 20.27
C ARG C 257 11.35 9.60 19.79
N LEU C 258 10.10 9.60 20.26
CA LEU C 258 9.05 8.71 19.78
C LEU C 258 7.88 9.55 19.27
N LEU C 259 7.59 9.43 17.98
CA LEU C 259 6.46 10.12 17.37
C LEU C 259 5.21 9.23 17.44
N SER D 60 33.19 -1.11 -28.93
CA SER D 60 32.50 -2.32 -29.34
C SER D 60 31.34 -2.01 -30.26
N LEU D 61 31.34 -2.64 -31.44
CA LEU D 61 30.29 -2.46 -32.44
C LEU D 61 29.28 -3.59 -32.28
N TYR D 62 28.02 -3.22 -32.05
CA TYR D 62 26.92 -4.17 -31.90
C TYR D 62 26.08 -4.16 -33.16
N LYS D 63 26.00 -5.33 -33.81
CA LYS D 63 25.29 -5.49 -35.08
C LYS D 63 25.84 -4.54 -36.15
N GLY D 64 27.16 -4.34 -36.13
CA GLY D 64 27.84 -3.62 -37.18
C GLY D 64 27.70 -2.10 -37.12
N VAL D 65 26.50 -1.60 -37.43
CA VAL D 65 26.34 -0.16 -37.62
C VAL D 65 26.44 0.58 -36.30
N TYR D 66 25.92 0.01 -35.21
CA TYR D 66 25.81 0.73 -33.96
C TYR D 66 27.11 0.64 -33.16
N GLU D 67 27.34 1.68 -32.35
CA GLU D 67 28.49 1.78 -31.47
C GLU D 67 28.00 2.06 -30.06
N LEU D 68 28.61 1.39 -29.07
CA LEU D 68 28.25 1.57 -27.68
C LEU D 68 29.10 2.68 -27.08
N GLN D 69 28.44 3.64 -26.43
CA GLN D 69 29.09 4.77 -25.80
C GLN D 69 28.48 4.97 -24.42
N THR D 70 29.27 5.59 -23.53
CA THR D 70 28.91 5.74 -22.13
C THR D 70 29.10 7.17 -21.68
N LEU D 71 28.25 7.60 -20.73
CA LEU D 71 28.37 8.88 -20.07
C LEU D 71 28.19 8.67 -18.57
N GLU D 72 28.90 9.49 -17.79
CA GLU D 72 28.79 9.48 -16.33
C GLU D 72 28.38 10.87 -15.87
N LEU D 73 27.23 10.94 -15.19
CA LEU D 73 26.72 12.22 -14.75
C LEU D 73 27.53 12.76 -13.58
N ASN D 74 27.82 14.07 -13.63
CA ASN D 74 28.48 14.77 -12.54
C ASN D 74 27.40 15.29 -11.60
N MET D 75 26.99 14.41 -10.67
CA MET D 75 25.93 14.77 -9.73
C MET D 75 26.40 15.75 -8.66
N GLU D 76 27.71 16.03 -8.58
CA GLU D 76 28.19 17.02 -7.62
C GLU D 76 27.72 18.42 -7.94
N THR D 77 27.33 18.70 -9.18
CA THR D 77 26.84 20.02 -9.55
C THR D 77 25.41 20.28 -9.07
N LEU D 78 24.75 19.30 -8.44
CA LEU D 78 23.43 19.47 -7.85
C LEU D 78 23.50 19.92 -6.39
N ASN D 79 24.66 20.41 -5.95
CA ASN D 79 24.89 20.84 -4.57
C ASN D 79 24.00 21.99 -4.11
N MET D 80 23.80 23.02 -4.94
CA MET D 80 23.06 24.21 -4.50
C MET D 80 21.57 23.96 -4.31
N THR D 81 21.00 22.95 -4.95
CA THR D 81 19.55 22.73 -4.93
C THR D 81 19.13 21.65 -3.94
N MET D 82 19.97 20.64 -3.71
CA MET D 82 19.60 19.51 -2.86
C MET D 82 20.87 18.92 -2.27
N PRO D 83 20.77 18.20 -1.14
CA PRO D 83 21.97 17.69 -0.49
C PRO D 83 22.52 16.49 -1.24
N LEU D 84 23.81 16.20 -0.97
CA LEU D 84 24.53 15.14 -1.66
C LEU D 84 25.18 14.22 -0.63
N SER D 85 24.72 12.97 -0.60
CA SER D 85 25.34 11.96 0.23
C SER D 85 26.64 11.48 -0.39
N CYS D 86 27.59 11.11 0.47
CA CYS D 86 28.90 10.68 0.02
C CYS D 86 29.54 9.86 1.13
N THR D 87 30.61 9.15 0.77
CA THR D 87 31.30 8.24 1.67
C THR D 87 32.79 8.44 1.58
N LYS D 88 33.45 8.59 2.74
CA LYS D 88 34.93 8.70 2.77
C LYS D 88 35.50 7.31 3.05
N ASN D 89 34.93 6.59 4.03
CA ASN D 89 35.38 5.23 4.37
C ASN D 89 34.25 4.51 5.11
N ASN D 90 34.36 3.19 5.30
CA ASN D 90 33.32 2.40 6.00
C ASN D 90 32.94 3.07 7.33
N SER D 91 33.86 3.84 7.93
CA SER D 91 33.59 4.42 9.24
C SER D 91 33.07 5.85 9.19
N HIS D 92 33.26 6.56 8.07
CA HIS D 92 32.86 7.95 7.93
C HIS D 92 32.05 8.14 6.65
N HIS D 93 30.89 8.77 6.78
CA HIS D 93 30.04 9.16 5.66
C HIS D 93 29.60 10.61 5.88
N TYR D 94 29.27 11.29 4.79
CA TYR D 94 29.05 12.73 4.81
C TYR D 94 27.83 13.08 3.97
N ILE D 95 27.24 14.23 4.27
CA ILE D 95 26.11 14.77 3.53
C ILE D 95 26.38 16.24 3.30
N MET D 96 26.78 16.59 2.09
CA MET D 96 26.86 18.00 1.68
C MET D 96 25.48 18.63 1.74
N VAL D 97 25.41 19.84 2.30
CA VAL D 97 24.24 20.72 2.15
C VAL D 97 24.83 22.05 1.70
N GLY D 98 24.96 22.25 0.40
CA GLY D 98 25.70 23.38 -0.12
C GLY D 98 27.19 23.21 0.12
N ASN D 99 27.97 24.14 -0.45
CA ASN D 99 29.42 24.07 -0.37
C ASN D 99 29.97 24.63 0.93
N GLU D 100 29.11 25.02 1.88
CA GLU D 100 29.54 25.64 3.14
C GLU D 100 29.39 24.75 4.36
N THR D 101 28.54 23.71 4.31
CA THR D 101 28.28 22.91 5.50
C THR D 101 27.73 21.55 5.11
N GLY D 102 27.64 20.68 6.10
CA GLY D 102 27.08 19.37 5.90
C GLY D 102 27.03 18.61 7.21
N LEU D 103 26.57 17.37 7.10
CA LEU D 103 26.51 16.44 8.22
C LEU D 103 27.60 15.39 8.09
N GLU D 104 28.11 14.95 9.24
CA GLU D 104 29.12 13.91 9.35
C GLU D 104 28.52 12.77 10.15
N LEU D 105 28.23 11.66 9.49
CA LEU D 105 27.76 10.43 10.11
C LEU D 105 28.95 9.50 10.28
N THR D 106 29.07 8.91 11.47
CA THR D 106 30.20 8.03 11.76
C THR D 106 29.74 6.87 12.63
N LEU D 107 29.95 5.65 12.16
CA LEU D 107 29.92 4.49 13.02
C LEU D 107 31.24 4.42 13.77
N THR D 108 31.19 4.30 15.08
CA THR D 108 32.40 4.35 15.90
C THR D 108 32.16 3.59 17.20
N ASN D 109 33.20 3.58 18.04
CA ASN D 109 33.18 2.95 19.36
C ASN D 109 33.22 3.95 20.50
N THR D 110 33.68 5.18 20.25
CA THR D 110 33.80 6.21 21.28
C THR D 110 32.62 7.16 21.18
N SER D 111 31.86 7.29 22.27
CA SER D 111 30.74 8.20 22.32
C SER D 111 31.23 9.63 22.60
N ILE D 112 30.31 10.59 22.42
CA ILE D 112 30.59 11.99 22.71
C ILE D 112 29.52 12.62 23.61
N ILE D 113 28.41 11.92 23.84
CA ILE D 113 27.23 12.50 24.46
C ILE D 113 27.24 12.17 25.94
N ASN D 114 27.22 10.87 26.27
CA ASN D 114 27.33 10.38 27.64
C ASN D 114 26.19 10.88 28.54
N HIS D 115 24.98 10.89 27.99
CA HIS D 115 23.77 11.15 28.78
C HIS D 115 22.56 10.76 27.94
N LYS D 116 21.41 10.61 28.59
CA LYS D 116 20.19 10.12 27.92
C LYS D 116 19.19 11.26 27.76
N PHE D 117 19.62 12.42 27.28
CA PHE D 117 18.76 13.60 27.07
C PHE D 117 18.77 13.99 25.60
N CYS D 118 17.62 14.20 24.99
CA CYS D 118 17.51 14.71 23.59
C CYS D 118 16.54 15.88 23.66
N ASN D 119 16.99 17.06 24.10
CA ASN D 119 16.08 18.21 24.30
C ASN D 119 15.86 18.88 22.96
N LEU D 120 15.13 18.22 22.07
CA LEU D 120 14.80 18.79 20.74
C LEU D 120 13.89 20.00 20.93
N SER D 121 12.95 19.94 21.88
CA SER D 121 11.97 21.02 22.13
C SER D 121 12.65 22.32 22.57
N ASP D 122 13.64 22.26 23.45
CA ASP D 122 14.42 23.45 23.88
C ASP D 122 15.24 23.92 22.68
N ALA D 123 15.75 23.00 21.86
CA ALA D 123 16.54 23.31 20.66
C ALA D 123 15.68 24.09 19.68
N HIS D 124 14.41 23.71 19.54
CA HIS D 124 13.44 24.38 18.63
C HIS D 124 13.11 25.75 19.19
N LYS D 125 12.79 25.85 20.49
CA LYS D 125 12.45 27.14 21.07
C LYS D 125 13.58 28.14 20.90
N LYS D 126 14.83 27.72 21.12
CA LYS D 126 15.95 28.63 20.96
C LYS D 126 16.17 29.00 19.50
N ASN D 127 16.09 28.01 18.61
CA ASN D 127 16.15 28.25 17.16
C ASN D 127 17.49 28.84 16.74
N LEU D 128 18.58 28.20 17.19
CA LEU D 128 19.94 28.61 16.90
C LEU D 128 20.66 27.67 15.91
N TYR D 129 19.94 26.78 15.25
CA TYR D 129 20.51 25.76 14.39
C TYR D 129 20.22 26.06 12.93
N ASP D 130 20.89 25.32 12.05
CA ASP D 130 20.60 25.35 10.62
C ASP D 130 19.32 24.56 10.36
N HIS D 131 18.40 25.15 9.61
CA HIS D 131 17.10 24.49 9.39
C HIS D 131 17.25 23.31 8.44
N ALA D 132 18.13 23.43 7.44
CA ALA D 132 18.32 22.32 6.50
C ALA D 132 18.90 21.10 7.21
N LEU D 133 19.90 21.32 8.08
CA LEU D 133 20.49 20.21 8.83
C LEU D 133 19.45 19.58 9.75
N MET D 134 18.63 20.38 10.42
CA MET D 134 17.61 19.83 11.29
C MET D 134 16.57 19.05 10.50
N SER D 135 16.21 19.51 9.31
CA SER D 135 15.26 18.77 8.49
C SER D 135 15.87 17.44 8.02
N ILE D 136 17.17 17.43 7.71
CA ILE D 136 17.80 16.17 7.34
C ILE D 136 17.85 15.21 8.53
N ILE D 137 18.12 15.74 9.73
CA ILE D 137 18.09 14.90 10.93
C ILE D 137 16.70 14.35 11.16
N SER D 138 15.66 15.16 10.92
CA SER D 138 14.30 14.70 11.09
C SER D 138 13.97 13.60 10.08
N THR D 139 14.42 13.77 8.83
CA THR D 139 14.20 12.74 7.83
C THR D 139 14.92 11.45 8.20
N PHE D 140 16.13 11.56 8.76
CA PHE D 140 16.85 10.37 9.20
C PHE D 140 16.12 9.68 10.33
N HIS D 141 15.72 10.42 11.35
CA HIS D 141 15.12 9.81 12.53
C HIS D 141 13.76 9.21 12.23
N LEU D 142 12.91 9.94 11.50
CA LEU D 142 11.59 9.43 11.17
C LEU D 142 11.68 8.20 10.27
N SER D 143 12.71 8.14 9.43
CA SER D 143 12.87 7.02 8.51
C SER D 143 13.27 5.71 9.18
N ILE D 144 13.61 5.73 10.47
CA ILE D 144 14.05 4.51 11.15
C ILE D 144 12.84 3.59 11.27
N PRO D 145 12.87 2.36 10.76
CA PRO D 145 11.66 1.51 10.87
C PRO D 145 11.52 0.95 12.27
N ASN D 146 10.37 1.18 12.89
CA ASN D 146 10.04 0.61 14.20
C ASN D 146 11.03 1.04 15.28
N PHE D 147 11.10 2.36 15.49
CA PHE D 147 11.90 2.93 16.57
C PHE D 147 11.02 3.01 17.81
N ASN D 148 11.44 2.32 18.88
CA ASN D 148 10.68 2.24 20.12
C ASN D 148 11.51 2.48 21.38
N GLN D 149 12.83 2.45 21.30
CA GLN D 149 13.71 2.67 22.44
C GLN D 149 14.17 4.13 22.41
N TYR D 150 13.46 4.99 23.15
CA TYR D 150 13.84 6.39 23.22
C TYR D 150 15.18 6.56 23.92
N GLU D 151 15.50 5.67 24.87
CA GLU D 151 16.79 5.75 25.56
C GLU D 151 17.97 5.51 24.63
N ALA D 152 17.75 4.85 23.49
CA ALA D 152 18.85 4.57 22.57
C ALA D 152 19.43 5.86 21.99
N MET D 153 18.56 6.78 21.56
CA MET D 153 19.01 8.04 20.97
C MET D 153 19.18 9.08 22.07
N SER D 154 20.26 9.86 22.01
CA SER D 154 20.55 10.95 22.95
C SER D 154 21.27 12.04 22.16
N CYS D 155 20.83 13.29 22.20
CA CYS D 155 21.38 14.36 21.33
C CYS D 155 21.75 15.64 22.08
N ASP D 156 22.75 16.39 21.60
CA ASP D 156 23.17 17.69 22.18
C ASP D 156 23.05 18.78 21.11
N PHE D 157 22.24 19.81 21.33
CA PHE D 157 22.04 20.93 20.37
C PHE D 157 22.53 22.22 21.02
N ASN D 158 23.37 22.11 22.05
CA ASN D 158 23.91 23.26 22.81
C ASN D 158 24.57 24.27 21.86
N GLY D 159 24.39 25.56 22.10
CA GLY D 159 24.96 26.61 21.29
C GLY D 159 24.53 26.59 19.84
N GLY D 160 23.43 25.93 19.51
CA GLY D 160 22.95 25.85 18.16
C GLY D 160 23.54 24.77 17.30
N LYS D 161 24.50 23.98 17.83
CA LYS D 161 25.10 22.92 17.05
C LYS D 161 24.10 21.78 16.88
N ILE D 162 24.55 20.72 16.19
CA ILE D 162 23.78 19.49 16.02
C ILE D 162 24.70 18.33 16.36
N SER D 163 24.24 17.45 17.24
CA SER D 163 25.02 16.27 17.64
C SER D 163 24.02 15.24 18.14
N VAL D 164 23.84 14.17 17.38
CA VAL D 164 22.86 13.12 17.68
C VAL D 164 23.59 11.79 17.71
N GLN D 165 23.50 11.08 18.83
CA GLN D 165 24.15 9.79 19.03
C GLN D 165 23.09 8.72 19.17
N TYR D 166 23.21 7.66 18.35
CA TYR D 166 22.40 6.47 18.47
C TYR D 166 23.25 5.37 19.11
N ASN D 167 22.76 4.81 20.20
CA ASN D 167 23.44 3.76 20.95
C ASN D 167 23.07 2.42 20.33
N LEU D 168 23.97 1.86 19.51
CA LEU D 168 23.69 0.62 18.80
C LEU D 168 23.93 -0.63 19.63
N SER D 169 24.25 -0.50 20.92
CA SER D 169 24.45 -1.66 21.77
C SER D 169 23.15 -2.44 21.95
N HIS D 179 21.24 -9.86 16.91
CA HIS D 179 19.94 -10.47 17.13
C HIS D 179 19.03 -9.71 16.15
N CYS D 180 18.14 -10.41 15.46
CA CYS D 180 17.31 -9.78 14.44
C CYS D 180 16.31 -8.83 15.09
N GLY D 181 15.89 -7.82 14.33
CA GLY D 181 14.83 -6.92 14.75
C GLY D 181 15.09 -6.07 15.97
N THR D 182 16.25 -5.44 16.06
CA THR D 182 16.61 -4.52 17.13
C THR D 182 16.62 -3.09 16.61
N VAL D 183 16.72 -2.14 17.54
CA VAL D 183 16.78 -0.74 17.17
C VAL D 183 18.06 -0.44 16.40
N ALA D 184 19.15 -1.11 16.75
CA ALA D 184 20.40 -0.94 16.00
C ALA D 184 20.23 -1.38 14.56
N ASN D 185 19.46 -2.44 14.33
CA ASN D 185 19.20 -2.88 12.96
C ASN D 185 18.45 -1.82 12.16
N GLY D 186 17.44 -1.20 12.76
CA GLY D 186 16.72 -0.15 12.05
C GLY D 186 17.59 1.07 11.79
N VAL D 187 18.40 1.45 12.78
CA VAL D 187 19.28 2.60 12.60
C VAL D 187 20.28 2.34 11.49
N LEU D 188 20.87 1.13 11.46
CA LEU D 188 21.78 0.80 10.37
C LEU D 188 21.05 0.68 9.04
N GLN D 189 19.80 0.22 9.04
CA GLN D 189 19.05 0.16 7.78
C GLN D 189 18.86 1.55 7.19
N THR D 190 18.55 2.53 8.03
CA THR D 190 18.45 3.90 7.53
C THR D 190 19.81 4.47 7.17
N PHE D 191 20.86 4.10 7.91
CA PHE D 191 22.20 4.61 7.64
C PHE D 191 22.71 4.12 6.29
N MET D 192 22.47 2.85 5.96
CA MET D 192 22.90 2.31 4.67
C MET D 192 22.17 2.97 3.50
N ARG D 193 20.98 3.54 3.73
CA ARG D 193 20.22 4.19 2.68
C ARG D 193 20.53 5.68 2.55
N MET D 194 20.80 6.35 3.67
CA MET D 194 21.14 7.78 3.59
C MET D 194 22.42 8.00 2.80
N ALA D 195 23.42 7.15 3.02
CA ALA D 195 24.62 7.09 2.18
C ALA D 195 24.52 5.79 1.40
N TRP D 196 23.80 5.84 0.29
CA TRP D 196 23.49 4.62 -0.45
C TRP D 196 24.68 4.12 -1.25
N GLY D 197 25.45 5.04 -1.82
CA GLY D 197 26.62 4.68 -2.60
C GLY D 197 27.87 4.58 -1.76
N GLY D 198 28.27 3.36 -1.43
CA GLY D 198 29.53 3.11 -0.75
C GLY D 198 29.45 2.81 0.74
N SER D 199 28.25 2.67 1.30
CA SER D 199 28.09 2.24 2.69
C SER D 199 28.06 0.73 2.85
N TYR D 200 28.00 -0.02 1.75
CA TYR D 200 27.98 -1.48 1.84
C TYR D 200 29.23 -2.04 2.52
N ILE D 201 30.37 -1.34 2.41
CA ILE D 201 31.58 -1.79 3.07
C ILE D 201 31.42 -1.77 4.58
N ALA D 202 30.62 -0.85 5.10
CA ALA D 202 30.37 -0.77 6.54
C ALA D 202 29.48 -1.93 6.99
N GLY D 206 28.32 -11.05 2.71
CA GLY D 206 26.97 -11.56 2.84
C GLY D 206 25.91 -10.49 2.60
N CYS D 207 25.61 -10.23 1.34
CA CYS D 207 24.61 -9.23 0.99
C CYS D 207 23.18 -9.73 1.13
N GLY D 208 22.97 -11.04 1.33
CA GLY D 208 21.63 -11.56 1.48
C GLY D 208 20.98 -11.29 2.82
N ASN D 209 21.74 -10.79 3.80
CA ASN D 209 21.22 -10.49 5.13
C ASN D 209 20.89 -9.01 5.19
N TRP D 210 19.59 -8.69 5.17
CA TRP D 210 19.10 -7.32 5.24
C TRP D 210 18.48 -6.98 6.59
N ASP D 211 17.50 -7.77 7.04
CA ASP D 211 16.76 -7.41 8.24
C ASP D 211 17.62 -7.50 9.49
N CYS D 212 18.63 -8.36 9.49
CA CYS D 212 19.43 -8.67 10.68
C CYS D 212 20.85 -8.10 10.54
N ILE D 213 20.97 -6.92 9.94
CA ILE D 213 22.27 -6.27 9.84
C ILE D 213 22.70 -5.78 11.21
N MET D 214 23.95 -6.07 11.56
CA MET D 214 24.56 -5.55 12.78
C MET D 214 26.04 -5.37 12.53
N THR D 215 26.53 -4.16 12.78
CA THR D 215 27.94 -3.81 12.59
C THR D 215 28.68 -3.94 13.92
N SER D 216 30.00 -4.08 13.82
CA SER D 216 30.82 -4.20 15.03
C SER D 216 30.86 -2.89 15.82
N TYR D 217 30.66 -1.76 15.16
CA TYR D 217 30.72 -0.47 15.84
C TYR D 217 29.56 -0.33 16.83
N GLN D 218 29.79 0.49 17.86
CA GLN D 218 28.89 0.57 19.01
C GLN D 218 27.95 1.75 18.98
N TYR D 219 28.33 2.84 18.31
CA TYR D 219 27.55 4.07 18.26
C TYR D 219 27.51 4.61 16.84
N LEU D 220 26.44 5.35 16.53
CA LEU D 220 26.34 6.13 15.30
C LEU D 220 26.19 7.59 15.69
N ILE D 221 27.17 8.41 15.30
CA ILE D 221 27.24 9.81 15.70
C ILE D 221 27.04 10.67 14.47
N ILE D 222 26.06 11.58 14.54
CA ILE D 222 25.71 12.49 13.46
C ILE D 222 25.99 13.89 13.97
N GLN D 223 26.98 14.57 13.39
CA GLN D 223 27.38 15.90 13.77
C GLN D 223 27.25 16.85 12.58
N ASN D 224 27.38 18.14 12.84
CA ASN D 224 27.47 19.16 11.81
C ASN D 224 28.93 19.53 11.60
N THR D 225 29.29 19.83 10.36
CA THR D 225 30.68 20.12 10.01
C THR D 225 30.75 21.02 8.79
N THR D 226 31.69 21.95 8.82
CA THR D 226 32.01 22.72 7.62
C THR D 226 32.56 21.80 6.55
N TRP D 227 32.18 22.04 5.30
CA TRP D 227 32.50 21.09 4.25
C TRP D 227 33.97 21.14 3.87
N GLU D 228 34.54 19.97 3.61
CA GLU D 228 35.84 19.81 2.97
C GLU D 228 35.69 18.67 1.96
N ASP D 229 36.76 18.41 1.20
CA ASP D 229 36.73 17.35 0.20
C ASP D 229 36.82 16.01 0.94
N HIS D 230 35.66 15.55 1.41
CA HIS D 230 35.56 14.31 2.16
C HIS D 230 35.35 13.08 1.28
N CYS D 231 35.09 13.26 -0.01
CA CYS D 231 34.78 12.13 -0.90
C CYS D 231 36.08 11.52 -1.38
N GLN D 232 36.48 10.42 -0.73
CA GLN D 232 37.70 9.70 -1.06
C GLN D 232 37.44 8.25 -1.48
N PHE D 233 36.19 7.76 -1.39
CA PHE D 233 35.84 6.39 -1.75
C PHE D 233 34.66 6.32 -2.71
N SER D 234 33.67 7.20 -2.57
CA SER D 234 32.47 7.18 -3.37
C SER D 234 32.12 8.60 -3.82
N ARG D 235 31.49 8.69 -4.99
CA ARG D 235 31.14 9.98 -5.55
C ARG D 235 29.95 10.58 -4.78
N PRO D 236 29.75 11.90 -4.86
CA PRO D 236 28.52 12.47 -4.32
C PRO D 236 27.30 11.98 -5.10
N SER D 237 26.16 11.94 -4.41
CA SER D 237 24.93 11.46 -5.02
C SER D 237 23.70 12.02 -4.31
N PRO D 238 22.78 12.72 -4.98
CA PRO D 238 21.54 13.11 -4.29
C PRO D 238 20.65 11.93 -3.98
N ILE D 239 20.80 10.81 -4.67
CA ILE D 239 19.93 9.65 -4.45
C ILE D 239 20.30 9.01 -3.12
N GLY D 240 19.28 8.72 -2.32
CA GLY D 240 19.45 8.14 -1.00
C GLY D 240 18.81 9.03 0.05
N TYR D 241 18.96 10.35 -0.12
CA TYR D 241 18.14 11.29 0.63
C TYR D 241 16.77 11.45 -0.04
N LEU D 242 16.74 11.52 -1.37
CA LEU D 242 15.48 11.60 -2.08
C LEU D 242 14.66 10.34 -1.87
N GLY D 243 15.32 9.18 -1.77
CA GLY D 243 14.61 7.96 -1.44
C GLY D 243 14.05 7.97 -0.03
N LEU D 244 14.85 8.44 0.93
CA LEU D 244 14.41 8.47 2.32
C LEU D 244 13.32 9.51 2.57
N LEU D 245 13.18 10.51 1.70
CA LEU D 245 12.11 11.48 1.88
C LEU D 245 10.73 10.83 1.77
N SER D 246 10.62 9.74 1.04
CA SER D 246 9.34 9.06 0.81
C SER D 246 9.03 7.99 1.85
N GLN D 247 9.87 7.81 2.88
CA GLN D 247 9.70 6.80 3.91
C GLN D 247 9.77 7.44 5.30
N ARG D 248 9.26 8.65 5.44
CA ARG D 248 9.40 9.36 6.70
C ARG D 248 8.48 8.79 7.77
N THR D 249 7.17 8.86 7.56
CA THR D 249 6.16 8.47 8.56
C THR D 249 5.45 7.18 8.15
N ARG D 250 6.18 6.25 7.56
CA ARG D 250 5.61 5.02 7.02
C ARG D 250 5.82 3.79 7.90
N ASP D 251 6.66 3.89 8.94
CA ASP D 251 6.91 2.75 9.83
C ASP D 251 6.89 3.14 11.32
N ILE D 252 6.48 4.36 11.65
CA ILE D 252 6.45 4.77 13.05
C ILE D 252 5.38 3.99 13.80
N TYR D 253 5.72 3.55 15.01
CA TYR D 253 4.74 2.99 15.93
C TYR D 253 3.95 4.12 16.59
N ILE D 254 2.73 3.80 16.99
CA ILE D 254 1.94 4.74 17.79
C ILE D 254 2.51 4.78 19.19
N SER D 255 2.70 6.00 19.72
CA SER D 255 3.15 6.22 21.09
C SER D 255 2.09 6.86 21.98
N ARG D 256 0.96 7.27 21.42
CA ARG D 256 -0.09 7.92 22.20
C ARG D 256 -1.41 7.75 21.45
N ARG D 257 -2.51 7.92 22.19
CA ARG D 257 -3.82 7.69 21.62
C ARG D 257 -4.17 8.75 20.58
N LEU D 258 -3.67 9.97 20.73
CA LEU D 258 -3.88 11.06 19.78
C LEU D 258 -2.53 11.48 19.21
N LEU D 259 -2.42 11.46 17.88
CA LEU D 259 -1.25 11.99 17.18
C LEU D 259 -1.62 13.33 16.55
N SER E 60 -17.77 -20.52 -23.86
CA SER E 60 -18.20 -19.31 -24.55
C SER E 60 -17.13 -18.85 -25.53
N LEU E 61 -17.54 -18.65 -26.78
CA LEU E 61 -16.66 -18.25 -27.87
C LEU E 61 -17.05 -16.88 -28.38
N TYR E 62 -16.04 -16.05 -28.68
CA TYR E 62 -16.23 -14.72 -29.21
C TYR E 62 -15.44 -14.56 -30.50
N LYS E 63 -16.07 -13.94 -31.51
CA LYS E 63 -15.47 -13.76 -32.83
C LYS E 63 -15.08 -15.08 -33.46
N GLY E 64 -15.84 -16.14 -33.18
CA GLY E 64 -15.59 -17.44 -33.77
C GLY E 64 -14.46 -18.22 -33.12
N VAL E 65 -13.24 -17.70 -33.18
CA VAL E 65 -12.05 -18.48 -32.85
C VAL E 65 -11.65 -18.32 -31.39
N TYR E 66 -11.83 -17.13 -30.81
CA TYR E 66 -11.41 -16.92 -29.43
C TYR E 66 -12.34 -17.63 -28.46
N GLU E 67 -11.77 -18.06 -27.34
CA GLU E 67 -12.47 -18.76 -26.28
C GLU E 67 -12.16 -18.07 -24.96
N LEU E 68 -13.19 -17.91 -24.13
CA LEU E 68 -13.03 -17.24 -22.85
C LEU E 68 -12.55 -18.25 -21.81
N GLN E 69 -11.51 -17.87 -21.06
CA GLN E 69 -10.94 -18.71 -20.01
C GLN E 69 -10.58 -17.81 -18.85
N THR E 70 -10.49 -18.41 -17.66
CA THR E 70 -10.33 -17.67 -16.41
C THR E 70 -9.25 -18.33 -15.56
N LEU E 71 -8.75 -17.54 -14.60
CA LEU E 71 -7.86 -18.03 -13.56
C LEU E 71 -8.25 -17.37 -12.25
N GLU E 72 -7.88 -18.02 -11.15
CA GLU E 72 -8.07 -17.49 -9.80
C GLU E 72 -6.73 -17.54 -9.09
N LEU E 73 -6.30 -16.39 -8.57
CA LEU E 73 -5.01 -16.29 -7.91
C LEU E 73 -5.11 -16.77 -6.47
N ASN E 74 -4.15 -17.59 -6.05
CA ASN E 74 -4.09 -18.13 -4.70
C ASN E 74 -3.33 -17.15 -3.82
N MET E 75 -4.06 -16.33 -3.08
CA MET E 75 -3.47 -15.37 -2.15
C MET E 75 -3.33 -15.96 -0.75
N GLU E 76 -2.75 -17.16 -0.69
CA GLU E 76 -2.37 -17.83 0.55
C GLU E 76 -0.89 -18.16 0.59
N THR E 77 -0.23 -18.27 -0.57
CA THR E 77 1.21 -18.45 -0.63
C THR E 77 1.98 -17.20 -0.24
N LEU E 78 1.31 -16.06 -0.08
CA LEU E 78 1.95 -14.80 0.28
C LEU E 78 2.07 -14.59 1.78
N ASN E 79 1.76 -15.60 2.60
CA ASN E 79 1.78 -15.40 4.05
C ASN E 79 3.19 -15.10 4.54
N MET E 80 4.21 -15.63 3.86
CA MET E 80 5.59 -15.53 4.34
C MET E 80 6.16 -14.12 4.23
N THR E 81 5.52 -13.22 3.48
CA THR E 81 6.02 -11.86 3.28
C THR E 81 4.96 -10.77 3.39
N MET E 82 3.67 -11.10 3.49
CA MET E 82 2.59 -10.13 3.38
C MET E 82 1.54 -10.49 4.43
N PRO E 83 1.11 -9.54 5.28
CA PRO E 83 -0.09 -9.82 6.09
C PRO E 83 -1.30 -10.05 5.20
N LEU E 84 -2.13 -11.00 5.62
CA LEU E 84 -3.31 -11.42 4.86
C LEU E 84 -4.53 -11.28 5.75
N SER E 85 -5.47 -10.44 5.34
CA SER E 85 -6.76 -10.35 6.02
C SER E 85 -7.51 -11.67 5.85
N CYS E 86 -8.58 -11.83 6.61
CA CYS E 86 -9.28 -13.10 6.66
C CYS E 86 -10.52 -12.93 7.51
N THR E 87 -11.48 -13.85 7.35
CA THR E 87 -12.75 -13.80 8.05
C THR E 87 -13.20 -15.19 8.46
N LYS E 88 -13.62 -15.32 9.73
CA LYS E 88 -14.26 -16.53 10.23
C LYS E 88 -15.77 -16.37 10.25
N ASN E 89 -16.28 -15.36 10.94
CA ASN E 89 -17.70 -15.06 10.92
C ASN E 89 -17.87 -13.57 11.22
N ASN E 90 -19.13 -13.13 11.30
CA ASN E 90 -19.42 -11.70 11.37
C ASN E 90 -18.80 -11.04 12.60
N SER E 91 -18.60 -11.80 13.68
CA SER E 91 -17.99 -11.29 14.91
C SER E 91 -16.54 -11.74 15.09
N HIS E 92 -15.93 -12.36 14.08
CA HIS E 92 -14.51 -12.71 14.17
C HIS E 92 -13.89 -12.61 12.78
N HIS E 93 -12.96 -11.67 12.64
CA HIS E 93 -12.11 -11.51 11.47
C HIS E 93 -10.67 -11.65 11.93
N TYR E 94 -9.77 -11.91 10.98
CA TYR E 94 -8.39 -12.23 11.32
C TYR E 94 -7.44 -11.61 10.31
N ILE E 95 -6.20 -11.39 10.76
CA ILE E 95 -5.10 -10.88 9.95
C ILE E 95 -3.93 -11.82 10.20
N MET E 96 -3.62 -12.68 9.24
CA MET E 96 -2.50 -13.61 9.38
C MET E 96 -1.22 -12.89 9.01
N VAL E 97 -0.39 -12.61 10.03
CA VAL E 97 0.92 -11.94 9.77
C VAL E 97 1.89 -13.03 9.30
N GLY E 98 1.79 -14.22 9.88
CA GLY E 98 2.67 -15.34 9.52
C GLY E 98 1.94 -16.65 9.76
N ASN E 99 2.53 -17.79 9.41
CA ASN E 99 1.88 -19.08 9.71
C ASN E 99 1.74 -19.26 11.23
N GLU E 100 2.76 -18.91 12.01
CA GLU E 100 2.73 -19.09 13.49
C GLU E 100 1.82 -18.11 14.23
N THR E 101 1.77 -16.83 13.84
CA THR E 101 1.01 -15.82 14.63
C THR E 101 0.14 -14.91 13.77
N GLY E 102 -0.88 -14.29 14.37
CA GLY E 102 -1.78 -13.39 13.65
C GLY E 102 -2.56 -12.50 14.60
N LEU E 103 -3.35 -11.56 14.08
CA LEU E 103 -4.22 -10.73 14.94
C LEU E 103 -5.69 -11.11 14.75
N GLU E 104 -6.48 -11.09 15.81
CA GLU E 104 -7.91 -11.41 15.85
C GLU E 104 -8.67 -10.12 16.12
N LEU E 105 -9.61 -9.79 15.24
CA LEU E 105 -10.45 -8.59 15.33
C LEU E 105 -11.88 -9.05 15.52
N THR E 106 -12.44 -8.80 16.70
CA THR E 106 -13.79 -9.21 17.04
C THR E 106 -14.66 -7.98 17.26
N LEU E 107 -15.94 -8.10 16.90
CA LEU E 107 -16.96 -7.13 17.22
C LEU E 107 -17.89 -7.77 18.24
N THR E 108 -17.90 -7.23 19.46
CA THR E 108 -18.53 -7.90 20.60
C THR E 108 -19.34 -6.92 21.43
N ASN E 109 -20.43 -7.44 22.01
CA ASN E 109 -21.14 -6.72 23.06
C ASN E 109 -20.31 -6.62 24.33
N THR E 110 -19.56 -7.66 24.67
CA THR E 110 -18.82 -7.73 25.92
C THR E 110 -17.40 -7.21 25.73
N SER E 111 -16.88 -6.57 26.78
CA SER E 111 -15.54 -6.00 26.79
C SER E 111 -14.57 -6.94 27.51
N ILE E 112 -13.28 -6.63 27.36
CA ILE E 112 -12.23 -7.29 28.13
C ILE E 112 -11.30 -6.32 28.85
N ILE E 113 -11.30 -5.04 28.48
CA ILE E 113 -10.51 -4.00 29.14
C ILE E 113 -11.49 -3.03 29.79
N ASN E 114 -11.48 -2.97 31.12
CA ASN E 114 -12.45 -2.20 31.88
C ASN E 114 -11.92 -0.85 32.35
N HIS E 115 -10.73 -0.44 31.89
CA HIS E 115 -10.10 0.81 32.28
C HIS E 115 -9.83 1.64 31.04
N LYS E 116 -9.49 2.91 31.27
CA LYS E 116 -9.29 3.90 30.22
C LYS E 116 -7.81 4.28 30.08
N PHE E 117 -6.92 3.31 30.27
CA PHE E 117 -5.49 3.46 30.06
C PHE E 117 -5.06 2.58 28.89
N CYS E 118 -4.41 3.18 27.89
CA CYS E 118 -3.72 2.41 26.86
C CYS E 118 -2.25 2.19 27.22
N ASN E 119 -1.52 3.27 27.48
CA ASN E 119 -0.16 3.20 28.02
C ASN E 119 0.75 2.42 27.07
N LEU E 120 0.97 3.06 25.91
CA LEU E 120 1.86 2.52 24.88
C LEU E 120 3.33 2.73 25.22
N SER E 121 3.67 3.82 25.91
CA SER E 121 5.07 4.17 26.11
C SER E 121 5.80 3.13 26.95
N ASP E 122 5.14 2.63 28.00
CA ASP E 122 5.76 1.59 28.81
C ASP E 122 5.92 0.30 28.02
N ALA E 123 4.97 0.00 27.13
CA ALA E 123 5.10 -1.16 26.26
C ALA E 123 6.29 -1.01 25.33
N HIS E 124 6.50 0.19 24.79
CA HIS E 124 7.66 0.43 23.95
C HIS E 124 8.96 0.27 24.73
N LYS E 125 8.97 0.78 25.97
CA LYS E 125 10.18 0.67 26.80
C LYS E 125 10.49 -0.79 27.10
N LYS E 126 9.47 -1.59 27.43
CA LYS E 126 9.71 -2.99 27.77
C LYS E 126 10.14 -3.78 26.53
N ASN E 127 9.49 -3.54 25.40
CA ASN E 127 9.88 -4.16 24.12
C ASN E 127 9.73 -5.68 24.16
N LEU E 128 8.63 -6.15 24.74
CA LEU E 128 8.29 -7.57 24.77
C LEU E 128 7.32 -7.97 23.67
N TYR E 129 6.53 -7.03 23.15
CA TYR E 129 5.55 -7.32 22.11
C TYR E 129 6.25 -7.81 20.83
N ASP E 130 5.43 -8.33 19.92
CA ASP E 130 5.90 -8.70 18.59
C ASP E 130 5.87 -7.48 17.68
N HIS E 131 6.96 -7.23 16.96
CA HIS E 131 7.10 -6.00 16.22
C HIS E 131 6.12 -5.91 15.06
N ALA E 132 5.88 -7.03 14.36
CA ALA E 132 4.97 -7.00 13.23
C ALA E 132 3.54 -6.72 13.68
N LEU E 133 3.10 -7.33 14.78
CA LEU E 133 1.76 -7.08 15.29
C LEU E 133 1.61 -5.62 15.73
N MET E 134 2.63 -5.08 16.39
CA MET E 134 2.57 -3.67 16.80
C MET E 134 2.52 -2.76 15.58
N SER E 135 3.28 -3.10 14.54
CA SER E 135 3.24 -2.30 13.30
C SER E 135 1.85 -2.34 12.68
N ILE E 136 1.21 -3.51 12.69
CA ILE E 136 -0.11 -3.62 12.07
C ILE E 136 -1.15 -2.82 12.85
N ILE E 137 -1.13 -2.92 14.18
CA ILE E 137 -2.12 -2.14 14.93
C ILE E 137 -1.82 -0.65 14.87
N SER E 138 -0.54 -0.27 14.73
CA SER E 138 -0.21 1.12 14.50
C SER E 138 -0.76 1.61 13.17
N THR E 139 -0.65 0.79 12.12
CA THR E 139 -1.25 1.13 10.84
C THR E 139 -2.76 1.24 10.95
N PHE E 140 -3.38 0.37 11.75
CA PHE E 140 -4.82 0.43 11.93
C PHE E 140 -5.22 1.72 12.64
N HIS E 141 -4.54 2.06 13.73
CA HIS E 141 -4.93 3.23 14.51
C HIS E 141 -4.67 4.52 13.75
N LEU E 142 -3.51 4.65 13.10
CA LEU E 142 -3.21 5.84 12.34
C LEU E 142 -4.08 5.98 11.10
N SER E 143 -4.72 4.89 10.65
CA SER E 143 -5.64 4.95 9.53
C SER E 143 -7.04 5.41 9.91
N ILE E 144 -7.35 5.55 11.19
CA ILE E 144 -8.69 5.95 11.62
C ILE E 144 -8.88 7.42 11.24
N PRO E 145 -9.86 7.79 10.41
CA PRO E 145 -10.02 9.22 10.07
C PRO E 145 -10.65 10.00 11.21
N ASN E 146 -10.02 11.10 11.58
CA ASN E 146 -10.56 12.05 12.56
C ASN E 146 -10.77 11.39 13.92
N PHE E 147 -9.72 10.75 14.43
CA PHE E 147 -9.74 10.20 15.78
C PHE E 147 -9.43 11.33 16.76
N ASN E 148 -10.40 11.64 17.63
CA ASN E 148 -10.24 12.72 18.60
C ASN E 148 -10.68 12.37 20.01
N GLN E 149 -11.43 11.27 20.22
CA GLN E 149 -11.83 10.81 21.55
C GLN E 149 -10.85 9.74 21.98
N TYR E 150 -9.86 10.13 22.80
CA TYR E 150 -8.90 9.16 23.31
C TYR E 150 -9.53 8.22 24.32
N GLU E 151 -10.55 8.68 25.04
CA GLU E 151 -11.21 7.82 26.03
C GLU E 151 -11.93 6.64 25.40
N ALA E 152 -12.24 6.71 24.10
CA ALA E 152 -12.87 5.59 23.40
C ALA E 152 -11.92 4.43 23.15
N MET E 153 -10.62 4.59 23.39
CA MET E 153 -9.62 3.56 23.16
C MET E 153 -8.95 3.20 24.48
N SER E 154 -8.81 1.90 24.73
CA SER E 154 -8.02 1.39 25.86
C SER E 154 -7.20 0.22 25.35
N CYS E 155 -6.15 -0.15 26.10
CA CYS E 155 -5.22 -1.17 25.63
C CYS E 155 -4.76 -1.98 26.83
N ASP E 156 -3.94 -3.00 26.53
CA ASP E 156 -3.31 -3.84 27.54
C ASP E 156 -2.15 -4.55 26.87
N PHE E 157 -0.93 -4.37 27.40
CA PHE E 157 0.29 -4.90 26.83
C PHE E 157 1.14 -5.60 27.89
N ASN E 158 0.49 -6.29 28.82
CA ASN E 158 1.23 -6.94 29.90
C ASN E 158 2.00 -8.15 29.37
N GLY E 159 3.30 -8.16 29.64
CA GLY E 159 4.14 -9.31 29.30
C GLY E 159 4.22 -9.61 27.82
N GLY E 160 4.34 -8.58 26.99
CA GLY E 160 4.41 -8.75 25.56
C GLY E 160 3.08 -9.01 24.87
N LYS E 161 1.99 -9.03 25.63
CA LYS E 161 0.67 -9.19 25.03
C LYS E 161 0.34 -7.97 24.17
N ILE E 162 -0.60 -8.15 23.26
CA ILE E 162 -1.21 -7.05 22.51
C ILE E 162 -2.71 -7.19 22.65
N SER E 163 -3.34 -6.20 23.27
CA SER E 163 -4.80 -6.12 23.33
C SER E 163 -5.19 -4.66 23.21
N VAL E 164 -6.16 -4.38 22.34
CA VAL E 164 -6.67 -3.04 22.11
C VAL E 164 -8.19 -3.13 22.03
N GLN E 165 -8.87 -2.10 22.53
CA GLN E 165 -10.32 -2.06 22.60
C GLN E 165 -10.78 -0.67 22.17
N TYR E 166 -11.63 -0.62 21.15
CA TYR E 166 -12.29 0.60 20.70
C TYR E 166 -13.75 0.52 21.16
N ASN E 167 -14.18 1.54 21.89
CA ASN E 167 -15.54 1.60 22.44
C ASN E 167 -16.42 2.30 21.41
N LEU E 168 -17.23 1.51 20.71
CA LEU E 168 -18.06 2.02 19.62
C LEU E 168 -19.44 2.49 20.08
N SER E 169 -19.59 2.83 21.35
CA SER E 169 -20.88 3.28 21.86
C SER E 169 -21.23 4.65 21.30
N HIS E 179 -25.08 10.53 16.20
CA HIS E 179 -24.79 9.13 15.87
C HIS E 179 -24.12 9.01 14.50
N CYS E 180 -24.40 9.95 13.60
CA CYS E 180 -23.83 9.96 12.26
C CYS E 180 -22.59 10.85 12.25
N GLY E 181 -21.44 10.26 11.92
CA GLY E 181 -20.20 11.00 11.84
C GLY E 181 -19.46 11.13 13.16
N THR E 182 -19.14 9.99 13.78
CA THR E 182 -18.47 9.95 15.08
C THR E 182 -17.21 9.08 15.03
N VAL E 183 -16.60 8.83 16.19
CA VAL E 183 -15.37 8.05 16.22
C VAL E 183 -15.65 6.59 15.92
N ALA E 184 -16.81 6.07 16.34
CA ALA E 184 -17.18 4.70 16.02
C ALA E 184 -17.30 4.50 14.52
N ASN E 185 -17.80 5.51 13.81
CA ASN E 185 -17.88 5.43 12.35
C ASN E 185 -16.50 5.31 11.73
N GLY E 186 -15.55 6.12 12.20
CA GLY E 186 -14.20 6.04 11.65
C GLY E 186 -13.54 4.71 11.94
N VAL E 187 -13.71 4.20 13.17
CA VAL E 187 -13.15 2.90 13.53
C VAL E 187 -13.76 1.80 12.67
N LEU E 188 -15.08 1.86 12.43
CA LEU E 188 -15.73 0.86 11.61
C LEU E 188 -15.26 0.95 10.16
N GLN E 189 -15.08 2.16 9.63
CA GLN E 189 -14.60 2.30 8.25
C GLN E 189 -13.20 1.71 8.10
N THR E 190 -12.32 1.98 9.07
CA THR E 190 -11.00 1.37 9.02
C THR E 190 -11.08 -0.14 9.19
N PHE E 191 -12.05 -0.62 9.97
CA PHE E 191 -12.23 -2.06 10.16
C PHE E 191 -12.61 -2.74 8.85
N MET E 192 -13.61 -2.21 8.14
CA MET E 192 -13.99 -2.79 6.86
C MET E 192 -12.97 -2.53 5.76
N ARG E 193 -12.07 -1.55 5.93
CA ARG E 193 -10.95 -1.45 4.99
C ARG E 193 -9.88 -2.50 5.28
N MET E 194 -9.61 -2.79 6.55
CA MET E 194 -8.59 -3.77 6.89
C MET E 194 -8.98 -5.17 6.45
N ALA E 195 -10.19 -5.60 6.81
CA ALA E 195 -10.75 -6.88 6.38
C ALA E 195 -11.76 -6.59 5.28
N TRP E 196 -11.24 -6.44 4.06
CA TRP E 196 -12.06 -5.94 2.96
C TRP E 196 -13.05 -6.98 2.45
N GLY E 197 -12.63 -8.25 2.40
CA GLY E 197 -13.48 -9.27 1.78
C GLY E 197 -14.74 -9.57 2.56
N GLY E 198 -14.60 -9.81 3.87
CA GLY E 198 -15.68 -10.36 4.66
C GLY E 198 -16.41 -9.40 5.59
N SER E 199 -15.91 -8.17 5.73
CA SER E 199 -16.52 -7.24 6.67
C SER E 199 -17.85 -6.67 6.20
N TYR E 200 -18.20 -6.86 4.92
CA TYR E 200 -19.48 -6.35 4.43
C TYR E 200 -20.67 -7.02 5.11
N ILE E 201 -20.48 -8.24 5.65
CA ILE E 201 -21.55 -8.91 6.38
C ILE E 201 -21.92 -8.10 7.63
N ALA E 202 -20.92 -7.64 8.37
CA ALA E 202 -21.15 -6.86 9.58
C ALA E 202 -21.44 -5.40 9.23
N CYS E 207 -26.17 -1.84 1.04
CA CYS E 207 -25.24 -0.73 1.07
C CYS E 207 -25.94 0.53 0.55
N GLY E 208 -25.18 1.62 0.46
CA GLY E 208 -25.70 2.89 -0.03
C GLY E 208 -25.15 4.08 0.74
N ASN E 209 -24.90 3.91 2.04
CA ASN E 209 -24.32 4.93 2.90
C ASN E 209 -22.93 4.50 3.37
N TRP E 210 -22.02 5.47 3.41
CA TRP E 210 -20.66 5.23 3.89
C TRP E 210 -20.18 6.30 4.86
N ASP E 211 -20.70 7.53 4.75
CA ASP E 211 -20.22 8.64 5.57
C ASP E 211 -20.40 8.37 7.05
N CYS E 212 -21.41 7.58 7.42
CA CYS E 212 -21.56 7.08 8.78
C CYS E 212 -22.16 5.68 8.71
N ILE E 213 -21.38 4.70 9.16
CA ILE E 213 -21.78 3.30 9.23
C ILE E 213 -21.77 2.87 10.69
N MET E 214 -22.80 2.13 11.09
CA MET E 214 -22.99 1.71 12.47
C MET E 214 -23.39 0.26 12.51
N THR E 215 -22.82 -0.47 13.47
CA THR E 215 -23.15 -1.86 13.74
C THR E 215 -23.76 -1.96 15.13
N SER E 216 -24.58 -2.98 15.34
CA SER E 216 -25.20 -3.20 16.63
C SER E 216 -24.18 -3.51 17.72
N TYR E 217 -23.02 -4.06 17.35
CA TYR E 217 -21.99 -4.39 18.33
C TYR E 217 -21.43 -3.13 18.99
N GLN E 218 -21.06 -3.26 20.25
CA GLN E 218 -20.65 -2.12 21.07
C GLN E 218 -19.15 -1.91 21.12
N TYR E 219 -18.36 -2.97 20.94
CA TYR E 219 -16.91 -2.93 21.14
C TYR E 219 -16.21 -3.59 19.96
N LEU E 220 -15.04 -3.06 19.60
CA LEU E 220 -14.14 -3.70 18.64
C LEU E 220 -12.85 -4.03 19.37
N ILE E 221 -12.49 -5.31 19.41
CA ILE E 221 -11.37 -5.82 20.19
C ILE E 221 -10.35 -6.40 19.24
N ILE E 222 -9.11 -5.92 19.34
CA ILE E 222 -7.97 -6.42 18.58
C ILE E 222 -7.07 -7.15 19.56
N GLN E 223 -6.68 -8.38 19.24
CA GLN E 223 -5.82 -9.18 20.10
C GLN E 223 -4.84 -9.96 19.24
N ASN E 224 -3.81 -10.46 19.91
CA ASN E 224 -2.86 -11.36 19.20
C ASN E 224 -3.42 -12.76 19.33
N THR E 225 -2.96 -13.68 18.49
CA THR E 225 -3.43 -15.06 18.52
C THR E 225 -2.47 -15.93 17.72
N THR E 226 -2.57 -17.24 17.94
CA THR E 226 -1.84 -18.23 17.16
C THR E 226 -2.68 -18.63 15.97
N TRP E 227 -2.03 -18.87 14.83
CA TRP E 227 -2.76 -19.11 13.60
C TRP E 227 -3.28 -20.54 13.52
N GLU E 228 -4.53 -20.66 13.05
CA GLU E 228 -5.26 -21.91 12.98
C GLU E 228 -6.11 -21.88 11.70
N ASP E 229 -7.02 -22.83 11.56
CA ASP E 229 -7.97 -22.83 10.44
C ASP E 229 -9.08 -21.80 10.71
N HIS E 230 -8.71 -20.53 10.53
CA HIS E 230 -9.59 -19.41 10.86
C HIS E 230 -10.45 -18.96 9.69
N CYS E 231 -9.95 -19.07 8.45
CA CYS E 231 -10.68 -18.55 7.29
C CYS E 231 -11.76 -19.53 6.90
N GLN E 232 -12.94 -19.35 7.49
CA GLN E 232 -14.10 -20.19 7.23
C GLN E 232 -15.08 -19.55 6.25
N PHE E 233 -15.16 -18.21 6.20
CA PHE E 233 -16.14 -17.51 5.39
C PHE E 233 -15.56 -17.01 4.07
N SER E 234 -14.51 -16.17 4.14
CA SER E 234 -13.94 -15.51 2.98
C SER E 234 -12.48 -15.90 2.81
N ARG E 235 -12.01 -15.85 1.57
CA ARG E 235 -10.64 -16.24 1.27
C ARG E 235 -9.67 -15.21 1.86
N PRO E 236 -8.42 -15.61 2.13
CA PRO E 236 -7.44 -14.62 2.57
C PRO E 236 -7.04 -13.69 1.44
N SER E 237 -6.61 -12.48 1.82
CA SER E 237 -6.26 -11.46 0.85
C SER E 237 -5.35 -10.43 1.51
N PRO E 238 -4.29 -9.96 0.85
CA PRO E 238 -3.49 -8.87 1.43
C PRO E 238 -3.98 -7.47 1.11
N ILE E 239 -5.06 -7.33 0.34
CA ILE E 239 -5.39 -6.05 -0.27
C ILE E 239 -5.78 -5.01 0.78
N GLY E 240 -6.45 -5.43 1.86
CA GLY E 240 -6.87 -4.48 2.86
C GLY E 240 -5.70 -3.80 3.55
N TYR E 241 -4.72 -4.58 3.99
CA TYR E 241 -3.56 -4.01 4.67
C TYR E 241 -2.72 -3.17 3.72
N LEU E 242 -2.50 -3.65 2.50
CA LEU E 242 -1.71 -2.89 1.53
C LEU E 242 -2.41 -1.60 1.14
N GLY E 243 -3.75 -1.60 1.13
CA GLY E 243 -4.47 -0.36 0.88
C GLY E 243 -4.40 0.61 2.04
N LEU E 244 -4.44 0.08 3.28
CA LEU E 244 -4.35 0.93 4.45
C LEU E 244 -2.93 1.45 4.71
N LEU E 245 -1.91 0.83 4.12
CA LEU E 245 -0.54 1.32 4.32
C LEU E 245 -0.38 2.73 3.76
N SER E 246 -0.99 3.00 2.60
CA SER E 246 -0.86 4.33 2.00
C SER E 246 -1.71 5.38 2.70
N GLN E 247 -2.69 4.98 3.49
CA GLN E 247 -3.65 5.91 4.08
C GLN E 247 -3.23 6.38 5.48
N ARG E 248 -2.10 5.89 6.00
CA ARG E 248 -1.66 6.27 7.35
C ARG E 248 -1.38 7.76 7.44
N THR E 249 -1.80 8.36 8.56
CA THR E 249 -1.47 9.75 8.91
C THR E 249 -1.97 10.74 7.86
N ARG E 250 -3.08 10.41 7.20
CA ARG E 250 -3.67 11.27 6.18
C ARG E 250 -4.77 12.17 6.71
N ASP E 251 -5.58 11.67 7.64
CA ASP E 251 -6.70 12.41 8.21
C ASP E 251 -6.54 12.69 9.71
N ILE E 252 -5.34 12.52 10.26
CA ILE E 252 -5.13 12.78 11.68
C ILE E 252 -5.24 14.27 11.97
N TYR E 253 -5.93 14.60 13.05
CA TYR E 253 -5.99 15.98 13.52
C TYR E 253 -4.70 16.36 14.23
N ILE E 254 -4.48 17.67 14.34
CA ILE E 254 -3.40 18.20 15.17
C ILE E 254 -3.86 18.23 16.62
N SER E 255 -2.99 17.75 17.51
CA SER E 255 -3.21 17.80 18.95
C SER E 255 -2.17 18.63 19.68
N ARG E 256 -1.08 19.03 19.03
CA ARG E 256 -0.03 19.85 19.61
C ARG E 256 0.38 20.89 18.58
N ARG E 257 0.71 22.09 19.05
CA ARG E 257 1.19 23.13 18.14
C ARG E 257 2.49 22.72 17.49
N LEU E 258 3.45 22.23 18.28
CA LEU E 258 4.77 21.85 17.78
C LEU E 258 4.69 20.44 17.21
N LEU E 259 4.21 20.36 15.98
CA LEU E 259 4.11 19.09 15.27
C LEU E 259 3.89 19.36 13.78
N GLY F 1 2.22 10.20 -6.69
CA GLY F 1 1.77 10.69 -7.98
C GLY F 1 2.84 10.54 -9.04
N THR F 2 2.42 10.60 -10.30
CA THR F 2 3.34 10.43 -11.42
C THR F 2 4.12 11.71 -11.67
N PHE F 3 5.39 11.56 -12.04
CA PHE F 3 6.22 12.71 -12.39
C PHE F 3 5.60 13.47 -13.56
N THR F 4 5.82 14.79 -13.57
CA THR F 4 5.26 15.67 -14.60
C THR F 4 6.23 16.69 -15.15
N TRP F 5 7.43 16.85 -14.60
CA TRP F 5 8.32 17.93 -14.99
C TRP F 5 8.76 17.78 -16.44
N THR F 6 8.69 18.88 -17.19
CA THR F 6 9.01 18.91 -18.61
C THR F 6 10.36 19.57 -18.81
N LEU F 7 11.24 18.91 -19.55
CA LEU F 7 12.57 19.45 -19.81
C LEU F 7 12.47 20.69 -20.68
N SER F 8 13.29 21.68 -20.38
CA SER F 8 13.27 22.98 -21.05
C SER F 8 14.31 23.02 -22.15
N ASP F 9 13.94 23.62 -23.28
CA ASP F 9 14.85 23.79 -24.41
C ASP F 9 14.50 25.04 -25.21
N GLY F 17 14.94 20.63 -31.25
CA GLY F 17 14.61 20.38 -29.86
C GLY F 17 15.64 19.51 -29.17
N GLY F 18 15.20 18.34 -28.68
CA GLY F 18 16.12 17.45 -28.02
C GLY F 18 16.51 17.98 -26.64
N TYR F 19 17.64 17.48 -26.14
CA TYR F 19 18.17 17.94 -24.88
C TYR F 19 19.67 17.69 -24.86
N CYS F 20 20.43 18.65 -24.34
CA CYS F 20 21.88 18.60 -24.32
C CYS F 20 22.39 18.75 -22.89
N LEU F 21 23.28 17.85 -22.49
CA LEU F 21 23.99 17.91 -21.22
C LEU F 21 25.34 18.57 -21.45
N THR F 22 25.56 19.71 -20.82
CA THR F 22 26.83 20.41 -20.93
C THR F 22 27.91 19.68 -20.16
N ARG F 23 29.15 20.15 -20.31
CA ARG F 23 30.29 19.48 -19.70
C ARG F 23 30.23 19.51 -18.18
N TRP F 24 29.59 20.53 -17.61
CA TRP F 24 29.47 20.60 -16.15
C TRP F 24 28.66 19.43 -15.61
N MET F 25 27.64 19.02 -16.33
CA MET F 25 26.77 17.93 -15.89
C MET F 25 27.39 16.56 -16.06
N LEU F 26 28.58 16.45 -16.66
CA LEU F 26 29.17 15.17 -17.04
C LEU F 26 30.61 15.11 -16.56
N ILE F 27 31.07 13.87 -16.31
CA ILE F 27 32.43 13.62 -15.84
C ILE F 27 33.29 13.41 -17.09
N GLU F 28 33.81 14.51 -17.64
CA GLU F 28 34.77 14.49 -18.74
C GLU F 28 34.16 13.84 -19.98
N ALA F 29 33.06 14.42 -20.47
CA ALA F 29 32.37 13.91 -21.65
C ALA F 29 31.86 15.00 -22.58
N GLU F 30 32.35 16.23 -22.46
CA GLU F 30 31.99 17.41 -23.25
C GLU F 30 30.46 17.53 -23.36
N LEU F 31 29.96 18.12 -24.44
CA LEU F 31 28.52 18.27 -24.65
C LEU F 31 27.95 16.98 -25.22
N LYS F 32 26.87 16.48 -24.60
CA LYS F 32 26.18 15.26 -25.02
C LYS F 32 24.74 15.64 -25.39
N CYS F 33 24.43 15.61 -26.68
CA CYS F 33 23.12 16.01 -27.19
C CYS F 33 22.33 14.81 -27.68
N PHE F 34 21.06 14.75 -27.30
CA PHE F 34 20.12 13.71 -27.70
C PHE F 34 18.95 14.33 -28.43
N GLY F 35 18.51 13.66 -29.49
CA GLY F 35 17.46 14.19 -30.33
C GLY F 35 16.08 13.99 -29.73
N ASN F 36 15.07 14.36 -30.53
CA ASN F 36 13.69 14.27 -30.07
C ASN F 36 13.27 12.84 -29.79
N THR F 37 13.83 11.86 -30.50
CA THR F 37 13.40 10.48 -30.35
C THR F 37 13.69 9.95 -28.95
N ALA F 38 14.88 10.21 -28.43
CA ALA F 38 15.22 9.73 -27.10
C ALA F 38 14.53 10.56 -26.02
N VAL F 39 14.49 11.88 -26.18
CA VAL F 39 13.94 12.74 -25.15
C VAL F 39 12.44 12.55 -25.01
N ALA F 40 11.74 12.30 -26.12
CA ALA F 40 10.30 12.11 -26.07
C ALA F 40 9.90 10.86 -25.29
N LYS F 41 10.78 9.87 -25.20
CA LYS F 41 10.48 8.68 -24.41
C LYS F 41 10.35 9.00 -22.93
N CYS F 42 11.03 10.06 -22.46
CA CYS F 42 10.96 10.42 -21.05
C CYS F 42 9.58 10.92 -20.65
N ASN F 43 8.77 11.39 -21.59
CA ASN F 43 7.41 11.78 -21.26
C ASN F 43 6.58 10.59 -20.80
N GLU F 44 6.77 9.43 -21.44
CA GLU F 44 5.98 8.23 -21.19
C GLU F 44 6.68 7.21 -20.30
N LYS F 45 7.96 6.94 -20.54
CA LYS F 45 8.65 5.89 -19.79
C LYS F 45 8.78 6.27 -18.32
N HIS F 46 8.45 5.32 -17.45
CA HIS F 46 8.48 5.54 -16.00
C HIS F 46 9.68 4.90 -15.33
N ASP F 47 10.19 3.78 -15.86
CA ASP F 47 11.25 3.00 -15.24
C ASP F 47 12.63 3.32 -15.79
N GLU F 48 12.86 4.57 -16.20
CA GLU F 48 14.13 5.02 -16.76
C GLU F 48 14.81 5.94 -15.75
N GLU F 49 16.02 5.55 -15.33
CA GLU F 49 16.77 6.37 -14.39
C GLU F 49 17.28 7.64 -15.05
N PHE F 50 17.67 7.55 -16.32
CA PHE F 50 18.28 8.69 -16.99
C PHE F 50 17.30 9.84 -17.14
N CYS F 51 16.02 9.53 -17.41
CA CYS F 51 15.03 10.59 -17.53
C CYS F 51 14.81 11.29 -16.19
N ASP F 52 14.82 10.53 -15.09
CA ASP F 52 14.74 11.13 -13.77
C ASP F 52 15.92 12.05 -13.52
N MET F 53 17.12 11.63 -13.92
CA MET F 53 18.29 12.48 -13.71
C MET F 53 18.24 13.71 -14.60
N LEU F 54 17.70 13.57 -15.82
CA LEU F 54 17.51 14.73 -16.68
C LEU F 54 16.57 15.74 -16.03
N ARG F 55 15.48 15.26 -15.45
CA ARG F 55 14.56 16.16 -14.77
C ARG F 55 15.22 16.84 -13.57
N LEU F 56 16.04 16.10 -12.81
CA LEU F 56 16.74 16.71 -11.68
C LEU F 56 17.70 17.80 -12.14
N PHE F 57 18.48 17.52 -13.19
CA PHE F 57 19.45 18.51 -13.66
C PHE F 57 18.76 19.73 -14.26
N ASP F 58 17.68 19.51 -15.01
CA ASP F 58 16.92 20.63 -15.54
C ASP F 58 16.32 21.47 -14.43
N PHE F 59 15.79 20.83 -13.38
CA PHE F 59 15.24 21.58 -12.27
C PHE F 59 16.33 22.36 -11.54
N ASN F 60 17.52 21.78 -11.40
CA ASN F 60 18.62 22.50 -10.79
C ASN F 60 18.98 23.73 -11.60
N LYS F 61 19.06 23.59 -12.94
CA LYS F 61 19.34 24.73 -13.81
C LYS F 61 18.29 25.82 -13.66
N GLN F 62 17.01 25.43 -13.73
CA GLN F 62 15.93 26.40 -13.64
C GLN F 62 15.93 27.10 -12.28
N ALA F 63 16.17 26.35 -11.21
CA ALA F 63 16.17 26.91 -9.87
C ALA F 63 17.31 27.91 -9.70
N ILE F 64 18.51 27.57 -10.15
CA ILE F 64 19.63 28.49 -9.94
C ILE F 64 19.47 29.74 -10.81
N GLN F 65 19.02 29.58 -12.06
CA GLN F 65 18.98 30.74 -12.95
C GLN F 65 17.81 31.65 -12.63
N ARG F 66 16.64 31.10 -12.25
CA ARG F 66 15.46 31.91 -12.01
C ARG F 66 15.37 32.41 -10.58
N LEU F 67 15.30 31.48 -9.62
CA LEU F 67 15.08 31.84 -8.23
C LEU F 67 16.34 32.44 -7.62
N LYS F 68 16.19 33.57 -6.93
CA LYS F 68 17.30 34.16 -6.21
C LYS F 68 17.76 33.22 -5.10
N ALA F 69 19.08 33.07 -4.97
CA ALA F 69 19.61 32.18 -3.95
C ALA F 69 19.32 32.76 -2.57
N PRO F 70 18.99 31.94 -1.57
CA PRO F 70 18.75 32.47 -0.23
C PRO F 70 20.07 32.80 0.48
N ALA F 71 19.95 33.54 1.59
CA ALA F 71 21.12 33.85 2.39
C ALA F 71 21.75 32.59 2.96
N GLN F 72 20.93 31.67 3.45
CA GLN F 72 21.33 30.34 3.89
C GLN F 72 20.57 29.30 3.09
N MET F 73 21.25 28.20 2.76
CA MET F 73 20.63 27.18 1.92
C MET F 73 19.44 26.55 2.63
N SER F 74 18.35 26.40 1.88
CA SER F 74 17.15 25.72 2.32
C SER F 74 16.80 24.65 1.30
N ILE F 75 16.39 23.48 1.81
CA ILE F 75 16.05 22.34 0.96
C ILE F 75 14.55 22.07 1.01
N GLN F 76 13.75 23.10 1.27
CA GLN F 76 12.31 22.94 1.19
C GLN F 76 11.87 22.71 -0.25
N LEU F 77 12.53 23.37 -1.20
CA LEU F 77 12.14 23.28 -2.60
C LEU F 77 12.27 21.86 -3.12
N ILE F 78 13.41 21.21 -2.87
CA ILE F 78 13.56 19.84 -3.33
C ILE F 78 12.66 18.91 -2.53
N ASN F 79 12.42 19.21 -1.25
CA ASN F 79 11.51 18.39 -0.47
C ASN F 79 10.11 18.40 -1.05
N LYS F 80 9.69 19.53 -1.62
CA LYS F 80 8.41 19.57 -2.32
C LYS F 80 8.48 18.86 -3.67
N ALA F 81 9.54 19.11 -4.44
CA ALA F 81 9.60 18.71 -5.84
C ALA F 81 10.19 17.31 -6.06
N VAL F 82 10.54 16.58 -5.00
CA VAL F 82 11.16 15.27 -5.19
C VAL F 82 10.20 14.31 -5.89
N ASN F 83 8.92 14.34 -5.51
CA ASN F 83 7.95 13.44 -6.12
C ASN F 83 7.52 13.89 -7.50
N ALA F 84 7.72 15.16 -7.84
CA ALA F 84 7.37 15.66 -9.17
C ALA F 84 8.49 15.51 -10.18
N LEU F 85 9.74 15.51 -9.73
CA LEU F 85 10.89 15.45 -10.62
C LEU F 85 11.35 14.03 -10.91
N ILE F 86 11.17 13.10 -9.97
CA ILE F 86 11.67 11.74 -10.11
C ILE F 86 10.61 10.76 -9.64
N ASN F 87 10.75 9.52 -10.11
CA ASN F 87 9.97 8.38 -9.62
C ASN F 87 10.74 7.77 -8.47
N ASP F 88 10.35 8.10 -7.24
CA ASP F 88 11.00 7.52 -6.06
C ASP F 88 10.87 6.00 -6.01
N GLN F 89 9.84 5.44 -6.66
CA GLN F 89 9.70 4.00 -6.71
C GLN F 89 10.83 3.36 -7.49
N LEU F 90 11.41 4.07 -8.46
CA LEU F 90 12.59 3.55 -9.15
C LEU F 90 13.76 3.43 -8.19
N ILE F 91 13.94 4.42 -7.30
CA ILE F 91 14.96 4.33 -6.28
C ILE F 91 14.66 3.19 -5.32
N MET F 92 13.39 3.01 -4.97
CA MET F 92 13.01 1.90 -4.10
C MET F 92 13.31 0.55 -4.74
N LYS F 93 13.02 0.42 -6.04
CA LYS F 93 13.36 -0.80 -6.76
C LYS F 93 14.87 -1.04 -6.75
N ASN F 94 15.65 0.01 -7.02
CA ASN F 94 17.09 -0.16 -7.04
C ASN F 94 17.63 -0.56 -5.67
N HIS F 95 17.04 -0.01 -4.61
CA HIS F 95 17.40 -0.43 -3.26
C HIS F 95 17.02 -1.89 -3.01
N LEU F 96 15.85 -2.31 -3.50
CA LEU F 96 15.42 -3.69 -3.33
C LEU F 96 16.38 -4.65 -4.04
N ARG F 97 16.79 -4.30 -5.25
CA ARG F 97 17.79 -5.12 -5.94
C ARG F 97 19.15 -5.06 -5.26
N ASP F 98 19.47 -3.94 -4.60
CA ASP F 98 20.74 -3.83 -3.90
C ASP F 98 20.78 -4.78 -2.72
N ILE F 99 19.72 -4.78 -1.90
CA ILE F 99 19.70 -5.65 -0.73
C ILE F 99 19.59 -7.12 -1.14
N MET F 100 18.87 -7.40 -2.23
CA MET F 100 18.69 -8.76 -2.71
C MET F 100 19.90 -9.30 -3.49
N CYS F 101 20.95 -8.48 -3.69
CA CYS F 101 22.13 -8.81 -4.48
C CYS F 101 21.85 -8.95 -5.97
N ILE F 102 20.66 -8.57 -6.43
CA ILE F 102 20.35 -8.52 -7.86
C ILE F 102 21.12 -7.31 -8.38
N PRO F 103 21.53 -7.26 -9.65
CA PRO F 103 22.17 -6.03 -10.15
C PRO F 103 21.23 -4.84 -10.10
N TYR F 104 21.83 -3.68 -9.80
CA TYR F 104 21.08 -2.45 -9.59
C TYR F 104 21.86 -1.28 -10.15
N CYS F 105 21.20 -0.13 -10.22
CA CYS F 105 21.76 1.10 -10.76
C CYS F 105 21.94 2.10 -9.63
N ASN F 106 23.16 2.66 -9.51
CA ASN F 106 23.42 3.77 -8.60
C ASN F 106 23.44 5.12 -9.31
N TYR F 107 22.81 5.22 -10.49
CA TYR F 107 22.53 6.48 -11.17
C TYR F 107 23.78 7.23 -11.62
N SER F 108 24.94 6.56 -11.66
CA SER F 108 26.19 7.22 -12.04
C SER F 108 26.47 7.07 -13.53
N LYS F 109 26.63 5.84 -14.00
CA LYS F 109 27.04 5.54 -15.36
C LYS F 109 25.83 5.09 -16.18
N TYR F 110 25.81 5.49 -17.45
CA TYR F 110 24.77 5.13 -18.40
C TYR F 110 25.43 4.73 -19.71
N TRP F 111 24.68 3.99 -20.53
CA TRP F 111 25.16 3.55 -21.84
C TRP F 111 24.05 3.70 -22.86
N TYR F 112 24.43 4.08 -24.08
CA TYR F 112 23.49 4.22 -25.18
C TYR F 112 24.15 3.73 -26.47
N LEU F 113 23.31 3.34 -27.42
CA LEU F 113 23.78 2.91 -28.73
C LEU F 113 23.78 4.09 -29.69
N ASN F 114 24.94 4.37 -30.28
CA ASN F 114 25.16 5.54 -31.13
C ASN F 114 25.26 5.08 -32.57
N HIS F 115 24.38 5.62 -33.42
CA HIS F 115 24.41 5.32 -34.84
C HIS F 115 25.56 6.08 -35.49
N THR F 116 26.50 5.36 -36.10
CA THR F 116 27.72 5.98 -36.59
C THR F 116 27.45 6.97 -37.72
N THR F 117 26.57 6.60 -38.66
CA THR F 117 26.35 7.46 -39.83
C THR F 117 25.39 8.60 -39.50
N THR F 118 24.15 8.27 -39.14
CA THR F 118 23.15 9.29 -38.91
C THR F 118 23.45 10.11 -37.66
N GLY F 119 24.17 9.54 -36.69
CA GLY F 119 24.43 10.21 -35.43
C GLY F 119 23.28 10.17 -34.45
N ARG F 120 22.18 9.50 -34.76
CA ARG F 120 21.06 9.39 -33.84
C ARG F 120 21.37 8.34 -32.79
N THR F 121 20.97 8.62 -31.54
CA THR F 121 21.28 7.80 -30.39
C THR F 121 19.99 7.34 -29.72
N SER F 122 20.07 6.22 -29.02
CA SER F 122 18.95 5.72 -28.22
C SER F 122 18.95 6.36 -26.84
N LEU F 123 17.86 6.17 -26.11
CA LEU F 123 17.79 6.67 -24.75
C LEU F 123 18.80 5.92 -23.89
N PRO F 124 19.67 6.60 -23.13
CA PRO F 124 20.61 5.85 -22.28
C PRO F 124 19.91 5.02 -21.22
N LYS F 125 20.44 3.82 -20.99
CA LYS F 125 20.06 2.96 -19.88
C LYS F 125 21.22 2.88 -18.90
N CYS F 126 20.87 2.74 -17.62
CA CYS F 126 21.89 2.78 -16.58
C CYS F 126 22.75 1.51 -16.62
N TRP F 127 24.05 1.69 -16.38
CA TRP F 127 24.97 0.58 -16.27
C TRP F 127 24.85 -0.01 -14.88
N LEU F 128 24.37 -1.25 -14.80
CA LEU F 128 24.07 -1.85 -13.50
C LEU F 128 25.36 -2.18 -12.77
N VAL F 129 25.30 -2.15 -11.43
CA VAL F 129 26.48 -2.26 -10.57
C VAL F 129 26.26 -3.42 -9.59
N SER F 130 27.33 -4.19 -9.35
CA SER F 130 27.33 -5.27 -8.39
C SER F 130 28.78 -5.58 -8.03
N ASN F 131 28.99 -6.35 -6.96
CA ASN F 131 30.31 -6.83 -6.56
C ASN F 131 31.27 -5.70 -6.22
N GLY F 132 30.76 -4.48 -5.98
CA GLY F 132 31.60 -3.31 -5.83
C GLY F 132 32.18 -2.78 -7.12
N SER F 133 31.57 -3.06 -8.27
CA SER F 133 32.09 -2.61 -9.56
C SER F 133 30.98 -2.65 -10.60
N TYR F 134 31.30 -2.16 -11.79
CA TYR F 134 30.36 -2.23 -12.90
C TYR F 134 30.41 -3.61 -13.55
N LEU F 135 29.28 -4.04 -14.10
CA LEU F 135 29.22 -5.34 -14.75
C LEU F 135 30.04 -5.33 -16.04
N ASN F 136 30.34 -6.54 -16.51
CA ASN F 136 30.91 -6.69 -17.84
C ASN F 136 29.84 -6.38 -18.89
N GLU F 137 30.29 -6.04 -20.10
CA GLU F 137 29.36 -5.91 -21.21
C GLU F 137 28.71 -7.23 -21.58
N THR F 138 29.39 -8.36 -21.29
CA THR F 138 28.84 -9.67 -21.66
C THR F 138 27.58 -9.98 -20.84
N HIS F 139 27.53 -9.52 -19.60
CA HIS F 139 26.41 -9.89 -18.72
C HIS F 139 25.08 -9.35 -19.23
N PHE F 140 25.07 -8.09 -19.69
CA PHE F 140 23.86 -7.45 -20.20
C PHE F 140 23.95 -7.20 -21.70
N SER F 141 24.69 -8.04 -22.42
CA SER F 141 24.72 -7.96 -23.88
C SER F 141 23.35 -8.25 -24.48
N ASP F 142 22.52 -9.04 -23.80
CA ASP F 142 21.17 -9.28 -24.27
C ASP F 142 20.37 -7.98 -24.31
N ASP F 143 20.54 -7.13 -23.29
CA ASP F 143 19.86 -5.84 -23.29
C ASP F 143 20.34 -4.97 -24.44
N ILE F 144 21.64 -4.98 -24.73
CA ILE F 144 22.16 -4.18 -25.84
C ILE F 144 21.60 -4.70 -27.16
N GLU F 145 21.54 -6.02 -27.34
CA GLU F 145 20.99 -6.59 -28.56
C GLU F 145 19.52 -6.23 -28.71
N GLN F 146 18.75 -6.29 -27.61
CA GLN F 146 17.35 -5.93 -27.70
C GLN F 146 17.18 -4.45 -28.01
N GLN F 147 18.04 -3.60 -27.45
CA GLN F 147 17.98 -2.17 -27.77
C GLN F 147 18.29 -1.93 -29.24
N ALA F 148 19.28 -2.63 -29.78
CA ALA F 148 19.58 -2.50 -31.21
C ALA F 148 18.40 -2.98 -32.05
N ASP F 149 17.78 -4.10 -31.65
CA ASP F 149 16.63 -4.61 -32.37
C ASP F 149 15.48 -3.60 -32.36
N ASN F 150 15.24 -2.97 -31.22
CA ASN F 150 14.20 -1.94 -31.15
C ASN F 150 14.57 -0.74 -32.02
N MET F 151 15.84 -0.35 -32.03
CA MET F 151 16.25 0.88 -32.70
C MET F 151 16.34 0.72 -34.21
N ILE F 152 16.48 -0.51 -34.72
CA ILE F 152 16.33 -0.72 -36.16
C ILE F 152 14.85 -0.76 -36.56
N THR F 153 13.98 -1.22 -35.67
CA THR F 153 12.58 -1.53 -36.02
C THR F 153 11.71 -0.29 -35.81
N GLU F 154 11.83 0.65 -36.74
CA GLU F 154 10.87 1.75 -36.84
C GLU F 154 10.89 2.36 -38.25
N GLY G 1 4.63 7.16 -6.12
CA GLY G 1 5.04 7.21 -7.52
C GLY G 1 4.61 5.99 -8.30
N THR G 2 4.85 6.03 -9.60
CA THR G 2 4.45 4.92 -10.47
C THR G 2 5.26 3.68 -10.14
N PHE G 3 4.62 2.52 -10.26
CA PHE G 3 5.29 1.24 -10.04
C PHE G 3 6.48 1.09 -10.98
N THR G 4 7.46 0.29 -10.55
CA THR G 4 8.67 0.04 -11.33
C THR G 4 9.14 -1.39 -11.35
N TRP G 5 8.56 -2.29 -10.54
CA TRP G 5 9.14 -3.62 -10.34
C TRP G 5 9.16 -4.42 -11.64
N THR G 6 10.33 -4.99 -11.95
CA THR G 6 10.51 -5.76 -13.17
C THR G 6 10.01 -7.18 -12.97
N LEU G 7 9.11 -7.62 -13.85
CA LEU G 7 8.48 -8.92 -13.74
C LEU G 7 9.43 -9.98 -14.28
N SER G 8 10.44 -10.32 -13.47
CA SER G 8 11.41 -11.35 -13.83
C SER G 8 10.76 -12.72 -13.89
N TYR G 19 5.70 -14.48 -18.81
CA TYR G 19 5.75 -14.94 -17.43
C TYR G 19 4.85 -16.16 -17.26
N CYS G 20 5.21 -17.03 -16.31
CA CYS G 20 4.51 -18.28 -16.06
C CYS G 20 4.00 -18.32 -14.63
N LEU G 21 2.70 -18.60 -14.48
CA LEU G 21 2.07 -18.79 -13.18
C LEU G 21 2.10 -20.27 -12.82
N THR G 22 2.68 -20.59 -11.66
CA THR G 22 2.87 -21.98 -11.25
C THR G 22 1.59 -22.49 -10.58
N ARG G 23 1.63 -23.77 -10.18
CA ARG G 23 0.50 -24.36 -9.46
C ARG G 23 0.26 -23.66 -8.14
N TRP G 24 1.33 -23.29 -7.44
CA TRP G 24 1.19 -22.69 -6.12
C TRP G 24 0.54 -21.31 -6.19
N MET G 25 0.76 -20.58 -7.28
CA MET G 25 0.20 -19.24 -7.43
C MET G 25 -1.27 -19.24 -7.83
N LEU G 26 -1.86 -20.40 -8.10
CA LEU G 26 -3.17 -20.50 -8.73
C LEU G 26 -4.07 -21.44 -7.93
N ILE G 27 -5.37 -21.34 -8.19
CA ILE G 27 -6.39 -22.19 -7.58
C ILE G 27 -6.92 -23.10 -8.69
N GLU G 28 -6.70 -24.40 -8.54
CA GLU G 28 -7.26 -25.42 -9.43
C GLU G 28 -6.81 -25.19 -10.88
N ALA G 29 -5.50 -25.03 -11.06
CA ALA G 29 -4.93 -24.80 -12.37
C ALA G 29 -3.48 -25.28 -12.35
N GLU G 30 -2.88 -25.36 -13.54
CA GLU G 30 -1.57 -25.97 -13.69
C GLU G 30 -0.84 -25.28 -14.84
N LEU G 31 0.14 -24.43 -14.48
CA LEU G 31 1.11 -23.87 -15.42
C LEU G 31 0.42 -23.07 -16.53
N LYS G 32 -0.22 -21.98 -16.13
CA LYS G 32 -0.75 -21.00 -17.07
C LYS G 32 0.36 -20.02 -17.42
N CYS G 33 0.81 -20.07 -18.67
CA CYS G 33 1.94 -19.28 -19.16
C CYS G 33 1.46 -18.35 -20.26
N PHE G 34 1.70 -17.05 -20.08
CA PHE G 34 1.34 -16.02 -21.06
C PHE G 34 2.58 -15.60 -21.84
N GLY G 35 2.34 -15.16 -23.07
CA GLY G 35 3.42 -14.80 -23.96
C GLY G 35 4.07 -13.47 -23.58
N ASN G 36 5.12 -13.13 -24.33
CA ASN G 36 5.84 -11.89 -24.07
C ASN G 36 4.95 -10.68 -24.35
N THR G 37 4.11 -10.76 -25.38
CA THR G 37 3.28 -9.62 -25.75
C THR G 37 2.27 -9.28 -24.66
N ALA G 38 1.70 -10.29 -24.00
CA ALA G 38 0.71 -10.04 -22.96
C ALA G 38 1.35 -9.40 -21.74
N VAL G 39 2.48 -9.95 -21.28
CA VAL G 39 3.13 -9.42 -20.08
C VAL G 39 3.85 -8.11 -20.34
N ALA G 40 4.14 -7.78 -21.61
CA ALA G 40 4.78 -6.51 -21.90
C ALA G 40 3.85 -5.33 -21.61
N LYS G 41 2.54 -5.56 -21.63
CA LYS G 41 1.59 -4.49 -21.35
C LYS G 41 1.60 -4.07 -19.88
N CYS G 42 2.20 -4.88 -18.99
CA CYS G 42 2.27 -4.51 -17.58
C CYS G 42 3.31 -3.43 -17.33
N ASN G 43 4.27 -3.23 -18.23
CA ASN G 43 5.24 -2.15 -18.08
C ASN G 43 4.66 -0.78 -18.37
N GLU G 44 3.48 -0.69 -18.98
CA GLU G 44 2.86 0.58 -19.38
C GLU G 44 1.48 0.79 -18.75
N LYS G 45 0.66 -0.25 -18.67
CA LYS G 45 -0.68 -0.08 -18.11
C LYS G 45 -0.61 0.18 -16.62
N HIS G 46 -1.49 1.08 -16.14
CA HIS G 46 -1.51 1.53 -14.76
C HIS G 46 -2.74 1.09 -13.98
N ASP G 47 -3.83 0.73 -14.66
CA ASP G 47 -5.10 0.37 -14.05
C ASP G 47 -5.45 -1.10 -14.29
N GLU G 48 -4.47 -1.98 -14.16
CA GLU G 48 -4.63 -3.42 -14.33
C GLU G 48 -4.29 -4.12 -13.03
N GLU G 49 -5.30 -4.78 -12.44
CA GLU G 49 -5.10 -5.48 -11.18
C GLU G 49 -4.18 -6.69 -11.35
N PHE G 50 -4.30 -7.37 -12.49
CA PHE G 50 -3.53 -8.60 -12.70
C PHE G 50 -2.04 -8.33 -12.71
N CYS G 51 -1.63 -7.22 -13.33
CA CYS G 51 -0.20 -6.88 -13.36
C CYS G 51 0.32 -6.60 -11.95
N ASP G 52 -0.48 -5.91 -11.14
CA ASP G 52 -0.08 -5.64 -9.76
C ASP G 52 0.06 -6.93 -8.96
N MET G 53 -0.88 -7.86 -9.12
CA MET G 53 -0.76 -9.13 -8.40
C MET G 53 0.40 -9.96 -8.94
N LEU G 54 0.69 -9.84 -10.25
CA LEU G 54 1.86 -10.52 -10.80
C LEU G 54 3.14 -10.00 -10.17
N ARG G 55 3.24 -8.67 -10.01
CA ARG G 55 4.40 -8.09 -9.34
C ARG G 55 4.49 -8.56 -7.90
N LEU G 56 3.35 -8.63 -7.20
CA LEU G 56 3.34 -9.10 -5.82
C LEU G 56 3.84 -10.54 -5.72
N PHE G 57 3.34 -11.41 -6.61
CA PHE G 57 3.73 -12.82 -6.53
C PHE G 57 5.20 -13.00 -6.90
N ASP G 58 5.68 -12.27 -7.91
CA ASP G 58 7.10 -12.35 -8.26
C ASP G 58 7.97 -11.83 -7.13
N PHE G 59 7.54 -10.77 -6.46
CA PHE G 59 8.30 -10.26 -5.32
C PHE G 59 8.33 -11.25 -4.18
N ASN G 60 7.21 -11.91 -3.90
CA ASN G 60 7.18 -12.93 -2.86
C ASN G 60 8.11 -14.08 -3.20
N LYS G 61 8.09 -14.52 -4.46
CA LYS G 61 8.96 -15.60 -4.92
C LYS G 61 10.42 -15.24 -4.72
N GLN G 62 10.83 -14.06 -5.21
CA GLN G 62 12.22 -13.65 -5.08
C GLN G 62 12.60 -13.40 -3.62
N ALA G 63 11.64 -12.98 -2.79
CA ALA G 63 11.95 -12.76 -1.39
C ALA G 63 12.24 -14.08 -0.68
N ILE G 64 11.40 -15.10 -0.91
CA ILE G 64 11.66 -16.38 -0.24
C ILE G 64 12.91 -17.03 -0.80
N GLN G 65 13.17 -16.87 -2.10
CA GLN G 65 14.33 -17.52 -2.70
C GLN G 65 15.64 -16.86 -2.29
N ARG G 66 15.74 -15.54 -2.46
CA ARG G 66 17.03 -14.87 -2.32
C ARG G 66 17.34 -14.54 -0.87
N LEU G 67 16.42 -13.88 -0.18
CA LEU G 67 16.69 -13.38 1.16
C LEU G 67 16.59 -14.49 2.19
N LYS G 68 17.55 -14.51 3.12
CA LYS G 68 17.51 -15.45 4.22
C LYS G 68 16.33 -15.15 5.13
N ALA G 69 15.61 -16.20 5.52
CA ALA G 69 14.45 -16.02 6.38
C ALA G 69 14.91 -15.59 7.78
N PRO G 70 14.24 -14.61 8.40
CA PRO G 70 14.62 -14.25 9.77
C PRO G 70 14.09 -15.26 10.79
N ALA G 71 14.65 -15.18 12.00
CA ALA G 71 14.18 -16.03 13.08
C ALA G 71 12.72 -15.72 13.43
N GLN G 72 12.37 -14.43 13.45
CA GLN G 72 11.01 -13.97 13.65
C GLN G 72 10.61 -13.13 12.45
N MET G 73 9.38 -13.34 11.96
CA MET G 73 8.94 -12.62 10.77
C MET G 73 8.84 -11.13 11.04
N SER G 74 9.16 -10.35 10.01
CA SER G 74 9.01 -8.91 10.01
C SER G 74 8.38 -8.49 8.69
N ILE G 75 7.63 -7.39 8.73
CA ILE G 75 6.92 -6.84 7.57
C ILE G 75 7.46 -5.47 7.20
N GLN G 76 8.72 -5.19 7.53
CA GLN G 76 9.33 -3.93 7.11
C GLN G 76 9.50 -3.90 5.59
N LEU G 77 9.90 -5.03 5.00
CA LEU G 77 10.20 -5.07 3.58
C LEU G 77 8.95 -4.83 2.75
N ILE G 78 7.85 -5.47 3.10
CA ILE G 78 6.59 -5.23 2.38
C ILE G 78 6.11 -3.81 2.63
N ASN G 79 6.32 -3.28 3.84
CA ASN G 79 5.93 -1.90 4.11
C ASN G 79 6.69 -0.92 3.22
N LYS G 80 7.91 -1.29 2.82
CA LYS G 80 8.77 -0.42 1.97
C LYS G 80 8.50 -0.65 0.48
N ALA G 81 8.31 -1.90 0.04
CA ALA G 81 8.18 -2.25 -1.38
C ALA G 81 6.73 -2.21 -1.86
N VAL G 82 5.75 -1.93 -1.01
CA VAL G 82 4.32 -2.01 -1.42
C VAL G 82 4.11 -1.06 -2.59
N ASN G 83 4.65 0.15 -2.50
CA ASN G 83 4.45 1.19 -3.55
C ASN G 83 5.09 0.76 -4.88
N ALA G 84 6.28 0.17 -4.87
CA ALA G 84 7.00 -0.28 -6.08
C ALA G 84 6.26 -1.44 -6.75
N LEU G 85 5.79 -2.41 -5.97
CA LEU G 85 5.09 -3.62 -6.49
C LEU G 85 3.67 -3.28 -6.99
N ILE G 86 2.92 -2.40 -6.33
CA ILE G 86 1.49 -2.17 -6.71
C ILE G 86 1.04 -0.70 -6.65
N ASN G 87 0.10 -0.30 -7.50
CA ASN G 87 -0.53 1.03 -7.49
C ASN G 87 -1.59 1.01 -6.39
N ASP G 88 -1.32 1.70 -5.28
CA ASP G 88 -2.29 1.72 -4.18
C ASP G 88 -3.59 2.40 -4.60
N GLN G 89 -3.53 3.31 -5.56
CA GLN G 89 -4.74 4.00 -5.98
C GLN G 89 -5.68 3.09 -6.75
N LEU G 90 -5.19 1.99 -7.33
CA LEU G 90 -6.10 1.00 -7.89
C LEU G 90 -6.94 0.36 -6.79
N ILE G 91 -6.31 0.03 -5.66
CA ILE G 91 -7.04 -0.48 -4.51
C ILE G 91 -8.00 0.58 -3.98
N MET G 92 -7.57 1.84 -4.00
CA MET G 92 -8.45 2.93 -3.57
C MET G 92 -9.67 3.04 -4.46
N LYS G 93 -9.48 2.91 -5.77
CA LYS G 93 -10.60 2.99 -6.70
C LYS G 93 -11.52 1.80 -6.52
N ASN G 94 -10.97 0.60 -6.29
CA ASN G 94 -11.81 -0.57 -6.06
C ASN G 94 -12.62 -0.41 -4.78
N HIS G 95 -12.02 0.16 -3.74
CA HIS G 95 -12.77 0.47 -2.52
C HIS G 95 -13.87 1.49 -2.80
N LEU G 96 -13.57 2.50 -3.61
CA LEU G 96 -14.56 3.51 -3.94
C LEU G 96 -15.74 2.89 -4.69
N ARG G 97 -15.48 2.03 -5.66
CA ARG G 97 -16.55 1.30 -6.32
C ARG G 97 -17.29 0.38 -5.35
N ASP G 98 -16.59 -0.19 -4.37
CA ASP G 98 -17.23 -1.09 -3.42
C ASP G 98 -18.23 -0.34 -2.56
N ILE G 99 -17.86 0.83 -2.06
CA ILE G 99 -18.75 1.55 -1.16
C ILE G 99 -19.95 2.12 -1.92
N MET G 100 -19.75 2.52 -3.17
CA MET G 100 -20.83 3.11 -3.97
C MET G 100 -21.75 2.07 -4.62
N CYS G 101 -21.67 0.80 -4.21
CA CYS G 101 -22.64 -0.22 -4.60
C CYS G 101 -22.61 -0.47 -6.12
N ILE G 102 -21.42 -0.50 -6.68
CA ILE G 102 -21.20 -0.78 -8.10
C ILE G 102 -20.09 -1.82 -8.21
N PRO G 103 -19.97 -2.48 -9.37
CA PRO G 103 -19.01 -3.60 -9.47
C PRO G 103 -17.57 -3.17 -9.22
N TYR G 104 -16.82 -4.07 -8.61
CA TYR G 104 -15.42 -3.84 -8.27
C TYR G 104 -14.67 -5.15 -8.36
N CYS G 105 -13.35 -5.07 -8.21
CA CYS G 105 -12.45 -6.21 -8.27
C CYS G 105 -11.87 -6.47 -6.89
N ASN G 106 -11.97 -7.73 -6.43
CA ASN G 106 -11.36 -8.12 -5.13
C ASN G 106 -10.00 -8.76 -5.41
N TYR G 107 -9.56 -8.81 -6.68
CA TYR G 107 -8.23 -9.26 -7.06
C TYR G 107 -8.10 -10.78 -7.16
N SER G 108 -9.21 -11.53 -7.06
CA SER G 108 -9.13 -12.99 -7.08
C SER G 108 -9.23 -13.56 -8.50
N LYS G 109 -10.33 -13.32 -9.19
CA LYS G 109 -10.63 -13.95 -10.46
C LYS G 109 -10.32 -13.00 -11.61
N TYR G 110 -9.79 -13.56 -12.69
CA TYR G 110 -9.47 -12.82 -13.90
C TYR G 110 -9.89 -13.66 -15.10
N TRP G 111 -10.07 -12.99 -16.25
CA TRP G 111 -10.45 -13.64 -17.49
C TRP G 111 -9.60 -13.12 -18.62
N TYR G 112 -9.29 -14.01 -19.57
CA TYR G 112 -8.54 -13.67 -20.77
C TYR G 112 -9.13 -14.45 -21.93
N LEU G 113 -8.52 -14.29 -23.10
CA LEU G 113 -8.92 -14.97 -24.33
C LEU G 113 -7.67 -15.55 -24.97
N ASN G 114 -7.73 -16.83 -25.36
CA ASN G 114 -6.68 -17.47 -26.16
C ASN G 114 -7.28 -17.97 -27.46
N HIS G 115 -6.51 -17.85 -28.54
CA HIS G 115 -6.86 -18.51 -29.78
C HIS G 115 -6.90 -20.02 -29.57
N THR G 116 -7.92 -20.68 -30.13
CA THR G 116 -7.97 -22.13 -30.06
C THR G 116 -6.91 -22.80 -30.94
N THR G 117 -6.32 -22.06 -31.89
CA THR G 117 -5.30 -22.60 -32.79
C THR G 117 -3.90 -22.11 -32.51
N THR G 118 -3.74 -21.00 -31.78
CA THR G 118 -2.44 -20.45 -31.42
C THR G 118 -2.45 -20.05 -29.95
N GLY G 119 -1.26 -19.98 -29.37
CA GLY G 119 -1.09 -19.76 -27.95
C GLY G 119 -1.10 -18.33 -27.49
N ARG G 120 -1.39 -17.37 -28.37
CA ARG G 120 -1.23 -15.96 -28.03
C ARG G 120 -2.45 -15.51 -27.23
N THR G 121 -2.19 -15.04 -26.01
CA THR G 121 -3.23 -14.63 -25.05
C THR G 121 -3.24 -13.13 -24.87
N SER G 122 -4.39 -12.61 -24.45
CA SER G 122 -4.50 -11.22 -24.04
C SER G 122 -4.08 -11.06 -22.59
N LEU G 123 -3.93 -9.82 -22.17
CA LEU G 123 -3.67 -9.56 -20.76
C LEU G 123 -4.95 -9.88 -19.98
N PRO G 124 -4.89 -10.70 -18.92
CA PRO G 124 -6.10 -10.95 -18.13
C PRO G 124 -6.65 -9.67 -17.49
N LYS G 125 -7.98 -9.57 -17.49
CA LYS G 125 -8.71 -8.50 -16.82
C LYS G 125 -9.56 -9.11 -15.72
N CYS G 126 -9.75 -8.34 -14.66
CA CYS G 126 -10.41 -8.87 -13.47
C CYS G 126 -11.89 -9.10 -13.70
N TRP G 127 -12.40 -10.19 -13.13
CA TRP G 127 -13.82 -10.46 -13.12
C TRP G 127 -14.45 -9.64 -11.99
N LEU G 128 -15.24 -8.64 -12.34
CA LEU G 128 -15.77 -7.73 -11.33
C LEU G 128 -16.83 -8.42 -10.49
N VAL G 129 -16.71 -8.27 -9.17
CA VAL G 129 -17.70 -8.79 -8.22
C VAL G 129 -18.67 -7.68 -7.89
N SER G 130 -19.94 -8.04 -7.69
CA SER G 130 -20.97 -7.08 -7.36
C SER G 130 -22.06 -7.77 -6.56
N ASN G 131 -22.47 -7.15 -5.46
CA ASN G 131 -23.55 -7.66 -4.61
C ASN G 131 -23.19 -9.02 -4.01
N GLY G 132 -21.90 -9.24 -3.76
CA GLY G 132 -21.45 -10.47 -3.13
C GLY G 132 -21.30 -11.66 -4.05
N SER G 133 -21.33 -11.46 -5.37
CA SER G 133 -21.18 -12.56 -6.30
C SER G 133 -20.56 -12.04 -7.59
N TYR G 134 -19.94 -12.96 -8.34
CA TYR G 134 -19.32 -12.59 -9.60
C TYR G 134 -20.38 -12.15 -10.60
N LEU G 135 -20.03 -11.15 -11.40
CA LEU G 135 -20.94 -10.69 -12.44
C LEU G 135 -21.10 -11.77 -13.51
N ASN G 136 -22.28 -11.82 -14.10
CA ASN G 136 -22.49 -12.74 -15.21
C ASN G 136 -21.62 -12.33 -16.40
N GLU G 137 -21.34 -13.29 -17.26
CA GLU G 137 -20.58 -13.02 -18.48
C GLU G 137 -21.31 -12.06 -19.41
N THR G 138 -22.65 -11.96 -19.30
CA THR G 138 -23.41 -11.03 -20.13
C THR G 138 -23.35 -9.60 -19.62
N HIS G 139 -22.96 -9.38 -18.36
CA HIS G 139 -22.85 -8.01 -17.84
C HIS G 139 -21.78 -7.23 -18.58
N PHE G 140 -20.63 -7.84 -18.83
CA PHE G 140 -19.47 -7.20 -19.46
C PHE G 140 -19.08 -7.91 -20.75
N SER G 141 -20.06 -8.48 -21.46
CA SER G 141 -19.78 -9.06 -22.76
C SER G 141 -19.31 -8.01 -23.76
N ASP G 142 -19.76 -6.76 -23.58
CA ASP G 142 -19.27 -5.66 -24.42
C ASP G 142 -17.78 -5.47 -24.21
N ASP G 143 -17.31 -5.57 -22.96
CA ASP G 143 -15.88 -5.46 -22.70
C ASP G 143 -15.10 -6.60 -23.35
N ILE G 144 -15.66 -7.82 -23.31
CA ILE G 144 -15.01 -8.96 -23.94
C ILE G 144 -14.91 -8.75 -25.44
N GLU G 145 -15.99 -8.29 -26.06
CA GLU G 145 -15.99 -8.05 -27.49
C GLU G 145 -15.02 -6.93 -27.87
N GLN G 146 -14.96 -5.87 -27.06
CA GLN G 146 -14.02 -4.79 -27.33
C GLN G 146 -12.59 -5.29 -27.21
N GLN G 147 -12.32 -6.13 -26.21
CA GLN G 147 -10.99 -6.73 -26.07
C GLN G 147 -10.63 -7.55 -27.29
N ALA G 148 -11.53 -8.42 -27.75
CA ALA G 148 -11.27 -9.22 -28.93
C ALA G 148 -11.10 -8.35 -30.18
N ASP G 149 -11.84 -7.24 -30.26
CA ASP G 149 -11.67 -6.30 -31.37
C ASP G 149 -10.27 -5.72 -31.38
N ASN G 150 -9.78 -5.31 -30.20
CA ASN G 150 -8.41 -4.80 -30.12
C ASN G 150 -7.39 -5.90 -30.41
N MET G 151 -7.71 -7.15 -30.06
CA MET G 151 -6.82 -8.27 -30.38
C MET G 151 -6.69 -8.48 -31.88
N ILE G 152 -7.81 -8.52 -32.61
CA ILE G 152 -7.72 -8.70 -34.05
C ILE G 152 -7.07 -7.47 -34.69
N THR G 153 -7.35 -6.28 -34.17
CA THR G 153 -6.72 -5.08 -34.70
C THR G 153 -5.21 -5.08 -34.44
N GLU G 154 -4.81 -5.48 -33.24
CA GLU G 154 -3.40 -5.53 -32.86
C GLU G 154 -2.81 -6.90 -33.20
N GLY H 1 0.14 6.45 -6.11
CA GLY H 1 0.92 6.03 -7.26
C GLY H 1 0.56 6.79 -8.52
N THR H 2 -0.50 6.34 -9.19
CA THR H 2 -1.01 6.98 -10.39
C THR H 2 -2.53 6.98 -10.34
N PHE H 3 -3.14 7.86 -11.14
CA PHE H 3 -4.59 7.88 -11.26
C PHE H 3 -5.09 6.54 -11.80
N THR H 4 -6.32 6.19 -11.39
CA THR H 4 -6.99 4.99 -11.89
C THR H 4 -8.46 5.19 -12.20
N TRP H 5 -9.07 6.32 -11.87
CA TRP H 5 -10.49 6.50 -12.07
C TRP H 5 -10.83 6.54 -13.56
N THR H 6 -11.94 5.89 -13.91
CA THR H 6 -12.43 5.80 -15.28
C THR H 6 -13.77 6.51 -15.38
N LEU H 7 -13.92 7.33 -16.42
CA LEU H 7 -15.15 8.09 -16.63
C LEU H 7 -16.30 7.15 -16.98
N SER H 8 -17.52 7.59 -16.65
CA SER H 8 -18.74 6.82 -16.85
C SER H 8 -19.68 7.60 -17.77
N ASP H 9 -19.90 7.06 -18.97
CA ASP H 9 -20.82 7.64 -19.95
C ASP H 9 -20.47 9.10 -20.27
N GLY H 17 -18.25 6.34 -27.08
CA GLY H 17 -17.58 6.19 -25.80
C GLY H 17 -16.84 7.43 -25.37
N GLY H 18 -17.43 8.60 -25.64
CA GLY H 18 -16.83 9.87 -25.30
C GLY H 18 -17.22 10.33 -23.92
N TYR H 19 -17.15 11.65 -23.71
CA TYR H 19 -17.57 12.26 -22.46
C TYR H 19 -18.11 13.65 -22.75
N CYS H 20 -19.18 14.03 -22.03
CA CYS H 20 -19.89 15.27 -22.27
C CYS H 20 -19.96 16.09 -20.99
N LEU H 21 -19.49 17.34 -21.06
CA LEU H 21 -19.64 18.30 -19.98
C LEU H 21 -20.95 19.04 -20.18
N THR H 22 -21.82 18.99 -19.18
CA THR H 22 -23.13 19.60 -19.26
C THR H 22 -23.04 21.10 -18.97
N ARG H 23 -24.21 21.76 -18.94
CA ARG H 23 -24.25 23.20 -18.73
C ARG H 23 -23.73 23.56 -17.34
N TRP H 24 -24.04 22.73 -16.35
CA TRP H 24 -23.66 23.04 -14.98
C TRP H 24 -22.15 22.99 -14.78
N MET H 25 -21.45 22.14 -15.54
CA MET H 25 -20.01 21.99 -15.39
C MET H 25 -19.20 23.08 -16.08
N LEU H 26 -19.84 23.97 -16.84
CA LEU H 26 -19.15 24.97 -17.65
C LEU H 26 -19.66 26.36 -17.31
N ILE H 27 -18.76 27.34 -17.42
CA ILE H 27 -19.07 28.74 -17.14
C ILE H 27 -19.57 29.39 -18.43
N GLU H 28 -20.88 29.64 -18.51
CA GLU H 28 -21.52 30.30 -19.64
C GLU H 28 -21.21 29.55 -20.95
N ALA H 29 -21.68 28.31 -21.01
CA ALA H 29 -21.50 27.50 -22.19
C ALA H 29 -22.47 26.33 -22.14
N GLU H 30 -22.98 25.96 -23.31
CA GLU H 30 -23.92 24.86 -23.41
C GLU H 30 -23.19 23.53 -23.24
N LEU H 31 -23.92 22.44 -23.39
CA LEU H 31 -23.34 21.11 -23.27
C LEU H 31 -22.37 20.86 -24.43
N LYS H 32 -21.20 20.32 -24.10
CA LYS H 32 -20.13 20.07 -25.07
C LYS H 32 -19.63 18.64 -24.91
N CYS H 33 -19.57 17.91 -26.02
CA CYS H 33 -19.18 16.50 -26.04
C CYS H 33 -17.86 16.32 -26.76
N PHE H 34 -16.99 15.50 -26.17
CA PHE H 34 -15.71 15.12 -26.75
C PHE H 34 -15.75 13.63 -27.06
N GLY H 35 -15.31 13.27 -28.26
CA GLY H 35 -15.44 11.91 -28.72
C GLY H 35 -14.56 10.93 -27.96
N ASN H 36 -14.73 9.66 -28.31
CA ASN H 36 -13.99 8.59 -27.63
C ASN H 36 -12.49 8.72 -27.89
N THR H 37 -12.11 9.19 -29.09
CA THR H 37 -10.69 9.28 -29.43
C THR H 37 -9.98 10.27 -28.52
N ALA H 38 -10.59 11.42 -28.24
CA ALA H 38 -9.96 12.42 -27.38
C ALA H 38 -9.93 11.94 -25.92
N VAL H 39 -11.02 11.34 -25.46
CA VAL H 39 -11.08 10.91 -24.07
C VAL H 39 -10.14 9.74 -23.82
N ALA H 40 -9.86 8.92 -24.83
CA ALA H 40 -8.94 7.80 -24.67
C ALA H 40 -7.53 8.24 -24.32
N LYS H 41 -7.15 9.48 -24.66
CA LYS H 41 -5.85 10.00 -24.26
C LYS H 41 -5.74 10.14 -22.76
N CYS H 42 -6.85 10.30 -22.05
CA CYS H 42 -6.81 10.50 -20.60
C CYS H 42 -6.41 9.24 -19.84
N ASN H 43 -6.59 8.06 -20.44
CA ASN H 43 -6.16 6.84 -19.78
C ASN H 43 -4.64 6.75 -19.70
N GLU H 44 -3.94 7.28 -20.70
CA GLU H 44 -2.48 7.14 -20.83
C GLU H 44 -1.72 8.35 -20.31
N LYS H 45 -2.02 9.54 -20.84
CA LYS H 45 -1.23 10.73 -20.50
C LYS H 45 -1.40 11.10 -19.03
N HIS H 46 -0.30 11.59 -18.44
CA HIS H 46 -0.23 11.93 -17.03
C HIS H 46 -0.19 13.42 -16.75
N ASP H 47 0.31 14.23 -17.68
CA ASP H 47 0.47 15.67 -17.51
C ASP H 47 -0.70 16.47 -18.08
N GLU H 48 -1.91 15.91 -18.05
CA GLU H 48 -3.10 16.54 -18.62
C GLU H 48 -3.97 17.07 -17.49
N GLU H 49 -4.06 18.39 -17.37
CA GLU H 49 -4.90 19.00 -16.35
C GLU H 49 -6.37 18.73 -16.62
N PHE H 50 -6.78 18.78 -17.89
CA PHE H 50 -8.18 18.63 -18.23
C PHE H 50 -8.69 17.24 -17.88
N CYS H 51 -7.87 16.21 -18.08
CA CYS H 51 -8.29 14.86 -17.73
C CYS H 51 -8.48 14.73 -16.22
N ASP H 52 -7.59 15.35 -15.44
CA ASP H 52 -7.75 15.34 -13.98
C ASP H 52 -9.04 16.04 -13.58
N MET H 53 -9.36 17.16 -14.22
CA MET H 53 -10.62 17.83 -13.91
C MET H 53 -11.82 17.00 -14.33
N LEU H 54 -11.72 16.27 -15.45
CA LEU H 54 -12.79 15.38 -15.83
C LEU H 54 -13.01 14.29 -14.78
N ARG H 55 -11.91 13.75 -14.26
CA ARG H 55 -12.04 12.75 -13.20
C ARG H 55 -12.68 13.34 -11.95
N LEU H 56 -12.29 14.56 -11.58
CA LEU H 56 -12.89 15.21 -10.41
C LEU H 56 -14.39 15.45 -10.61
N PHE H 57 -14.78 15.96 -11.78
CA PHE H 57 -16.19 16.24 -12.03
C PHE H 57 -17.01 14.95 -12.10
N ASP H 58 -16.46 13.91 -12.72
CA ASP H 58 -17.15 12.62 -12.76
C ASP H 58 -17.31 12.04 -11.36
N PHE H 59 -16.28 12.15 -10.53
CA PHE H 59 -16.38 11.64 -9.17
C PHE H 59 -17.40 12.44 -8.36
N ASN H 60 -17.45 13.75 -8.58
CA ASN H 60 -18.49 14.55 -7.94
C ASN H 60 -19.87 14.09 -8.37
N LYS H 61 -20.06 13.84 -9.67
CA LYS H 61 -21.36 13.39 -10.17
C LYS H 61 -21.75 12.05 -9.55
N GLN H 62 -20.80 11.13 -9.46
CA GLN H 62 -21.10 9.82 -8.87
C GLN H 62 -21.36 9.93 -7.38
N ALA H 63 -20.61 10.78 -6.68
CA ALA H 63 -20.79 10.91 -5.23
C ALA H 63 -22.14 11.52 -4.88
N ILE H 64 -22.56 12.58 -5.60
CA ILE H 64 -23.89 13.12 -5.36
C ILE H 64 -24.96 12.14 -5.81
N GLN H 65 -24.73 11.45 -6.93
CA GLN H 65 -25.77 10.57 -7.47
C GLN H 65 -25.98 9.35 -6.57
N ARG H 66 -24.91 8.68 -6.18
CA ARG H 66 -25.01 7.35 -5.58
C ARG H 66 -25.06 7.40 -4.05
N LEU H 67 -24.03 7.96 -3.42
CA LEU H 67 -23.94 7.96 -1.98
C LEU H 67 -25.03 8.83 -1.36
N LYS H 68 -25.64 8.32 -0.30
CA LYS H 68 -26.64 9.09 0.43
C LYS H 68 -25.99 10.29 1.10
N ALA H 69 -26.66 11.42 1.06
CA ALA H 69 -26.08 12.64 1.64
C ALA H 69 -26.00 12.50 3.16
N PRO H 70 -24.91 12.91 3.80
CA PRO H 70 -24.82 12.79 5.26
C PRO H 70 -25.62 13.88 5.96
N ALA H 71 -25.78 13.70 7.27
CA ALA H 71 -26.45 14.71 8.08
C ALA H 71 -25.66 16.01 8.07
N GLN H 72 -24.34 15.93 8.16
CA GLN H 72 -23.44 17.06 8.02
C GLN H 72 -22.35 16.70 7.01
N MET H 73 -21.87 17.69 6.29
CA MET H 73 -20.88 17.45 5.24
C MET H 73 -19.59 16.90 5.83
N SER H 74 -18.98 15.96 5.11
CA SER H 74 -17.69 15.39 5.45
C SER H 74 -16.82 15.35 4.21
N ILE H 75 -15.55 15.68 4.37
CA ILE H 75 -14.58 15.71 3.28
C ILE H 75 -13.58 14.55 3.41
N GLN H 76 -13.92 13.50 4.16
CA GLN H 76 -13.04 12.34 4.23
C GLN H 76 -12.95 11.63 2.89
N LEU H 77 -14.03 11.66 2.10
CA LEU H 77 -14.06 10.92 0.85
C LEU H 77 -13.02 11.44 -0.12
N ILE H 78 -12.96 12.76 -0.31
CA ILE H 78 -11.93 13.29 -1.20
C ILE H 78 -10.56 13.17 -0.56
N ASN H 79 -10.48 13.24 0.77
CA ASN H 79 -9.19 13.05 1.44
C ASN H 79 -8.61 11.68 1.16
N LYS H 80 -9.47 10.68 0.93
CA LYS H 80 -9.00 9.38 0.46
C LYS H 80 -8.74 9.38 -1.04
N ALA H 81 -9.68 9.92 -1.83
CA ALA H 81 -9.71 9.70 -3.26
C ALA H 81 -8.90 10.72 -4.07
N VAL H 82 -8.24 11.68 -3.43
CA VAL H 82 -7.54 12.72 -4.17
C VAL H 82 -6.42 12.14 -5.02
N ASN H 83 -5.65 11.21 -4.46
CA ASN H 83 -4.54 10.64 -5.22
C ASN H 83 -5.03 9.76 -6.36
N ALA H 84 -6.20 9.14 -6.21
CA ALA H 84 -6.75 8.33 -7.28
C ALA H 84 -7.37 9.17 -8.39
N LEU H 85 -7.96 10.31 -8.05
CA LEU H 85 -8.69 11.11 -9.03
C LEU H 85 -7.81 12.09 -9.79
N ILE H 86 -6.69 12.55 -9.19
CA ILE H 86 -5.83 13.54 -9.81
C ILE H 86 -4.37 13.17 -9.56
N ASN H 87 -3.49 13.74 -10.38
CA ASN H 87 -2.05 13.68 -10.17
C ASN H 87 -1.65 14.89 -9.34
N ASP H 88 -1.34 14.66 -8.06
CA ASP H 88 -0.95 15.75 -7.18
C ASP H 88 0.35 16.40 -7.64
N GLN H 89 1.24 15.63 -8.27
CA GLN H 89 2.48 16.20 -8.76
C GLN H 89 2.26 17.10 -9.96
N LEU H 90 1.16 16.94 -10.68
CA LEU H 90 0.82 17.94 -11.70
C LEU H 90 0.53 19.29 -11.07
N ILE H 91 -0.21 19.29 -9.96
CA ILE H 91 -0.43 20.53 -9.21
C ILE H 91 0.89 21.04 -8.66
N MET H 92 1.78 20.14 -8.24
CA MET H 92 3.09 20.56 -7.77
C MET H 92 3.89 21.25 -8.88
N LYS H 93 3.83 20.72 -10.10
CA LYS H 93 4.50 21.35 -11.23
C LYS H 93 3.88 22.72 -11.51
N ASN H 94 2.55 22.81 -11.43
CA ASN H 94 1.89 24.09 -11.63
C ASN H 94 2.37 25.12 -10.61
N HIS H 95 2.45 24.71 -9.34
CA HIS H 95 2.94 25.63 -8.30
C HIS H 95 4.40 26.00 -8.53
N LEU H 96 5.21 25.03 -8.97
CA LEU H 96 6.62 25.31 -9.23
C LEU H 96 6.79 26.32 -10.36
N ARG H 97 6.01 26.19 -11.43
CA ARG H 97 6.05 27.20 -12.48
C ARG H 97 5.45 28.52 -12.00
N ASP H 98 4.52 28.47 -11.04
CA ASP H 98 3.97 29.71 -10.50
C ASP H 98 5.03 30.51 -9.77
N ILE H 99 5.82 29.86 -8.92
CA ILE H 99 6.76 30.59 -8.08
C ILE H 99 7.97 31.12 -8.83
N MET H 100 8.22 30.66 -10.07
CA MET H 100 9.31 31.15 -10.91
C MET H 100 8.83 32.08 -12.02
N CYS H 101 7.58 32.53 -11.99
CA CYS H 101 6.99 33.35 -13.06
C CYS H 101 7.08 32.69 -14.43
N ILE H 102 7.08 31.36 -14.47
CA ILE H 102 6.92 30.62 -15.71
C ILE H 102 5.40 30.59 -15.92
N PRO H 103 4.89 30.56 -17.16
CA PRO H 103 3.45 30.38 -17.33
C PRO H 103 2.98 29.05 -16.76
N TYR H 104 1.79 29.06 -16.16
CA TYR H 104 1.24 27.91 -15.48
C TYR H 104 -0.27 27.87 -15.73
N CYS H 105 -0.85 26.71 -15.43
CA CYS H 105 -2.29 26.47 -15.54
C CYS H 105 -2.91 26.46 -14.14
N ASN H 106 -3.92 27.30 -13.92
CA ASN H 106 -4.72 27.26 -12.70
C ASN H 106 -6.02 26.47 -12.89
N TYR H 107 -6.08 25.57 -13.87
CA TYR H 107 -7.17 24.62 -14.06
C TYR H 107 -8.50 25.29 -14.36
N SER H 108 -8.49 26.54 -14.82
CA SER H 108 -9.72 27.29 -15.08
C SER H 108 -10.14 27.20 -16.54
N LYS H 109 -9.27 27.65 -17.45
CA LYS H 109 -9.57 27.77 -18.87
C LYS H 109 -8.78 26.73 -19.66
N TYR H 110 -9.41 26.24 -20.73
CA TYR H 110 -8.82 25.22 -21.59
C TYR H 110 -9.12 25.61 -23.04
N TRP H 111 -8.33 25.07 -23.97
CA TRP H 111 -8.55 25.28 -25.39
C TRP H 111 -8.34 23.98 -26.14
N TYR H 112 -9.11 23.81 -27.22
CA TYR H 112 -9.03 22.63 -28.07
C TYR H 112 -9.22 23.05 -29.51
N LEU H 113 -8.69 22.25 -30.43
CA LEU H 113 -8.97 22.40 -31.85
C LEU H 113 -10.26 21.66 -32.17
N ASN H 114 -11.05 22.27 -33.05
CA ASN H 114 -12.35 21.69 -33.42
C ASN H 114 -12.50 21.77 -34.93
N HIS H 115 -12.67 20.63 -35.58
CA HIS H 115 -12.85 20.56 -37.03
C HIS H 115 -14.20 21.15 -37.40
N THR H 116 -14.22 21.97 -38.45
CA THR H 116 -15.45 22.67 -38.82
C THR H 116 -16.50 21.71 -39.35
N THR H 117 -16.09 20.75 -40.19
CA THR H 117 -17.03 19.84 -40.84
C THR H 117 -17.26 18.57 -40.03
N THR H 118 -16.18 17.81 -39.77
CA THR H 118 -16.34 16.52 -39.09
C THR H 118 -16.75 16.70 -37.64
N GLY H 119 -16.30 17.77 -36.98
CA GLY H 119 -16.54 17.97 -35.57
C GLY H 119 -15.58 17.25 -34.64
N ARG H 120 -14.59 16.54 -35.18
CA ARG H 120 -13.60 15.89 -34.34
C ARG H 120 -12.76 16.94 -33.63
N THR H 121 -12.38 16.64 -32.38
CA THR H 121 -11.67 17.56 -31.51
C THR H 121 -10.46 16.87 -30.89
N SER H 122 -9.40 17.64 -30.67
CA SER H 122 -8.26 17.18 -29.92
C SER H 122 -8.53 17.29 -28.43
N LEU H 123 -7.65 16.71 -27.63
CA LEU H 123 -7.79 16.80 -26.18
C LEU H 123 -7.57 18.25 -25.75
N PRO H 124 -8.42 18.83 -24.91
CA PRO H 124 -8.17 20.22 -24.49
C PRO H 124 -6.89 20.36 -23.68
N LYS H 125 -6.08 21.35 -24.06
CA LYS H 125 -4.88 21.73 -23.34
C LYS H 125 -5.16 23.00 -22.54
N CYS H 126 -4.65 23.06 -21.32
CA CYS H 126 -4.99 24.15 -20.43
C CYS H 126 -4.38 25.46 -20.89
N TRP H 127 -5.18 26.53 -20.86
CA TRP H 127 -4.68 27.86 -21.10
C TRP H 127 -3.78 28.28 -19.95
N LEU H 128 -2.67 28.94 -20.28
CA LEU H 128 -1.64 29.32 -19.32
C LEU H 128 -1.82 30.78 -18.92
N VAL H 129 -1.48 31.09 -17.66
CA VAL H 129 -1.62 32.44 -17.09
C VAL H 129 -0.25 32.91 -16.63
N SER H 130 0.06 34.18 -16.89
CA SER H 130 1.33 34.76 -16.38
C SER H 130 1.09 36.24 -16.05
N ASN H 131 1.60 36.71 -14.91
CA ASN H 131 1.37 38.12 -14.49
C ASN H 131 -0.07 38.26 -14.01
N GLY H 132 -0.76 37.13 -13.80
CA GLY H 132 -2.18 37.18 -13.40
C GLY H 132 -3.05 37.57 -14.58
N SER H 133 -2.88 36.88 -15.71
CA SER H 133 -3.67 37.18 -16.91
C SER H 133 -3.41 36.11 -17.94
N TYR H 134 -4.43 35.79 -18.72
CA TYR H 134 -4.32 34.73 -19.72
C TYR H 134 -3.36 35.17 -20.82
N LEU H 135 -2.42 34.29 -21.17
CA LEU H 135 -1.58 34.54 -22.33
C LEU H 135 -2.43 34.59 -23.58
N ASN H 136 -2.09 35.54 -24.45
CA ASN H 136 -2.86 35.72 -25.70
C ASN H 136 -2.68 34.50 -26.59
N GLU H 137 -3.41 34.46 -27.70
CA GLU H 137 -3.29 33.36 -28.65
C GLU H 137 -1.94 33.35 -29.38
N THR H 138 -1.17 34.43 -29.32
CA THR H 138 0.09 34.52 -30.05
C THR H 138 1.27 33.90 -29.31
N HIS H 139 1.26 33.92 -27.98
CA HIS H 139 2.44 33.49 -27.23
C HIS H 139 2.71 32.00 -27.41
N PHE H 140 1.65 31.19 -27.37
CA PHE H 140 1.74 29.73 -27.47
C PHE H 140 1.14 29.22 -28.77
N SER H 141 1.21 30.04 -29.84
CA SER H 141 0.70 29.60 -31.13
C SER H 141 1.47 28.40 -31.67
N ASP H 142 2.74 28.26 -31.29
CA ASP H 142 3.50 27.08 -31.70
C ASP H 142 2.87 25.81 -31.12
N ASP H 143 2.40 25.87 -29.87
CA ASP H 143 1.72 24.73 -29.27
C ASP H 143 0.45 24.38 -30.04
N ILE H 144 -0.33 25.39 -30.43
CA ILE H 144 -1.56 25.14 -31.18
C ILE H 144 -1.22 24.54 -32.54
N GLU H 145 -0.20 25.07 -33.21
CA GLU H 145 0.15 24.55 -34.54
C GLU H 145 0.68 23.13 -34.46
N GLN H 146 1.45 22.81 -33.41
CA GLN H 146 2.00 21.46 -33.31
C GLN H 146 0.90 20.47 -32.90
N GLN H 147 -0.04 20.90 -32.06
CA GLN H 147 -1.21 20.08 -31.78
C GLN H 147 -2.03 19.85 -33.03
N ALA H 148 -2.15 20.88 -33.88
CA ALA H 148 -2.83 20.71 -35.15
C ALA H 148 -2.10 19.75 -36.06
N ASP H 149 -0.77 19.77 -36.02
CA ASP H 149 0.01 18.80 -36.81
C ASP H 149 -0.26 17.38 -36.33
N ASN H 150 -0.30 17.18 -35.01
CA ASN H 150 -0.65 15.87 -34.46
C ASN H 150 -2.05 15.44 -34.89
N MET H 151 -3.00 16.38 -34.85
CA MET H 151 -4.39 16.06 -35.21
C MET H 151 -4.53 15.83 -36.71
N ILE H 152 -3.67 16.45 -37.52
CA ILE H 152 -3.63 16.16 -38.95
C ILE H 152 -3.07 14.77 -39.20
N THR H 153 -2.05 14.38 -38.43
CA THR H 153 -1.44 13.07 -38.62
C THR H 153 -2.42 11.94 -38.33
N GLU H 154 -3.40 12.17 -37.46
CA GLU H 154 -4.44 11.18 -37.20
C GLU H 154 -5.39 11.09 -38.39
C1 NAG I . 3.37 38.50 18.31
C2 NAG I . 2.75 39.12 19.57
C3 NAG I . 3.31 40.51 19.79
C4 NAG I . 4.83 40.46 19.84
C5 NAG I . 5.34 39.78 18.57
C6 NAG I . 6.85 39.63 18.55
C7 NAG I . 0.46 38.46 20.25
C8 NAG I . -1.00 38.69 19.95
N2 NAG I . 1.31 39.16 19.48
O3 NAG I . 2.76 41.01 20.99
O4 NAG I . 5.29 41.79 19.95
O5 NAG I . 4.76 38.50 18.43
O6 NAG I . 7.24 38.89 17.42
O7 NAG I . 0.81 37.67 21.13
C1 NAG I . 6.17 41.90 21.09
C2 NAG I . 7.11 43.09 20.85
C3 NAG I . 8.03 43.26 22.04
C4 NAG I . 7.21 43.36 23.32
C5 NAG I . 6.26 42.16 23.43
C6 NAG I . 5.36 42.20 24.64
C7 NAG I . 7.76 43.67 18.53
C8 NAG I . 8.68 43.28 17.38
N2 NAG I . 7.87 42.91 19.64
O3 NAG I . 8.82 44.40 21.84
O4 NAG I . 8.12 43.38 24.41
O5 NAG I . 5.45 42.11 22.27
O6 NAG I . 6.15 42.23 25.81
O7 NAG I . 6.98 44.59 18.40
C1 NAG J . -23.33 23.82 -4.94
C2 NAG J . -24.33 24.92 -5.33
C3 NAG J . -25.61 24.30 -5.90
C4 NAG J . -25.30 23.26 -6.96
C5 NAG J . -24.24 22.29 -6.44
C6 NAG J . -23.83 21.23 -7.42
C7 NAG J . -24.12 27.00 -3.98
C8 NAG J . -24.63 27.68 -2.74
N2 NAG J . -24.65 25.77 -4.21
O3 NAG J . -26.39 25.34 -6.42
O4 NAG J . -26.49 22.58 -7.25
O5 NAG J . -23.11 23.07 -6.10
O6 NAG J . -22.78 20.47 -6.88
O7 NAG J . -23.30 27.52 -4.72
C1 NAG J . -26.86 22.87 -8.62
C2 NAG J . -28.00 21.93 -9.01
C3 NAG J . -28.49 22.26 -10.42
C4 NAG J . -28.79 23.75 -10.53
C5 NAG J . -27.58 24.56 -10.08
C6 NAG J . -27.74 26.06 -10.15
C7 NAG J . -27.72 19.79 -7.82
C8 NAG J . -27.21 18.37 -7.95
N2 NAG J . -27.58 20.56 -8.92
O3 NAG J . -29.61 21.47 -10.68
O4 NAG J . -29.13 24.01 -11.87
O5 NAG J . -27.27 24.20 -8.75
O6 NAG J . -27.83 26.46 -11.50
O7 NAG J . -28.23 20.17 -6.78
C1 NAG K . -6.40 25.51 28.15
C2 NAG K . -5.51 24.90 29.24
C3 NAG K . -5.74 25.70 30.53
C4 NAG K . -5.67 27.21 30.30
C5 NAG K . -6.47 27.57 29.04
C6 NAG K . -6.47 29.03 28.65
C7 NAG K . -6.98 22.93 29.61
C8 NAG K . -6.97 21.43 29.79
N2 NAG K . -5.77 23.49 29.43
O3 NAG K . -4.78 25.27 31.47
O4 NAG K . -6.29 27.84 31.41
O5 NAG K . -5.98 26.83 27.95
O6 NAG K . -7.24 29.10 27.46
O7 NAG K . -8.04 23.55 29.64
C1 NAG K . -5.42 28.11 32.54
C2 NAG K . -6.24 27.82 33.81
C3 NAG K . -5.40 27.98 35.07
C4 NAG K . -4.12 27.17 34.95
C5 NAG K . -3.40 27.62 33.67
C6 NAG K . -2.05 26.97 33.45
C7 NAG K . -7.40 30.02 33.83
C8 NAG K . -8.76 30.67 33.93
N2 NAG K . -7.41 28.66 33.88
O3 NAG K . -6.17 27.55 36.16
O4 NAG K . -3.35 27.42 36.10
O5 NAG K . -4.25 27.32 32.58
O6 NAG K . -1.40 27.58 32.37
O7 NAG K . -6.38 30.69 33.72
C1 FUC K . -8.05 30.28 27.35
C2 FUC K . -8.91 30.07 26.12
C3 FUC K . -9.88 28.92 26.34
C4 FUC K . -10.74 29.19 27.58
C5 FUC K . -9.82 29.46 28.76
C6 FUC K . -10.55 29.86 30.03
O2 FUC K . -8.07 29.84 25.02
O3 FUC K . -10.64 28.76 25.17
O4 FUC K . -11.60 30.27 27.30
O5 FUC K . -8.90 30.50 28.46
C1 NAG L . 30.13 28.48 -1.96
C2 NAG L . 31.22 29.46 -1.51
C3 NAG L . 30.70 30.89 -1.50
C4 NAG L . 30.06 31.22 -2.85
C5 NAG L . 28.99 30.18 -3.15
C6 NAG L . 28.24 30.41 -4.44
C7 NAG L . 32.83 28.42 0.07
C8 NAG L . 33.12 28.19 1.54
N2 NAG L . 31.70 29.13 -0.19
O3 NAG L . 31.77 31.75 -1.22
O4 NAG L . 29.53 32.52 -2.77
O5 NAG L . 29.58 28.91 -3.18
O6 NAG L . 27.36 29.34 -4.68
O7 NAG L . 33.57 28.00 -0.79
C1 NAG L . 30.19 33.35 -3.76
C2 NAG L . 29.35 34.61 -3.97
C3 NAG L . 30.05 35.57 -4.92
C4 NAG L . 31.49 35.81 -4.47
C5 NAG L . 32.20 34.47 -4.29
C6 NAG L . 33.64 34.58 -3.86
C7 NAG L . 26.90 34.28 -3.76
C8 NAG L . 25.66 33.88 -4.54
N2 NAG L . 28.05 34.27 -4.47
O3 NAG L . 29.31 36.77 -4.96
O4 NAG L . 32.12 36.60 -5.45
O5 NAG L . 31.49 33.70 -3.34
O6 NAG L . 34.19 33.29 -3.72
O7 NAG L . 26.84 34.57 -2.58
C1 NAG M . 24.69 2.23 25.32
C2 NAG M . 25.43 2.87 26.51
C3 NAG M . 26.28 1.82 27.19
C4 NAG M . 25.40 0.68 27.66
C5 NAG M . 24.62 0.13 26.45
C6 NAG M . 23.64 -0.96 26.84
C7 NAG M . 25.98 5.28 26.45
C8 NAG M . 26.97 6.29 25.92
N2 NAG M . 26.22 4.00 26.12
O3 NAG M . 26.96 2.43 28.26
O4 NAG M . 26.25 -0.30 28.22
O5 NAG M . 23.91 1.16 25.81
O6 NAG M . 22.80 -1.25 25.75
O7 NAG M . 25.03 5.65 27.13
C1 NAG M . 25.79 -0.63 29.54
C2 NAG M . 26.47 -1.92 29.97
C3 NAG M . 26.09 -2.28 31.41
C4 NAG M . 26.38 -1.09 32.32
C5 NAG M . 25.67 0.15 31.78
C6 NAG M . 25.90 1.39 32.61
C7 NAG M . 26.90 -3.46 28.08
C8 NAG M . 26.31 -4.60 27.28
N2 NAG M . 26.12 -3.00 29.08
O3 NAG M . 26.82 -3.41 31.78
O4 NAG M . 25.91 -1.43 33.61
O5 NAG M . 26.12 0.40 30.46
O6 NAG M . 25.43 1.18 33.92
O7 NAG M . 28.00 -3.02 27.82
C1 NAG N . 28.57 23.64 -6.39
C2 NAG N . 30.08 23.62 -6.74
C3 NAG N . 30.41 24.77 -7.72
C4 NAG N . 29.42 24.85 -8.87
C5 NAG N . 27.99 24.83 -8.30
C6 NAG N . 26.87 24.93 -9.31
C7 NAG N . 31.40 22.69 -4.88
C8 NAG N . 32.21 23.07 -3.66
N2 NAG N . 30.88 23.73 -5.55
O3 NAG N . 31.71 24.56 -8.19
O4 NAG N . 29.65 26.06 -9.55
O5 NAG N . 27.88 23.61 -7.62
O6 NAG N . 26.82 23.75 -10.07
O7 NAG N . 31.26 21.52 -5.21
C1 NAG N . 30.06 25.75 -10.88
C2 NAG N . 29.78 26.95 -11.78
C3 NAG N . 30.27 26.65 -13.19
C4 NAG N . 31.73 26.23 -13.16
C5 NAG N . 31.91 25.07 -12.18
C6 NAG N . 33.33 24.59 -12.02
C7 NAG N . 27.80 28.20 -10.97
C8 NAG N . 26.32 28.36 -11.13
N2 NAG N . 28.37 27.27 -11.77
O3 NAG N . 30.06 27.80 -13.97
O4 NAG N . 32.10 25.86 -14.47
O5 NAG N . 31.44 25.47 -10.91
O6 NAG N . 33.41 23.70 -10.93
O7 NAG N . 28.43 28.86 -10.15
C1 NAG O . 18.05 18.61 28.73
C2 NAG O . 19.43 18.91 29.32
C3 NAG O . 19.57 18.59 30.80
C4 NAG O . 18.34 18.98 31.58
C5 NAG O . 17.09 18.53 30.88
C6 NAG O . 15.88 18.91 31.71
C7 NAG O . 21.71 18.36 28.67
C8 NAG O . 22.52 17.37 27.90
N2 NAG O . 20.40 18.13 28.60
O3 NAG O . 20.68 19.31 31.33
O4 NAG O . 18.39 18.36 32.85
O5 NAG O . 17.04 19.13 29.59
O6 NAG O . 15.92 20.28 32.05
O7 NAG O . 22.19 19.26 29.31
C1 NAG O . 18.53 19.36 33.85
C2 NAG O . 18.00 18.80 35.16
C3 NAG O . 18.17 19.83 36.25
C4 NAG O . 19.64 20.18 36.35
C5 NAG O . 20.10 20.71 35.01
C6 NAG O . 21.57 21.07 35.03
C7 NAG O . 16.19 17.19 34.87
C8 NAG O . 14.71 17.04 34.70
N2 NAG O . 16.61 18.45 35.03
O3 NAG O . 17.70 19.32 37.50
O4 NAG O . 19.85 21.14 37.38
O5 NAG O . 19.90 19.71 34.01
O6 NAG O . 22.33 19.93 35.42
O7 NAG O . 16.96 16.24 34.86
C1 FUC O . 14.72 20.90 31.57
C2 FUC O . 14.59 22.30 32.14
C3 FUC O . 15.57 23.26 31.48
C4 FUC O . 15.47 23.16 29.97
C5 FUC O . 15.70 21.71 29.57
C6 FUC O . 15.67 21.54 28.06
O2 FUC O . 14.84 22.25 33.54
O3 FUC O . 15.29 24.60 31.91
O4 FUC O . 14.17 23.58 29.54
O5 FUC O . 14.66 20.92 30.15
C1 NAG P . 2.43 -19.81 3.11
C2 NAG P . 1.73 -21.14 3.20
C3 NAG P . 2.67 -22.25 2.80
C4 NAG P . 3.31 -21.98 1.46
C5 NAG P . 3.97 -20.60 1.44
C6 NAG P . 4.49 -20.28 0.04
C7 NAG P . 0.05 -21.45 4.93
C8 NAG P . -0.24 -20.93 6.31
N2 NAG P . 1.32 -21.39 4.55
O3 NAG P . 1.95 -23.48 2.73
O4 NAG P . 4.32 -22.95 1.22
O5 NAG P . 3.04 -19.61 1.82
O6 NAG P . 5.22 -19.05 0.10
O7 NAG P . -0.82 -21.89 4.21
C1 NAG P . 3.90 -23.82 0.15
C2 NAG P . 5.10 -24.56 -0.42
C3 NAG P . 4.64 -25.41 -1.58
C4 NAG P . 3.55 -26.36 -1.11
C5 NAG P . 2.41 -25.56 -0.51
C6 NAG P . 1.33 -26.47 0.02
C7 NAG P . 7.00 -23.11 0.00
C8 NAG P . 7.95 -22.11 -0.57
N2 NAG P . 6.11 -23.61 -0.85
O3 NAG P . 5.76 -26.14 -2.07
O4 NAG P . 3.01 -27.08 -2.21
O5 NAG P . 2.90 -24.75 0.56
O6 NAG P . 0.23 -25.68 0.49
O7 NAG P . 7.04 -23.44 1.17
C1 BMA P . 3.59 -28.39 -2.35
C2 BMA P . 2.62 -29.25 -3.15
C3 BMA P . 3.25 -30.61 -3.45
C4 BMA P . 4.56 -30.41 -4.16
C5 BMA P . 5.46 -29.52 -3.33
C6 BMA P . 6.76 -29.19 -4.07
O2 BMA P . 2.29 -28.59 -4.37
O3 BMA P . 2.37 -31.36 -4.28
O4 BMA P . 5.19 -31.69 -4.35
O5 BMA P . 4.82 -28.28 -3.06
O6 BMA P . 7.63 -28.55 -3.12
C1 MAN P . 1.44 -32.06 -3.44
C2 MAN P . 1.48 -33.54 -3.80
C3 MAN P . 1.03 -33.73 -5.24
C4 MAN P . -0.37 -33.14 -5.37
C5 MAN P . -0.35 -31.68 -4.96
C6 MAN P . -1.75 -31.09 -5.05
O2 MAN P . 0.61 -34.24 -2.91
O3 MAN P . 1.03 -35.11 -5.60
O4 MAN P . -0.81 -33.26 -6.73
O5 MAN P . 0.12 -31.57 -3.61
O6 MAN P . -2.62 -31.85 -4.22
C1 MAN P . 1.14 -35.54 -2.60
C2 MAN P . 0.35 -36.14 -1.44
C3 MAN P . 0.66 -35.38 -0.16
C4 MAN P . 2.16 -35.37 0.08
C5 MAN P . 2.89 -34.80 -1.12
C6 MAN P . 4.39 -34.87 -0.92
O2 MAN P . 0.71 -37.51 -1.28
O3 MAN P . 0.01 -36.03 0.94
O4 MAN P . 2.46 -34.57 1.23
O5 MAN P . 2.54 -35.52 -2.31
O6 MAN P . 4.78 -36.24 -0.75
C1 MAN P . 8.09 -27.27 -3.60
C2 MAN P . 9.38 -27.46 -4.39
C3 MAN P . 10.46 -27.96 -3.46
C4 MAN P . 10.62 -26.96 -2.32
C5 MAN P . 9.29 -26.78 -1.61
C6 MAN P . 9.42 -25.78 -0.47
O2 MAN P . 9.77 -26.21 -4.97
O3 MAN P . 11.69 -28.11 -4.16
O4 MAN P . 11.61 -27.43 -1.40
O5 MAN P . 8.31 -26.33 -2.55
O6 MAN P . 9.99 -24.57 -0.98
C1 NAG Q . -18.02 -16.82 15.56
C2 NAG Q . -19.22 -16.88 16.51
C3 NAG Q . -18.73 -16.88 17.96
C4 NAG Q . -17.73 -18.01 18.17
C5 NAG Q . -16.61 -17.90 17.14
C6 NAG Q . -15.60 -19.02 17.25
C7 NAG Q . -21.29 -15.82 15.66
C8 NAG Q . -22.04 -14.52 15.59
N2 NAG Q . -20.11 -15.77 16.30
O3 NAG Q . -19.85 -17.00 18.80
O4 NAG Q . -17.23 -17.88 19.48
O5 NAG Q . -17.16 -17.91 15.83
O6 NAG Q . -14.48 -18.74 16.45
O7 NAG Q . -21.75 -16.84 15.16
C1 NAG Q . -17.54 -19.06 20.26
C2 NAG Q . -16.55 -19.13 21.42
C3 NAG Q . -16.90 -20.32 22.32
C4 NAG Q . -18.35 -20.23 22.75
C5 NAG Q . -19.24 -20.12 21.51
C6 NAG Q . -20.71 -20.02 21.81
C7 NAG Q . -14.29 -18.23 20.98
C8 NAG Q . -12.92 -18.58 20.44
N2 NAG Q . -15.19 -19.23 20.97
O3 NAG Q . -16.02 -20.31 23.41
O4 NAG Q . -18.64 -21.37 23.51
O5 NAG Q . -18.85 -18.99 20.75
O6 NAG Q . -20.95 -18.92 22.66
O7 NAG Q . -14.53 -17.10 21.38
C1 NAG R . 0.01 2.46 32.41
C2 NAG R . -0.48 1.17 33.09
C3 NAG R . -1.39 1.49 34.28
C4 NAG R . -0.77 2.50 35.24
C5 NAG R . -0.35 3.73 34.42
C6 NAG R . 0.42 4.79 35.17
C7 NAG R . -1.31 -0.99 32.23
C8 NAG R . -2.11 -1.66 31.14
N2 NAG R . -1.20 0.34 32.14
O3 NAG R . -1.70 0.29 34.93
O4 NAG R . -1.71 2.82 36.24
O5 NAG R . 0.52 3.31 33.40
O6 NAG R . 1.38 4.15 35.97
O7 NAG R . -0.81 -1.65 33.13
C1 NAG R . -1.14 2.56 37.54
C2 NAG R . -1.52 3.67 38.53
C3 NAG R . -0.89 3.39 39.88
C4 NAG R . -1.32 2.02 40.37
C5 NAG R . -1.02 0.97 39.29
C6 NAG R . -1.49 -0.41 39.66
C7 NAG R . -1.91 6.06 37.97
C8 NAG R . -1.20 7.31 37.48
N2 NAG R . -1.11 4.98 38.09
O3 NAG R . -1.26 4.42 40.77
O4 NAG R . -0.62 1.76 41.56
O5 NAG R . -1.63 1.35 38.08
O6 NAG R . -2.86 -0.38 39.99
O7 NAG R . -3.10 6.07 38.23
C1 FUC R . 2.23 5.09 36.66
C2 FUC R . 3.32 4.28 37.37
C3 FUC R . 4.21 3.59 36.35
C4 FUC R . 4.81 4.62 35.40
C5 FUC R . 3.67 5.42 34.77
C6 FUC R . 4.14 6.55 33.89
O2 FUC R . 2.70 3.36 38.23
O3 FUC R . 5.18 2.86 37.06
O4 FUC R . 5.71 5.43 36.14
O5 FUC R . 2.85 5.99 35.78
C1 NAG S . -18.03 2.69 26.55
C2 NAG S . -17.71 2.49 28.03
C3 NAG S . -19.03 2.43 28.80
C4 NAG S . -19.80 3.72 28.56
C5 NAG S . -19.98 3.93 27.05
C6 NAG S . -20.63 5.26 26.71
C7 NAG S . -15.66 1.27 28.68
C8 NAG S . -15.06 -0.10 28.90
N2 NAG S . -16.95 1.29 28.30
O3 NAG S . -18.72 2.25 30.16
O4 NAG S . -21.05 3.58 29.21
O5 NAG S . -18.72 3.91 26.41
O6 NAG S . -19.86 6.31 27.24
O7 NAG S . -14.98 2.27 28.84
C1 NAG S . -21.21 4.67 30.13
C2 NAG S . -22.72 4.90 30.32
C3 NAG S . -22.93 6.05 31.28
C4 NAG S . -22.18 5.80 32.58
C5 NAG S . -20.71 5.49 32.27
C6 NAG S . -19.87 5.17 33.48
C7 NAG S . -23.92 4.21 28.27
C8 NAG S . -24.53 4.70 26.98
N2 NAG S . -23.36 5.15 29.06
O3 NAG S . -24.31 6.19 31.51
O4 NAG S . -22.31 6.95 33.38
O5 NAG S . -20.65 4.39 31.38
O6 NAG S . -20.41 4.06 34.17
O7 NAG S . -23.95 3.02 28.57
C1 NAG T . -0.05 -12.61 22.99
C2 NAG T . -0.38 -14.09 23.06
C3 NAG T . -0.14 -14.61 24.46
C4 NAG T . 1.29 -14.30 24.87
C5 NAG T . 1.56 -12.81 24.74
C6 NAG T . 3.00 -12.43 25.04
C7 NAG T . -2.29 -15.47 22.42
C8 NAG T . -3.79 -15.52 22.58
N2 NAG T . -1.74 -14.28 22.63
O3 NAG T . -0.34 -16.03 24.51
O4 NAG T . 1.47 -14.77 26.21
O5 NAG T . 1.28 -12.38 23.42
O6 NAG T . 3.86 -13.00 24.04
O7 NAG T . -1.64 -16.45 22.10
C1 NAG T . 2.83 -15.23 26.34
C2 NAG T . 3.37 -15.04 27.75
C3 NAG T . 4.85 -15.30 27.73
C4 NAG T . 5.10 -16.70 27.16
C5 NAG T . 4.48 -16.81 25.76
C6 NAG T . 4.69 -18.20 25.18
C7 NAG T . 1.94 -13.39 28.80
C8 NAG T . 1.28 -12.14 28.31
N2 NAG T . 3.10 -13.70 28.23
O3 NAG T . 5.39 -15.22 29.05
O4 NAG T . 6.51 -16.93 27.08
O5 NAG T . 3.08 -16.53 25.84
O6 NAG T . 6.09 -18.49 25.10
O7 NAG T . 1.44 -14.07 29.68
C1 NAG U . 27.19 9.84 -31.39
C2 NAG U . 27.31 11.12 -30.54
C3 NAG U . 27.50 12.35 -31.41
C4 NAG U . 28.67 12.13 -32.35
C5 NAG U . 28.35 10.89 -33.18
C6 NAG U . 29.37 10.57 -34.25
C7 NAG U . 26.15 11.34 -28.36
C8 NAG U . 24.79 11.55 -27.72
N2 NAG U . 26.15 11.30 -29.71
O3 NAG U . 27.68 13.44 -30.52
O4 NAG U . 28.86 13.25 -33.18
O5 NAG U . 28.24 9.78 -32.33
O6 NAG U . 29.60 11.70 -35.05
O7 NAG U . 27.15 11.23 -27.67
C1 NAG U . 29.64 14.30 -32.56
C2 NAG U . 31.10 14.22 -33.03
C3 NAG U . 31.89 15.42 -32.49
C4 NAG U . 31.20 16.72 -32.84
C5 NAG U . 29.75 16.66 -32.33
C6 NAG U . 28.96 17.91 -32.64
C7 NAG U . 32.29 12.08 -33.40
C8 NAG U . 32.90 10.89 -32.69
N2 NAG U . 31.74 13.01 -32.59
O3 NAG U . 33.19 15.35 -33.02
O4 NAG U . 31.93 17.76 -32.24
O5 NAG U . 29.11 15.55 -32.91
O6 NAG U . 27.61 17.72 -32.26
O7 NAG U . 32.32 12.16 -34.61
C1 NAG V . 28.43 3.66 -8.52
C2 NAG V . 29.19 4.77 -7.78
C3 NAG V . 30.60 4.93 -8.32
C4 NAG V . 31.34 3.60 -8.31
C5 NAG V . 30.46 2.55 -9.00
C6 NAG V . 31.10 1.18 -9.00
C7 NAG V . 27.71 6.56 -6.90
C8 NAG V . 27.09 7.89 -7.25
N2 NAG V . 28.49 6.02 -7.88
O3 NAG V . 31.24 5.90 -7.54
O4 NAG V . 32.55 3.79 -9.00
O5 NAG V . 29.19 2.48 -8.39
O6 NAG V . 31.19 0.69 -7.69
O7 NAG V . 27.50 6.03 -5.84
C1 NAG V . 33.62 4.15 -8.11
C2 NAG V . 34.93 3.73 -8.76
C3 NAG V . 36.10 4.14 -7.87
C4 NAG V . 36.04 5.63 -7.64
C5 NAG V . 34.68 5.99 -7.03
C6 NAG V . 34.50 7.47 -6.79
C7 NAG V . 34.99 1.74 -10.24
C8 NAG V . 35.01 0.23 -10.25
N2 NAG V . 34.95 2.31 -9.02
O3 NAG V . 37.29 3.74 -8.49
O4 NAG V . 37.11 5.97 -6.77
O5 NAG V . 33.64 5.54 -7.87
O6 NAG V . 35.56 7.97 -6.01
O7 NAG V . 35.03 2.37 -11.28
C1 NAG W . -13.78 -12.45 -4.43
C2 NAG W . -13.46 -13.43 -3.31
C3 NAG W . -13.93 -14.82 -3.67
C4 NAG W . -15.41 -14.77 -4.00
C5 NAG W . -15.68 -13.75 -5.09
C6 NAG W . -17.17 -13.64 -5.37
C7 NAG W . -11.48 -12.67 -2.12
C8 NAG W . -10.09 -13.03 -1.70
N2 NAG W . -12.03 -13.46 -3.03
O3 NAG W . -13.72 -15.72 -2.58
O4 NAG W . -15.83 -16.07 -4.44
O5 NAG W . -15.18 -12.48 -4.70
O6 NAG W . -17.82 -13.16 -4.19
O7 NAG W . -12.06 -11.72 -1.65
C1 NAG W . -16.80 -16.58 -3.51
C2 NAG W . -17.44 -17.87 -3.98
C3 NAG W . -18.59 -18.22 -3.03
C4 NAG W . -18.05 -18.28 -1.62
C5 NAG W . -17.38 -16.97 -1.25
C6 NAG W . -16.78 -17.04 0.15
C7 NAG W . -17.24 -18.16 -6.37
C8 NAG W . -18.03 -18.54 -7.58
N2 NAG W . -17.95 -17.75 -5.32
O3 NAG W . -19.14 -19.47 -3.40
O4 NAG W . -19.14 -18.48 -0.73
O5 NAG W . -16.34 -16.68 -2.17
O6 NAG W . -15.67 -17.94 0.14
O7 NAG W . -16.02 -18.20 -6.34
C1 BMA W . -19.10 -19.82 -0.24
C2 BMA W . -19.69 -19.84 1.16
C3 BMA W . -19.68 -21.25 1.71
C4 BMA W . -20.46 -22.14 0.76
C5 BMA W . -19.85 -22.06 -0.63
C6 BMA W . -20.61 -22.89 -1.64
O2 BMA W . -21.03 -19.35 1.11
O3 BMA W . -20.27 -21.30 3.01
O4 BMA W . -20.43 -23.49 1.21
O5 BMA W . -19.86 -20.69 -1.08
O6 BMA W . -20.14 -22.52 -2.95
C1 MAN W . -19.58 -20.35 3.87
C2 MAN W . -19.50 -20.97 5.25
C3 MAN W . -20.90 -21.22 5.77
C4 MAN W . -21.64 -19.90 5.79
C5 MAN W . -21.65 -19.30 4.39
C6 MAN W . -22.37 -17.97 4.36
O2 MAN W . -18.81 -20.08 6.13
O3 MAN W . -20.85 -21.78 7.09
O4 MAN W . -22.98 -20.09 6.25
O5 MAN W . -20.31 -19.13 3.94
O6 MAN W . -22.34 -17.46 3.03
C1 MAN W . -20.82 -23.29 -3.95
C2 MAN W . -20.48 -22.73 -5.32
C3 MAN W . -21.07 -21.34 -5.47
C4 MAN W . -22.56 -21.40 -5.23
C5 MAN W . -22.84 -22.01 -3.86
C6 MAN W . -24.33 -22.15 -3.61
O2 MAN W . -21.01 -23.58 -6.33
O3 MAN W . -20.80 -20.85 -6.79
O4 MAN W . -23.11 -20.09 -5.30
O5 MAN W . -22.24 -23.30 -3.77
O6 MAN W . -24.54 -22.80 -2.37
C1 NAG X . -7.12 31.63 -13.28
C2 NAG X . -8.32 31.97 -12.41
C3 NAG X . -9.27 32.89 -13.16
C4 NAG X . -8.51 34.09 -13.69
C5 NAG X . -7.34 33.62 -14.52
C6 NAG X . -6.58 34.81 -15.05
C7 NAG X . -8.90 30.18 -10.87
C8 NAG X . -9.78 28.99 -10.66
N2 NAG X . -9.05 30.78 -12.05
O3 NAG X . -10.28 33.31 -12.24
O4 NAG X . -9.38 34.88 -14.50
O5 NAG X . -6.48 32.82 -13.71
O6 NAG X . -6.17 35.61 -13.94
O7 NAG X . -8.12 30.58 -10.04
C1 NAG X . -9.88 35.98 -13.74
C2 NAG X . -10.41 37.04 -14.68
C3 NAG X . -10.87 38.23 -13.88
C4 NAG X . -11.96 37.77 -12.93
C5 NAG X . -11.44 36.65 -12.05
C6 NAG X . -12.58 36.12 -11.18
C7 NAG X . -9.44 37.07 -16.89
C8 NAG X . -8.16 37.26 -17.66
N2 NAG X . -9.40 37.47 -15.63
O3 NAG X . -11.37 39.23 -14.77
O4 NAG X . -12.38 38.86 -12.10
O5 NAG X . -10.95 35.59 -12.88
O6 NAG X . -13.73 35.90 -11.99
O7 NAG X . -10.44 36.59 -17.40
C1 NAG Y . -11.19 43.03 1.78
C2 NAG Y . -10.79 44.43 2.28
C3 NAG Y . -11.22 44.62 3.72
C4 NAG Y . -12.71 44.34 3.86
C5 NAG Y . -12.99 42.93 3.33
C6 NAG Y . -14.43 42.52 3.45
C7 NAG Y . -8.79 45.51 1.27
C8 NAG Y . -7.28 45.53 1.32
N2 NAG Y . -9.38 44.64 2.12
O3 NAG Y . -10.90 45.93 4.10
O4 NAG Y . -13.05 44.47 5.21
O5 NAG Y . -12.58 42.86 1.98
O6 NAG Y . -14.85 42.65 4.79
O7 NAG Y . -9.41 46.24 0.52
C1 NAG Z . -27.52 24.23 0.51
C2 NAG Z . -28.78 25.09 0.38
C3 NAG Z . -29.94 24.37 1.07
C4 NAG Z . -30.08 22.96 0.47
C5 NAG Z . -28.73 22.23 0.55
C6 NAG Z . -28.75 20.84 -0.05
C7 NAG Z . -28.25 27.50 0.22
C8 NAG Z . -28.06 28.77 1.01
N2 NAG Z . -28.57 26.40 0.94
O3 NAG Z . -31.10 25.13 0.89
O4 NAG Z . -31.07 22.30 1.22
O5 NAG Z . -27.74 22.99 -0.12
O6 NAG Z . -29.13 20.92 -1.41
O7 NAG Z . -28.12 27.50 -1.00
C1 NAG AA . 0.46 46.90 9.29
C2 NAG AA . 0.06 48.14 8.49
C3 NAG AA . 1.13 48.41 7.43
C4 NAG AA . 2.46 48.63 8.12
C5 NAG AA . 2.79 47.38 8.94
C6 NAG AA . 4.08 47.54 9.71
C7 NAG AA . -1.97 47.62 6.95
C8 NAG AA . -1.23 47.03 5.77
N2 NAG AA . -1.33 48.08 8.06
O3 NAG AA . 0.74 49.53 6.67
O4 NAG AA . 3.43 48.85 7.11
O5 NAG AA . 1.74 47.11 9.86
O6 NAG AA . 5.12 47.89 8.82
O7 NAG AA . -3.19 47.70 6.87
C1 NAG BA . -18.17 29.32 14.39
C2 NAG BA . -19.07 30.55 14.12
C3 NAG BA . -19.80 30.92 15.40
C4 NAG BA . -20.55 29.72 15.97
C5 NAG BA . -19.57 28.56 16.13
C6 NAG BA . -20.22 27.29 16.64
C7 NAG BA . -18.77 32.62 12.81
C8 NAG BA . -17.81 33.74 12.51
N2 NAG BA . -18.31 31.69 13.68
O3 NAG BA . -20.67 31.98 15.11
O4 NAG BA . -21.09 30.11 17.21
O5 NAG BA . -18.98 28.28 14.88
O6 NAG BA . -19.27 26.24 16.63
O7 NAG BA . -19.87 32.57 12.28
C1 NAG CA . 34.44 -1.64 18.80
C2 NAG CA . 35.44 -2.47 17.98
C3 NAG CA . 34.86 -3.85 17.68
C4 NAG CA . 34.36 -4.52 18.94
C5 NAG CA . 33.37 -3.59 19.64
C6 NAG CA . 32.80 -4.15 20.92
C7 NAG CA . 36.96 -1.16 16.53
C8 NAG CA . 37.08 -0.55 15.15
N2 NAG CA . 35.79 -1.81 16.77
O3 NAG CA . 35.87 -4.60 17.04
O4 NAG CA . 33.76 -5.74 18.56
O5 NAG CA . 34.02 -2.37 19.93
O6 NAG CA . 33.84 -4.45 21.81
O7 NAG CA . 37.86 -1.07 17.34
C1 NAG DA . 27.99 23.25 14.31
C2 NAG DA . 29.47 23.51 14.13
C3 NAG DA . 29.99 24.41 15.25
C4 NAG DA . 29.14 25.68 15.31
C5 NAG DA . 27.69 25.28 15.49
C6 NAG DA . 26.79 26.50 15.55
C7 NAG DA . 31.39 22.18 13.48
C8 NAG DA . 32.05 20.84 13.58
N2 NAG DA . 30.20 22.27 14.09
O3 NAG DA . 31.35 24.76 15.02
O4 NAG DA . 29.57 26.51 16.38
O5 NAG DA . 27.30 24.49 14.38
O6 NAG DA . 25.43 26.08 15.50
O7 NAG DA . 31.90 23.11 12.90
C1 NAG EA . 37.91 7.34 8.01
C2 NAG EA . 38.90 6.61 8.92
C3 NAG EA . 39.07 7.37 10.22
C4 NAG EA . 39.52 8.78 9.89
C5 NAG EA . 38.52 9.44 8.96
C6 NAG EA . 38.96 10.85 8.57
C7 NAG EA . 39.13 4.30 9.66
C8 NAG EA . 38.40 3.35 10.56
N2 NAG EA . 38.40 5.26 9.12
O3 NAG EA . 40.05 6.73 11.04
O4 NAG EA . 39.63 9.54 11.11
O5 NAG EA . 38.38 8.66 7.77
O6 NAG EA . 39.16 11.63 9.75
O7 NAG EA . 40.32 4.20 9.44
C1 NAG FA . 5.57 -22.47 9.91
C2 NAG FA . 5.38 -23.97 9.87
C3 NAG FA . 6.65 -24.69 10.29
C4 NAG FA . 7.80 -24.23 9.40
C5 NAG FA . 7.91 -22.72 9.45
C6 NAG FA . 8.98 -22.22 8.48
C7 NAG FA . 3.03 -24.35 10.32
C8 NAG FA . 2.83 -24.65 8.85
N2 NAG FA . 4.28 -24.36 10.75
O3 NAG FA . 6.46 -26.10 10.14
O4 NAG FA . 9.02 -24.82 9.84
O5 NAG FA . 6.68 -22.11 9.10
O6 NAG FA . 8.97 -20.79 8.46
O7 NAG FA . 2.09 -24.14 11.06
C1 NAG GA . -25.14 -5.53 21.41
C2 NAG GA . -26.17 -6.56 20.88
C3 NAG GA . -27.39 -5.88 20.24
C4 NAG GA . -27.95 -4.78 21.12
C5 NAG GA . -26.83 -3.82 21.48
C6 NAG GA . -27.26 -2.68 22.37
C7 NAG GA . -26.00 -8.65 19.57
C8 NAG GA . -25.20 -9.36 18.50
N2 NAG GA . -25.57 -7.42 19.89
O3 NAG GA . -28.35 -6.86 19.98
O4 NAG GA . -28.98 -4.14 20.39
O5 NAG GA . -25.82 -4.55 22.16
O6 NAG GA . -26.14 -1.97 22.83
O7 NAG GA . -26.97 -9.19 20.09
C1 NAG HA . 34.90 -8.00 -16.41
C2 NAG HA . 35.19 -9.35 -15.73
C3 NAG HA . 36.55 -9.34 -15.04
C4 NAG HA . 37.63 -8.93 -16.01
C5 NAG HA . 37.25 -7.58 -16.63
C6 NAG HA . 38.26 -7.06 -17.62
C7 NAG HA . 33.81 -8.99 -13.69
C8 NAG HA . 32.73 -9.62 -12.85
N2 NAG HA . 34.18 -9.73 -14.76
O3 NAG HA . 36.77 -10.63 -14.52
O4 NAG HA . 38.84 -8.86 -15.29
O5 NAG HA . 35.99 -7.69 -17.25
O6 NAG HA . 37.81 -5.86 -18.20
O7 NAG HA . 34.28 -7.91 -13.41
C1 NAG IA . 30.77 -10.03 -5.66
C2 NAG IA . 31.31 -11.46 -5.36
C3 NAG IA . 32.04 -11.58 -4.02
C4 NAG IA . 33.11 -10.52 -3.90
C5 NAG IA . 32.40 -9.17 -4.08
C6 NAG IA . 33.31 -7.98 -3.91
C7 NAG IA . 30.12 -13.36 -6.42
C8 NAG IA . 29.07 -14.42 -6.20
N2 NAG IA . 30.35 -12.54 -5.37
O3 NAG IA . 32.59 -12.86 -3.94
O4 NAG IA . 33.71 -10.65 -2.63
O5 NAG IA . 31.85 -9.16 -5.39
O6 NAG IA . 34.33 -8.01 -4.88
O7 NAG IA . 30.70 -13.26 -7.49
C1 NAG JA . -4.44 -21.20 -24.79
C2 NAG JA . -4.54 -21.05 -23.27
C3 NAG JA . -4.61 -22.47 -22.70
C4 NAG JA . -5.63 -23.34 -23.43
C5 NAG JA . -5.52 -23.19 -24.96
C6 NAG JA . -6.56 -23.96 -25.73
C7 NAG JA . -3.30 -19.95 -21.45
C8 NAG JA . -2.04 -19.17 -21.12
N2 NAG JA . -3.43 -20.31 -22.74
O3 NAG JA . -4.90 -22.41 -21.33
O4 NAG JA . -5.38 -24.68 -23.04
O5 NAG JA . -5.61 -21.82 -25.29
O6 NAG JA . -7.85 -23.71 -25.21
O7 NAG JA . -4.11 -20.21 -20.57
C1 NAG KA . -26.80 -13.72 -16.11
C2 NAG KA . -27.22 -14.41 -14.80
C3 NAG KA . -28.64 -13.99 -14.47
C4 NAG KA . -28.73 -12.46 -14.44
C5 NAG KA . -28.19 -11.88 -15.75
C6 NAG KA . -28.26 -10.38 -15.85
C7 NAG KA . -26.74 -16.80 -14.09
C8 NAG KA . -26.32 -16.41 -12.69
N2 NAG KA . -27.13 -15.84 -14.97
O3 NAG KA . -29.00 -14.56 -13.24
O4 NAG KA . -30.09 -12.13 -14.25
O5 NAG KA . -26.85 -12.31 -15.94
O6 NAG KA . -28.10 -9.80 -14.57
O7 NAG KA . -26.72 -17.98 -14.40
C1 NAG LA . -28.49 -7.77 -4.36
C2 NAG LA . -29.07 -6.35 -4.28
C3 NAG LA . -30.35 -6.37 -3.45
C4 NAG LA . -31.31 -7.40 -4.03
C5 NAG LA . -30.61 -8.76 -4.15
C6 NAG LA . -31.48 -9.84 -4.75
C7 NAG LA . -27.30 -4.63 -4.46
C8 NAG LA . -26.38 -3.75 -3.65
N2 NAG LA . -28.11 -5.43 -3.72
O3 NAG LA . -30.90 -5.08 -3.44
O4 NAG LA . -32.43 -7.47 -3.16
O5 NAG LA . -29.44 -8.63 -4.93
O6 NAG LA . -31.93 -9.42 -6.02
O7 NAG LA . -27.31 -4.59 -5.67
C1 NAG MA . -17.18 21.70 -32.87
C2 NAG MA . -18.27 21.92 -31.84
C3 NAG MA . -19.60 21.46 -32.39
C4 NAG MA . -19.90 22.15 -33.72
C5 NAG MA . -18.74 21.92 -34.69
C6 NAG MA . -18.94 22.69 -35.98
C7 NAG MA . -17.36 21.65 -29.60
C8 NAG MA . -16.75 20.65 -28.67
N2 NAG MA . -17.99 21.14 -30.66
O3 NAG MA . -20.64 21.78 -31.47
O4 NAG MA . -21.10 21.64 -34.27
O5 NAG MA . -17.52 22.33 -34.09
O6 NAG MA . -18.77 24.09 -35.72
O7 NAG MA . -17.30 22.84 -29.41
C1 NAG NA . -0.82 39.38 -26.78
C2 NAG NA . -1.90 39.83 -27.76
C3 NAG NA . -2.03 41.35 -27.66
C4 NAG NA . -2.31 41.71 -26.21
C5 NAG NA . -1.21 41.17 -25.31
C6 NAG NA . -1.47 41.51 -23.84
C7 NAG NA . -2.14 39.88 -30.18
C8 NAG NA . -1.23 40.29 -31.29
N2 NAG NA . -1.55 39.40 -29.09
O3 NAG NA . -3.11 41.82 -28.47
O4 NAG NA . -2.35 43.13 -26.08
O5 NAG NA . -1.10 39.76 -25.45
O6 NAG NA . -0.32 41.16 -23.07
O7 NAG NA . -3.36 39.99 -30.27
C1 NAG OA . 5.38 39.32 -15.19
C2 NAG OA . 5.80 40.74 -14.84
C3 NAG OA . 7.20 41.02 -15.39
C4 NAG OA . 8.12 39.93 -14.89
C5 NAG OA . 7.60 38.55 -15.26
C6 NAG OA . 8.57 37.50 -14.76
C7 NAG OA . 5.03 43.00 -15.42
C8 NAG OA . 5.03 43.59 -16.79
N2 NAG OA . 4.82 41.69 -15.35
O3 NAG OA . 7.68 42.28 -14.93
O4 NAG OA . 9.42 40.12 -15.49
O5 NAG OA . 6.30 38.36 -14.68
O6 NAG OA . 8.83 37.73 -13.36
O7 NAG OA . 5.22 43.67 -14.41
#